data_7X8K
#
_entry.id   7X8K
#
_cell.length_a   185.113
_cell.length_b   185.113
_cell.length_c   371.752
_cell.angle_alpha   90.000
_cell.angle_beta   90.000
_cell.angle_gamma   120.000
#
_symmetry.space_group_name_H-M   'H 3 2'
#
loop_
_entity.id
_entity.type
_entity.pdbx_description
1 polymer 'Mannose-1-phosphate guanylyltransferase 1'
2 non-polymer "GUANOSINE-5'-DIPHOSPHATE-ALPHA-D-MANNOSE"
3 non-polymer 'CITRATE ANION'
4 non-polymer 'SULFATE ION'
5 non-polymer PYROPHOSPHATE
6 water water
#
_entity_poly.entity_id   1
_entity_poly.type   'polypeptide(L)'
_entity_poly.pdbx_seq_one_letter_code
;MGMKALILVGGFGTRLRPLTLSFPKPLVDFANKPMILHQIEALKAVGVDEVVLAINYQPEVMLNFLKDFETKLEIKITCS
QETEPLGTAGPLALARDKLLDGSGEPFFVLNSDVISEYPLKEMLEFHKSHGGEASIMVTKVDEPSKYGVVVMEESTGRVE
KFVEKPKLYVGNKINAGIYLLNPSVLDKIELRPTSIEKETFPKIAAAQGLYAMVLPGFWMDIGQPRDYITGLRLYLDSLR
KKSPAKLTSGPHIVGNVLVDETATIGEGCLIGPDVAIGPGCIVESGVRLSRCTVMRGVRIKKHACISSSIIGWHSTVGQW
ARIENMTILGEDVHVSDEIYSNGGVVLPHKEIKSNILKPEIVMKLAAALEHHHHHH
;
_entity_poly.pdbx_strand_id   A,B,C,D
#
# COMPACT_ATOMS: atom_id res chain seq x y z
N MET A 3 -16.70 -14.94 -26.87
CA MET A 3 -15.27 -14.88 -27.16
C MET A 3 -14.46 -15.60 -26.08
N LYS A 4 -13.48 -16.39 -26.52
CA LYS A 4 -12.69 -17.25 -25.66
C LYS A 4 -11.23 -16.81 -25.69
N ALA A 5 -10.45 -17.39 -24.77
CA ALA A 5 -9.03 -17.12 -24.70
C ALA A 5 -8.34 -18.32 -24.09
N LEU A 6 -7.09 -18.55 -24.50
CA LEU A 6 -6.27 -19.62 -23.96
C LEU A 6 -4.94 -19.04 -23.50
N ILE A 7 -4.49 -19.42 -22.30
CA ILE A 7 -3.24 -18.95 -21.73
C ILE A 7 -2.27 -20.13 -21.68
N LEU A 8 -1.19 -20.03 -22.44
CA LEU A 8 -0.15 -21.07 -22.47
C LEU A 8 0.68 -20.94 -21.20
N VAL A 9 0.40 -21.78 -20.21
CA VAL A 9 1.09 -21.72 -18.93
C VAL A 9 2.36 -22.54 -18.96
N GLY A 10 2.22 -23.85 -19.12
CA GLY A 10 3.36 -24.74 -19.03
C GLY A 10 3.35 -25.50 -17.70
N GLY A 11 4.52 -25.54 -17.03
CA GLY A 11 4.68 -26.29 -15.81
C GLY A 11 4.70 -25.39 -14.58
N PHE A 12 5.08 -25.99 -13.45
CA PHE A 12 5.13 -25.28 -12.19
C PHE A 12 6.12 -24.12 -12.20
N GLY A 13 7.21 -24.23 -12.98
CA GLY A 13 8.18 -23.16 -13.06
C GLY A 13 9.47 -23.43 -12.32
N THR A 14 10.29 -24.32 -12.88
CA THR A 14 11.58 -24.64 -12.26
C THR A 14 12.50 -23.42 -12.21
N ARG A 15 12.47 -22.58 -13.24
CA ARG A 15 13.37 -21.43 -13.28
C ARG A 15 13.00 -20.35 -12.28
N LEU A 16 11.86 -20.48 -11.58
CA LEU A 16 11.43 -19.51 -10.60
C LEU A 16 11.46 -20.06 -9.18
N ARG A 17 12.12 -21.19 -8.97
CA ARG A 17 12.33 -21.70 -7.63
C ARG A 17 13.19 -20.71 -6.84
N PRO A 18 13.01 -20.63 -5.51
CA PRO A 18 12.14 -21.44 -4.64
C PRO A 18 10.74 -20.84 -4.50
N LEU A 19 10.41 -19.83 -5.29
CA LEU A 19 9.09 -19.22 -5.22
C LEU A 19 8.02 -20.20 -5.68
N THR A 20 8.33 -21.02 -6.68
CA THR A 20 7.36 -21.96 -7.23
C THR A 20 7.26 -23.26 -6.45
N LEU A 21 8.02 -23.40 -5.36
CA LEU A 21 7.82 -24.55 -4.47
C LEU A 21 6.59 -24.39 -3.59
N SER A 22 6.00 -23.21 -3.53
CA SER A 22 4.79 -22.96 -2.76
C SER A 22 3.56 -22.72 -3.61
N PHE A 23 3.70 -22.04 -4.74
CA PHE A 23 2.61 -21.74 -5.65
C PHE A 23 3.11 -21.89 -7.08
N PRO A 24 2.27 -22.42 -7.98
CA PRO A 24 2.70 -22.56 -9.38
C PRO A 24 3.00 -21.22 -10.03
N LYS A 25 3.72 -21.30 -11.16
CA LYS A 25 4.13 -20.11 -11.93
C LYS A 25 3.05 -19.04 -12.11
N PRO A 26 1.81 -19.36 -12.53
CA PRO A 26 0.83 -18.28 -12.75
C PRO A 26 0.27 -17.68 -11.48
N LEU A 27 0.49 -18.29 -10.32
CA LEU A 27 -0.04 -17.79 -9.07
C LEU A 27 0.96 -16.97 -8.28
N VAL A 28 2.23 -16.93 -8.69
CA VAL A 28 3.23 -16.12 -8.00
C VAL A 28 2.89 -14.65 -8.19
N ASP A 29 2.93 -13.89 -7.09
CA ASP A 29 2.53 -12.49 -7.14
C ASP A 29 3.49 -11.68 -8.00
N PHE A 30 2.93 -10.78 -8.80
CA PHE A 30 3.70 -9.78 -9.53
C PHE A 30 2.96 -8.45 -9.41
N ALA A 31 3.63 -7.45 -8.83
CA ALA A 31 3.02 -6.15 -8.58
C ALA A 31 1.76 -6.28 -7.73
N ASN A 32 1.84 -7.07 -6.67
CA ASN A 32 0.87 -7.22 -5.59
C ASN A 32 -0.36 -8.03 -5.98
N LYS A 33 -0.44 -8.57 -7.20
CA LYS A 33 -1.53 -9.48 -7.55
C LYS A 33 -0.97 -10.70 -8.25
N PRO A 34 -1.65 -11.84 -8.15
CA PRO A 34 -1.16 -13.05 -8.81
C PRO A 34 -0.91 -12.82 -10.30
N MET A 35 0.21 -13.38 -10.78
CA MET A 35 0.65 -13.19 -12.16
C MET A 35 -0.47 -13.37 -13.17
N ILE A 36 -1.30 -14.40 -12.99
CA ILE A 36 -2.31 -14.73 -13.99
C ILE A 36 -3.40 -13.67 -14.04
N LEU A 37 -3.61 -12.94 -12.94
CA LEU A 37 -4.69 -11.96 -12.91
C LEU A 37 -4.43 -10.78 -13.85
N HIS A 38 -3.16 -10.44 -14.10
CA HIS A 38 -2.85 -9.34 -15.00
C HIS A 38 -3.42 -9.58 -16.39
N GLN A 39 -3.40 -10.85 -16.83
CA GLN A 39 -3.91 -11.21 -18.14
C GLN A 39 -5.41 -11.47 -18.14
N ILE A 40 -5.92 -12.16 -17.11
CA ILE A 40 -7.34 -12.44 -17.03
C ILE A 40 -8.15 -11.14 -16.93
N GLU A 41 -7.63 -10.17 -16.19
CA GLU A 41 -8.29 -8.86 -16.11
C GLU A 41 -8.29 -8.17 -17.47
N ALA A 42 -7.19 -8.28 -18.22
CA ALA A 42 -7.15 -7.65 -19.53
C ALA A 42 -8.06 -8.35 -20.52
N LEU A 43 -8.24 -9.67 -20.37
CA LEU A 43 -9.15 -10.41 -21.25
C LEU A 43 -10.61 -10.05 -20.96
N LYS A 44 -10.97 -9.99 -19.67
CA LYS A 44 -12.31 -9.56 -19.29
C LYS A 44 -12.63 -8.16 -19.80
N ALA A 45 -11.62 -7.28 -19.85
CA ALA A 45 -11.85 -5.91 -20.30
C ALA A 45 -12.25 -5.82 -21.76
N VAL A 46 -11.94 -6.83 -22.56
CA VAL A 46 -12.24 -6.83 -23.99
C VAL A 46 -13.39 -7.77 -24.32
N GLY A 47 -14.05 -8.34 -23.32
CA GLY A 47 -15.24 -9.12 -23.53
C GLY A 47 -15.09 -10.63 -23.49
N VAL A 48 -13.91 -11.14 -23.16
CA VAL A 48 -13.73 -12.58 -23.02
C VAL A 48 -14.57 -13.08 -21.85
N ASP A 49 -15.30 -14.18 -22.06
CA ASP A 49 -16.14 -14.75 -21.03
C ASP A 49 -15.60 -16.05 -20.45
N GLU A 50 -14.66 -16.70 -21.12
CA GLU A 50 -14.06 -17.92 -20.62
C GLU A 50 -12.58 -17.95 -20.99
N VAL A 51 -11.76 -18.35 -20.04
CA VAL A 51 -10.31 -18.43 -20.23
C VAL A 51 -9.86 -19.85 -19.88
N VAL A 52 -9.07 -20.44 -20.79
CA VAL A 52 -8.58 -21.80 -20.62
C VAL A 52 -7.10 -21.72 -20.29
N LEU A 53 -6.67 -22.48 -19.28
CA LEU A 53 -5.29 -22.50 -18.82
C LEU A 53 -4.65 -23.81 -19.29
N ALA A 54 -3.89 -23.73 -20.37
CA ALA A 54 -3.16 -24.89 -20.88
C ALA A 54 -1.98 -25.15 -19.95
N ILE A 55 -2.13 -26.14 -19.07
CA ILE A 55 -1.13 -26.38 -18.03
C ILE A 55 -0.54 -27.78 -18.18
N ASN A 56 0.41 -28.11 -17.30
CA ASN A 56 1.09 -29.39 -17.33
C ASN A 56 0.86 -30.20 -16.06
N TYR A 57 0.34 -29.60 -15.01
CA TYR A 57 0.25 -30.18 -13.67
C TYR A 57 -1.21 -30.38 -13.27
N GLN A 58 -1.40 -30.95 -12.09
CA GLN A 58 -2.74 -31.18 -11.56
C GLN A 58 -3.39 -29.87 -11.17
N PRO A 59 -4.52 -29.49 -11.79
CA PRO A 59 -5.10 -28.16 -11.55
C PRO A 59 -5.77 -27.97 -10.20
N GLU A 60 -5.85 -29.01 -9.35
CA GLU A 60 -6.51 -28.84 -8.06
C GLU A 60 -5.75 -27.85 -7.17
N VAL A 61 -4.45 -27.74 -7.35
CA VAL A 61 -3.63 -26.88 -6.49
C VAL A 61 -4.00 -25.42 -6.64
N MET A 62 -4.62 -25.03 -7.75
CA MET A 62 -4.97 -23.63 -7.99
C MET A 62 -6.46 -23.44 -8.24
N LEU A 63 -7.28 -24.48 -8.04
CA LEU A 63 -8.72 -24.31 -8.20
C LEU A 63 -9.30 -23.40 -7.12
N ASN A 64 -8.77 -23.45 -5.89
CA ASN A 64 -9.24 -22.55 -4.84
C ASN A 64 -8.96 -21.09 -5.18
N PHE A 65 -7.85 -20.81 -5.84
CA PHE A 65 -7.54 -19.42 -6.17
C PHE A 65 -8.47 -18.91 -7.26
N LEU A 66 -8.63 -19.68 -8.33
CA LEU A 66 -9.45 -19.26 -9.45
C LEU A 66 -10.92 -19.20 -9.09
N LYS A 67 -11.38 -20.05 -8.17
CA LYS A 67 -12.80 -20.08 -7.82
C LYS A 67 -13.29 -18.74 -7.27
N ASP A 68 -12.45 -18.06 -6.48
CA ASP A 68 -12.86 -16.75 -6.00
C ASP A 68 -12.75 -15.69 -7.10
N PHE A 69 -11.71 -15.77 -7.92
CA PHE A 69 -11.56 -14.82 -9.01
C PHE A 69 -12.57 -15.04 -10.11
N GLU A 70 -13.14 -16.25 -10.23
CA GLU A 70 -14.26 -16.44 -11.15
C GLU A 70 -15.44 -15.58 -10.72
N THR A 71 -15.86 -15.72 -9.45
CA THR A 71 -17.00 -14.97 -8.97
C THR A 71 -16.69 -13.48 -8.88
N LYS A 72 -15.45 -13.14 -8.54
CA LYS A 72 -15.08 -11.74 -8.34
C LYS A 72 -15.01 -10.98 -9.66
N LEU A 73 -14.45 -11.61 -10.69
CA LEU A 73 -14.24 -10.95 -11.97
C LEU A 73 -15.34 -11.21 -12.98
N GLU A 74 -16.29 -12.09 -12.65
CA GLU A 74 -17.40 -12.47 -13.53
C GLU A 74 -16.86 -13.01 -14.86
N ILE A 75 -16.18 -14.16 -14.74
CA ILE A 75 -15.52 -14.78 -15.87
C ILE A 75 -15.34 -16.25 -15.52
N LYS A 76 -15.26 -17.10 -16.54
CA LYS A 76 -15.11 -18.53 -16.35
C LYS A 76 -13.67 -18.94 -16.62
N ILE A 77 -13.10 -19.73 -15.73
CA ILE A 77 -11.73 -20.20 -15.83
C ILE A 77 -11.73 -21.72 -15.78
N THR A 78 -11.25 -22.35 -16.85
CA THR A 78 -11.15 -23.80 -16.93
C THR A 78 -9.71 -24.19 -17.23
N CYS A 79 -9.31 -25.34 -16.70
CA CYS A 79 -7.96 -25.86 -16.92
C CYS A 79 -7.98 -26.96 -17.95
N SER A 80 -7.01 -26.93 -18.86
CA SER A 80 -6.84 -27.95 -19.89
C SER A 80 -5.47 -28.59 -19.67
N GLN A 81 -5.44 -29.61 -18.81
CA GLN A 81 -4.19 -30.26 -18.46
C GLN A 81 -3.79 -31.23 -19.57
N GLU A 82 -2.56 -31.09 -20.06
CA GLU A 82 -2.08 -31.96 -21.11
C GLU A 82 -1.53 -33.26 -20.52
N THR A 83 -1.51 -34.30 -21.35
CA THR A 83 -1.01 -35.61 -20.99
C THR A 83 0.46 -35.75 -21.37
N GLU A 84 0.80 -35.39 -22.60
CA GLU A 84 2.17 -35.40 -23.09
C GLU A 84 2.52 -34.02 -23.62
N PRO A 85 3.82 -33.67 -23.66
CA PRO A 85 4.22 -32.36 -24.19
C PRO A 85 3.68 -32.12 -25.58
N LEU A 86 2.72 -31.21 -25.71
CA LEU A 86 2.12 -30.91 -27.00
C LEU A 86 2.73 -29.69 -27.68
N GLY A 87 3.61 -28.97 -27.02
CA GLY A 87 4.24 -27.83 -27.66
C GLY A 87 3.49 -26.54 -27.38
N THR A 88 3.67 -25.59 -28.30
CA THR A 88 2.99 -24.31 -28.20
C THR A 88 1.72 -24.23 -29.04
N ALA A 89 1.57 -25.09 -30.05
CA ALA A 89 0.33 -25.19 -30.80
C ALA A 89 -0.49 -26.42 -30.44
N GLY A 90 0.10 -27.37 -29.71
CA GLY A 90 -0.58 -28.58 -29.32
C GLY A 90 -1.78 -28.33 -28.43
N PRO A 91 -1.56 -27.68 -27.28
CA PRO A 91 -2.68 -27.39 -26.37
C PRO A 91 -3.76 -26.52 -26.99
N LEU A 92 -3.49 -25.88 -28.13
CA LEU A 92 -4.56 -25.19 -28.84
C LEU A 92 -5.58 -26.19 -29.38
N ALA A 93 -5.11 -27.35 -29.84
CA ALA A 93 -6.01 -28.41 -30.32
C ALA A 93 -6.62 -29.20 -29.18
N LEU A 94 -5.94 -29.33 -28.05
CA LEU A 94 -6.50 -30.05 -26.91
C LEU A 94 -7.68 -29.31 -26.30
N ALA A 95 -7.81 -28.00 -26.55
CA ALA A 95 -8.91 -27.21 -26.04
C ALA A 95 -9.79 -26.70 -27.20
N ARG A 96 -9.81 -27.45 -28.30
CA ARG A 96 -10.60 -27.06 -29.45
C ARG A 96 -12.08 -26.99 -29.10
N ASP A 97 -12.56 -27.93 -28.27
CA ASP A 97 -13.98 -27.96 -27.90
C ASP A 97 -14.35 -26.79 -27.00
N LYS A 98 -13.39 -26.29 -26.21
CA LYS A 98 -13.67 -25.16 -25.33
C LYS A 98 -13.52 -23.81 -26.01
N LEU A 99 -12.65 -23.72 -27.02
CA LEU A 99 -12.44 -22.45 -27.70
C LEU A 99 -13.53 -22.15 -28.72
N LEU A 100 -14.07 -23.19 -29.36
CA LEU A 100 -15.09 -23.04 -30.39
C LEU A 100 -16.45 -23.31 -29.76
N ASP A 101 -17.27 -22.27 -29.63
CA ASP A 101 -18.61 -22.40 -29.08
C ASP A 101 -19.69 -22.39 -30.15
N GLY A 102 -19.32 -22.15 -31.40
CA GLY A 102 -20.27 -22.00 -32.49
C GLY A 102 -20.53 -20.57 -32.89
N SER A 103 -20.09 -19.60 -32.10
CA SER A 103 -20.29 -18.20 -32.45
C SER A 103 -19.41 -17.75 -33.60
N GLY A 104 -18.38 -18.52 -33.93
CA GLY A 104 -17.46 -18.12 -34.99
C GLY A 104 -16.57 -16.95 -34.67
N GLU A 105 -16.41 -16.61 -33.37
CA GLU A 105 -15.59 -15.46 -32.97
C GLU A 105 -14.15 -15.89 -32.71
N PRO A 106 -13.18 -15.02 -32.99
CA PRO A 106 -11.78 -15.36 -32.73
C PRO A 106 -11.50 -15.50 -31.25
N PHE A 107 -10.36 -16.12 -30.94
CA PHE A 107 -9.93 -16.31 -29.56
C PHE A 107 -8.51 -15.79 -29.37
N PHE A 108 -8.21 -15.38 -28.14
CA PHE A 108 -6.89 -14.89 -27.78
C PHE A 108 -6.02 -16.02 -27.25
N VAL A 109 -4.73 -15.95 -27.54
CA VAL A 109 -3.74 -16.85 -26.96
C VAL A 109 -2.62 -16.01 -26.35
N LEU A 110 -2.39 -16.18 -25.05
CA LEU A 110 -1.41 -15.40 -24.32
C LEU A 110 -0.34 -16.32 -23.73
N ASN A 111 0.91 -15.86 -23.79
CA ASN A 111 2.00 -16.54 -23.10
C ASN A 111 2.02 -16.08 -21.65
N SER A 112 1.88 -17.04 -20.72
CA SER A 112 1.73 -16.70 -19.31
C SER A 112 2.95 -15.99 -18.73
N ASP A 113 4.13 -16.18 -19.33
CA ASP A 113 5.35 -15.56 -18.84
C ASP A 113 5.54 -14.12 -19.33
N VAL A 114 4.63 -13.62 -20.15
CA VAL A 114 4.76 -12.30 -20.77
C VAL A 114 3.95 -11.28 -19.98
N ILE A 115 4.55 -10.12 -19.75
CA ILE A 115 3.87 -8.96 -19.19
C ILE A 115 3.92 -7.82 -20.18
N SER A 116 2.82 -7.07 -20.29
CA SER A 116 2.72 -5.95 -21.21
C SER A 116 1.53 -5.10 -20.77
N GLU A 117 1.13 -4.18 -21.65
CA GLU A 117 -0.03 -3.34 -21.38
C GLU A 117 -1.33 -3.93 -21.92
N TYR A 118 -1.24 -4.91 -22.83
CA TYR A 118 -2.37 -5.62 -23.40
C TYR A 118 -3.40 -4.68 -24.01
N PRO A 119 -3.10 -4.07 -25.17
CA PRO A 119 -4.12 -3.28 -25.88
C PRO A 119 -5.03 -4.15 -26.73
N LEU A 120 -5.77 -5.05 -26.06
CA LEU A 120 -6.54 -6.06 -26.76
C LEU A 120 -7.69 -5.46 -27.57
N LYS A 121 -8.25 -4.34 -27.11
CA LYS A 121 -9.32 -3.69 -27.86
C LYS A 121 -8.79 -3.18 -29.20
N GLU A 122 -7.64 -2.50 -29.18
CA GLU A 122 -7.04 -2.03 -30.42
C GLU A 122 -6.60 -3.19 -31.30
N MET A 123 -6.19 -4.31 -30.70
CA MET A 123 -5.85 -5.48 -31.48
C MET A 123 -7.08 -6.11 -32.12
N LEU A 124 -8.24 -6.01 -31.45
CA LEU A 124 -9.46 -6.57 -32.01
C LEU A 124 -9.91 -5.79 -33.24
N GLU A 125 -9.85 -4.45 -33.19
CA GLU A 125 -10.21 -3.65 -34.35
C GLU A 125 -9.16 -3.75 -35.44
N PHE A 126 -7.88 -3.89 -35.07
CA PHE A 126 -6.84 -4.19 -36.05
C PHE A 126 -7.12 -5.51 -36.74
N HIS A 127 -7.65 -6.48 -36.01
CA HIS A 127 -7.94 -7.80 -36.58
C HIS A 127 -9.06 -7.72 -37.60
N LYS A 128 -10.13 -6.98 -37.30
CA LYS A 128 -11.25 -6.86 -38.21
C LYS A 128 -10.89 -6.07 -39.46
N SER A 129 -9.95 -5.13 -39.35
CA SER A 129 -9.65 -4.23 -40.47
C SER A 129 -9.03 -4.98 -41.64
N HIS A 130 -8.08 -5.88 -41.37
CA HIS A 130 -7.40 -6.59 -42.45
C HIS A 130 -8.08 -7.91 -42.83
N GLY A 131 -9.05 -8.36 -42.05
CA GLY A 131 -9.79 -9.58 -42.39
C GLY A 131 -8.91 -10.80 -42.59
N GLY A 132 -7.79 -10.88 -41.88
CA GLY A 132 -6.89 -12.01 -42.01
C GLY A 132 -7.22 -13.10 -41.01
N GLU A 133 -6.42 -14.17 -41.06
CA GLU A 133 -6.68 -15.34 -40.24
C GLU A 133 -6.10 -15.23 -38.84
N ALA A 134 -4.94 -14.57 -38.69
CA ALA A 134 -4.27 -14.52 -37.40
C ALA A 134 -3.57 -13.17 -37.24
N SER A 135 -3.61 -12.63 -36.02
CA SER A 135 -2.90 -11.42 -35.67
C SER A 135 -1.95 -11.71 -34.50
N ILE A 136 -0.75 -11.14 -34.54
CA ILE A 136 0.21 -11.29 -33.47
C ILE A 136 0.79 -9.93 -33.11
N MET A 137 1.09 -9.73 -31.84
CA MET A 137 1.76 -8.52 -31.37
C MET A 137 3.27 -8.67 -31.51
N VAL A 138 3.94 -7.59 -31.88
CA VAL A 138 5.39 -7.59 -32.04
C VAL A 138 6.00 -6.40 -31.32
N THR A 139 7.19 -6.60 -30.77
CA THR A 139 7.94 -5.56 -30.08
C THR A 139 9.42 -5.70 -30.42
N LYS A 140 10.12 -4.56 -30.43
CA LYS A 140 11.54 -4.57 -30.73
C LYS A 140 12.39 -4.90 -29.50
N VAL A 141 13.51 -5.57 -29.76
CA VAL A 141 14.52 -5.82 -28.73
C VAL A 141 15.89 -5.58 -29.36
N ASP A 142 16.90 -5.50 -28.49
CA ASP A 142 18.26 -5.28 -28.96
C ASP A 142 18.89 -6.55 -29.50
N GLU A 143 18.52 -7.71 -28.95
CA GLU A 143 19.11 -9.00 -29.30
C GLU A 143 18.05 -9.93 -29.88
N PRO A 144 17.53 -9.62 -31.08
CA PRO A 144 16.48 -10.46 -31.68
C PRO A 144 16.90 -11.90 -31.98
N SER A 145 17.89 -12.45 -31.28
CA SER A 145 18.34 -13.80 -31.55
C SER A 145 17.92 -14.78 -30.46
N LYS A 146 17.59 -14.31 -29.27
CA LYS A 146 17.01 -15.14 -28.23
C LYS A 146 15.51 -15.33 -28.40
N TYR A 147 14.91 -14.70 -29.40
CA TYR A 147 13.47 -14.72 -29.63
C TYR A 147 13.20 -15.05 -31.10
N GLY A 148 11.92 -15.05 -31.46
CA GLY A 148 11.50 -15.35 -32.82
C GLY A 148 11.14 -14.11 -33.61
N VAL A 149 11.94 -13.79 -34.62
CA VAL A 149 11.75 -12.55 -35.37
C VAL A 149 10.60 -12.70 -36.35
N VAL A 150 9.78 -11.66 -36.47
CA VAL A 150 8.68 -11.62 -37.41
C VAL A 150 9.03 -10.58 -38.47
N VAL A 151 9.44 -11.04 -39.65
CA VAL A 151 9.68 -10.12 -40.76
C VAL A 151 8.33 -9.77 -41.38
N MET A 152 8.09 -8.46 -41.56
CA MET A 152 6.76 -8.02 -41.99
C MET A 152 6.88 -6.86 -42.97
N GLU A 153 5.80 -6.63 -43.70
CA GLU A 153 5.68 -5.51 -44.62
C GLU A 153 4.91 -4.39 -43.94
N GLU A 154 5.38 -3.16 -44.13
CA GLU A 154 4.69 -2.02 -43.54
C GLU A 154 3.34 -1.80 -44.23
N SER A 155 2.61 -0.78 -43.76
CA SER A 155 1.34 -0.35 -44.35
C SER A 155 0.23 -1.39 -44.19
N THR A 156 0.52 -2.67 -44.41
CA THR A 156 -0.48 -3.71 -44.22
C THR A 156 -0.28 -4.51 -42.94
N GLY A 157 0.96 -4.75 -42.56
CA GLY A 157 1.26 -5.61 -41.43
C GLY A 157 1.42 -7.07 -41.77
N ARG A 158 1.30 -7.45 -43.04
CA ARG A 158 1.41 -8.86 -43.40
C ARG A 158 2.82 -9.36 -43.11
N VAL A 159 2.93 -10.42 -42.34
CA VAL A 159 4.21 -11.01 -42.01
C VAL A 159 4.67 -11.89 -43.16
N GLU A 160 5.99 -11.88 -43.42
CA GLU A 160 6.56 -12.63 -44.52
C GLU A 160 7.17 -13.95 -44.07
N LYS A 161 7.70 -14.01 -42.85
CA LYS A 161 8.18 -15.28 -42.31
C LYS A 161 8.34 -15.16 -40.80
N PHE A 162 8.25 -16.30 -40.13
CA PHE A 162 8.36 -16.45 -38.69
C PHE A 162 9.54 -17.38 -38.40
N VAL A 163 10.75 -16.81 -38.34
CA VAL A 163 11.95 -17.58 -38.07
C VAL A 163 12.29 -17.48 -36.58
N GLU A 164 12.82 -18.57 -36.02
CA GLU A 164 13.19 -18.66 -34.62
C GLU A 164 14.68 -18.94 -34.53
N LYS A 165 15.26 -18.61 -33.36
CA LYS A 165 16.71 -18.61 -33.12
C LYS A 165 17.49 -18.24 -34.37
N PRO A 166 17.21 -17.08 -35.01
CA PRO A 166 17.79 -16.75 -36.32
C PRO A 166 19.32 -16.66 -36.29
N LEU A 168 21.54 -14.58 -37.08
CA LEU A 168 21.66 -13.76 -38.28
C LEU A 168 20.48 -12.81 -38.41
N TYR A 169 20.66 -11.58 -37.90
CA TYR A 169 19.68 -10.49 -38.02
C TYR A 169 18.77 -10.57 -39.23
N VAL A 170 17.52 -10.98 -39.01
CA VAL A 170 16.50 -10.97 -40.07
C VAL A 170 15.48 -9.86 -39.88
N GLY A 171 15.51 -9.18 -38.74
CA GLY A 171 14.57 -8.13 -38.44
C GLY A 171 14.75 -7.67 -37.01
N ASN A 172 13.96 -6.67 -36.63
CA ASN A 172 14.05 -6.10 -35.29
C ASN A 172 12.76 -6.25 -34.50
N LYS A 173 11.75 -6.92 -35.06
CA LYS A 173 10.49 -7.16 -34.38
C LYS A 173 10.48 -8.61 -33.90
N ILE A 174 9.92 -8.85 -32.72
CA ILE A 174 9.86 -10.21 -32.20
C ILE A 174 8.46 -10.51 -31.70
N ASN A 175 8.15 -11.80 -31.65
CA ASN A 175 6.85 -12.26 -31.18
C ASN A 175 6.67 -11.92 -29.71
N ALA A 176 5.63 -11.16 -29.40
CA ALA A 176 5.37 -10.73 -28.03
C ALA A 176 4.50 -11.71 -27.25
N GLY A 177 4.11 -12.83 -27.85
CA GLY A 177 3.33 -13.82 -27.15
C GLY A 177 1.87 -13.48 -26.98
N ILE A 178 1.32 -12.63 -27.84
CA ILE A 178 -0.09 -12.27 -27.81
C ILE A 178 -0.68 -12.56 -29.18
N TYR A 179 -1.53 -13.58 -29.25
CA TYR A 179 -2.12 -14.02 -30.50
C TYR A 179 -3.63 -13.78 -30.49
N LEU A 180 -4.16 -13.45 -31.67
CA LEU A 180 -5.60 -13.39 -31.90
C LEU A 180 -5.89 -14.23 -33.14
N LEU A 181 -6.49 -15.40 -32.94
CA LEU A 181 -6.64 -16.39 -33.99
C LEU A 181 -8.11 -16.62 -34.33
N ASN A 182 -8.41 -16.69 -35.62
CA ASN A 182 -9.73 -17.08 -36.09
C ASN A 182 -9.93 -18.58 -35.90
N PRO A 183 -11.19 -19.04 -35.89
CA PRO A 183 -11.43 -20.49 -35.73
C PRO A 183 -10.77 -21.34 -36.80
N SER A 184 -10.56 -20.80 -38.00
CA SER A 184 -9.92 -21.56 -39.07
C SER A 184 -8.49 -21.96 -38.74
N VAL A 185 -7.85 -21.29 -37.78
CA VAL A 185 -6.49 -21.64 -37.40
C VAL A 185 -6.45 -23.05 -36.81
N LEU A 186 -7.50 -23.43 -36.09
CA LEU A 186 -7.54 -24.73 -35.44
C LEU A 186 -7.61 -25.88 -36.44
N ASP A 187 -7.94 -25.59 -37.70
CA ASP A 187 -7.92 -26.64 -38.73
C ASP A 187 -6.52 -26.95 -39.21
N LYS A 188 -5.56 -26.04 -38.98
CA LYS A 188 -4.17 -26.26 -39.34
C LYS A 188 -3.36 -26.84 -38.18
N ILE A 189 -4.01 -27.37 -37.15
CA ILE A 189 -3.34 -27.93 -35.99
C ILE A 189 -3.95 -29.29 -35.69
N GLU A 190 -3.11 -30.32 -35.65
CA GLU A 190 -3.55 -31.67 -35.29
C GLU A 190 -3.44 -31.86 -33.78
N LEU A 191 -4.12 -32.89 -33.27
CA LEU A 191 -4.04 -33.20 -31.85
C LEU A 191 -2.78 -34.00 -31.57
N ARG A 192 -1.63 -33.46 -31.98
CA ARG A 192 -0.32 -34.04 -31.77
C ARG A 192 0.63 -32.95 -31.31
N PRO A 193 1.76 -33.34 -30.69
CA PRO A 193 2.80 -32.34 -30.37
C PRO A 193 3.24 -31.57 -31.60
N THR A 194 3.07 -30.25 -31.55
CA THR A 194 3.41 -29.38 -32.67
C THR A 194 3.78 -28.00 -32.12
N SER A 195 4.67 -27.32 -32.82
CA SER A 195 5.16 -26.02 -32.42
C SER A 195 4.48 -24.94 -33.27
N ILE A 196 3.97 -23.90 -32.60
CA ILE A 196 3.25 -22.85 -33.32
C ILE A 196 4.21 -21.92 -34.06
N GLU A 197 5.43 -21.75 -33.55
CA GLU A 197 6.39 -20.83 -34.14
C GLU A 197 7.14 -21.43 -35.32
N LYS A 198 7.25 -22.74 -35.37
CA LYS A 198 8.01 -23.42 -36.41
C LYS A 198 7.12 -23.98 -37.52
N GLU A 199 5.87 -24.32 -37.21
CA GLU A 199 4.96 -24.95 -38.17
C GLU A 199 3.76 -24.07 -38.49
N THR A 200 2.93 -23.74 -37.49
CA THR A 200 1.63 -23.14 -37.75
C THR A 200 1.75 -21.74 -38.34
N PHE A 201 2.58 -20.89 -37.72
CA PHE A 201 2.73 -19.51 -38.18
C PHE A 201 3.36 -19.41 -39.57
N PRO A 202 4.39 -20.20 -39.91
CA PRO A 202 4.87 -20.16 -41.30
C PRO A 202 3.81 -20.54 -42.32
N LYS A 203 2.94 -21.50 -42.01
CA LYS A 203 1.87 -21.87 -42.92
C LYS A 203 0.91 -20.70 -43.15
N ILE A 204 0.48 -20.04 -42.08
CA ILE A 204 -0.45 -18.93 -42.21
C ILE A 204 0.18 -17.79 -42.99
N ALA A 205 1.49 -17.58 -42.83
CA ALA A 205 2.18 -16.54 -43.59
C ALA A 205 2.21 -16.88 -45.08
N ALA A 206 2.44 -18.15 -45.41
CA ALA A 206 2.42 -18.57 -46.81
C ALA A 206 1.07 -18.30 -47.45
N ALA A 207 -0.03 -18.51 -46.72
CA ALA A 207 -1.36 -18.23 -47.22
C ALA A 207 -1.70 -16.74 -47.22
N GLN A 208 -0.71 -15.88 -46.98
CA GLN A 208 -0.89 -14.42 -47.01
C GLN A 208 -1.95 -13.95 -46.04
N GLY A 209 -2.11 -14.68 -44.93
CA GLY A 209 -3.17 -14.37 -43.98
C GLY A 209 -2.71 -14.14 -42.55
N LEU A 210 -1.42 -13.89 -42.37
CA LEU A 210 -0.85 -13.61 -41.06
C LEU A 210 -0.46 -12.14 -40.99
N TYR A 211 -0.88 -11.48 -39.90
CA TYR A 211 -0.67 -10.05 -39.74
C TYR A 211 -0.07 -9.78 -38.38
N ALA A 212 0.78 -8.74 -38.32
CA ALA A 212 1.48 -8.37 -37.11
C ALA A 212 1.19 -6.92 -36.77
N MET A 213 0.99 -6.65 -35.48
CA MET A 213 0.74 -5.32 -34.96
C MET A 213 1.85 -4.94 -33.99
N VAL A 214 2.41 -3.74 -34.16
CA VAL A 214 3.47 -3.28 -33.27
C VAL A 214 2.88 -3.05 -31.88
N LEU A 215 3.54 -3.60 -30.85
CA LEU A 215 3.01 -3.55 -29.51
C LEU A 215 3.41 -2.23 -28.84
N PRO A 216 2.47 -1.33 -28.56
CA PRO A 216 2.84 -0.09 -27.88
C PRO A 216 3.01 -0.32 -26.38
N GLY A 217 4.07 0.26 -25.83
CA GLY A 217 4.35 0.16 -24.43
C GLY A 217 5.42 -0.87 -24.12
N PHE A 218 5.54 -1.18 -22.83
CA PHE A 218 6.59 -2.07 -22.37
C PHE A 218 6.24 -3.53 -22.68
N TRP A 219 7.27 -4.37 -22.66
CA TRP A 219 7.10 -5.80 -22.85
C TRP A 219 8.26 -6.51 -22.17
N MET A 220 7.98 -7.65 -21.54
CA MET A 220 9.02 -8.39 -20.84
C MET A 220 8.55 -9.82 -20.62
N ASP A 221 9.46 -10.77 -20.80
CA ASP A 221 9.21 -12.18 -20.54
C ASP A 221 9.85 -12.50 -19.19
N ILE A 222 9.01 -12.59 -18.15
CA ILE A 222 9.52 -12.87 -16.79
C ILE A 222 9.59 -14.39 -16.66
N GLY A 223 10.68 -14.95 -17.15
CA GLY A 223 10.94 -16.37 -17.00
C GLY A 223 11.85 -16.63 -15.82
N GLN A 224 12.97 -15.91 -15.79
CA GLN A 224 14.03 -15.90 -14.80
C GLN A 224 13.83 -14.75 -13.81
N PRO A 225 14.21 -14.94 -12.54
CA PRO A 225 13.97 -13.89 -11.54
C PRO A 225 14.69 -12.58 -11.83
N ARG A 226 15.79 -12.60 -12.58
CA ARG A 226 16.44 -11.36 -12.96
C ARG A 226 15.51 -10.47 -13.78
N ASP A 227 14.72 -11.09 -14.67
CA ASP A 227 13.74 -10.35 -15.45
C ASP A 227 12.54 -9.93 -14.61
N TYR A 228 12.30 -10.61 -13.49
CA TYR A 228 11.21 -10.23 -12.60
C TYR A 228 11.44 -8.84 -12.01
N ILE A 229 12.68 -8.55 -11.60
CA ILE A 229 13.00 -7.22 -11.09
C ILE A 229 12.83 -6.18 -12.21
N THR A 230 13.38 -6.47 -13.39
CA THR A 230 13.22 -5.58 -14.52
C THR A 230 11.75 -5.45 -14.93
N GLY A 231 10.98 -6.54 -14.78
CA GLY A 231 9.58 -6.48 -15.14
C GLY A 231 8.80 -5.52 -14.27
N LEU A 232 9.09 -5.49 -12.97
CA LEU A 232 8.38 -4.58 -12.07
C LEU A 232 8.71 -3.12 -12.39
N ARG A 233 9.96 -2.84 -12.78
CA ARG A 233 10.31 -1.48 -13.14
C ARG A 233 9.52 -1.00 -14.36
N LEU A 234 9.44 -1.84 -15.39
CA LEU A 234 8.69 -1.47 -16.59
C LEU A 234 7.20 -1.33 -16.30
N TYR A 235 6.64 -2.25 -15.51
CA TYR A 235 5.22 -2.15 -15.17
C TYR A 235 4.92 -0.88 -14.40
N LEU A 236 5.71 -0.60 -13.35
CA LEU A 236 5.45 0.58 -12.53
C LEU A 236 5.61 1.87 -13.33
N ASP A 237 6.53 1.89 -14.30
CA ASP A 237 6.63 3.05 -15.17
C ASP A 237 5.38 3.21 -16.02
N SER A 238 4.81 2.10 -16.48
CA SER A 238 3.54 2.14 -17.20
C SER A 238 2.41 2.63 -16.31
N LEU A 239 2.39 2.19 -15.06
CA LEU A 239 1.36 2.63 -14.12
C LEU A 239 1.46 4.12 -13.83
N ARG A 240 2.67 4.67 -13.79
CA ARG A 240 2.83 6.10 -13.61
C ARG A 240 2.22 6.89 -14.75
N LYS A 241 2.33 6.37 -15.98
CA LYS A 241 1.82 7.08 -17.14
C LYS A 241 0.31 6.93 -17.31
N LYS A 242 -0.26 5.78 -16.96
CA LYS A 242 -1.67 5.56 -17.20
C LYS A 242 -2.54 6.10 -16.06
N SER A 243 -2.27 5.67 -14.83
CA SER A 243 -3.04 6.09 -13.66
C SER A 243 -2.06 6.36 -12.52
N PRO A 244 -1.50 7.59 -12.46
CA PRO A 244 -0.45 7.87 -11.47
C PRO A 244 -0.94 7.81 -10.03
N ALA A 245 -2.24 7.98 -9.78
CA ALA A 245 -2.76 7.98 -8.42
C ALA A 245 -2.72 6.60 -7.78
N LYS A 246 -2.46 5.54 -8.55
CA LYS A 246 -2.33 4.22 -7.96
C LYS A 246 -0.96 4.01 -7.30
N LEU A 247 0.04 4.79 -7.69
CA LEU A 247 1.33 4.76 -7.02
C LEU A 247 1.30 5.65 -5.79
N THR A 248 2.02 5.22 -4.75
CA THR A 248 2.08 6.00 -3.53
C THR A 248 3.23 7.01 -3.61
N SER A 249 3.11 8.07 -2.81
CA SER A 249 4.09 9.14 -2.84
C SER A 249 4.27 9.69 -1.43
N GLY A 250 5.27 10.55 -1.28
CA GLY A 250 5.60 11.14 0.00
C GLY A 250 7.08 11.46 0.11
N PRO A 251 7.49 12.02 1.25
CA PRO A 251 8.91 12.31 1.45
C PRO A 251 9.75 11.06 1.64
N HIS A 252 9.13 9.95 2.03
CA HIS A 252 9.81 8.67 2.21
C HIS A 252 9.84 7.84 0.92
N ILE A 253 9.32 8.36 -0.17
CA ILE A 253 9.20 7.62 -1.43
C ILE A 253 10.10 8.26 -2.47
N VAL A 254 10.83 7.42 -3.19
CA VAL A 254 11.65 7.85 -4.31
C VAL A 254 11.30 6.96 -5.50
N GLY A 255 11.00 7.57 -6.64
CA GLY A 255 10.61 6.81 -7.81
C GLY A 255 9.19 6.28 -7.69
N ASN A 256 8.94 5.17 -8.38
CA ASN A 256 7.62 4.55 -8.43
C ASN A 256 7.55 3.41 -7.43
N VAL A 257 6.62 3.50 -6.48
CA VAL A 257 6.43 2.47 -5.46
C VAL A 257 4.95 2.14 -5.39
N LEU A 258 4.65 0.85 -5.32
CA LEU A 258 3.29 0.34 -5.27
C LEU A 258 3.08 -0.37 -3.93
N VAL A 259 2.29 0.25 -3.05
CA VAL A 259 2.05 -0.27 -1.71
C VAL A 259 0.58 -0.64 -1.59
N ASP A 260 0.31 -1.89 -1.21
CA ASP A 260 -1.04 -2.31 -0.91
C ASP A 260 -1.64 -1.46 0.21
N GLU A 261 -2.97 -1.37 0.23
CA GLU A 261 -3.62 -0.47 1.18
C GLU A 261 -3.52 -0.98 2.61
N THR A 262 -3.36 -2.30 2.80
CA THR A 262 -3.29 -2.87 4.14
C THR A 262 -1.85 -3.00 4.65
N ALA A 263 -0.86 -2.55 3.89
CA ALA A 263 0.51 -2.57 4.38
C ALA A 263 0.78 -1.33 5.22
N THR A 264 1.75 -1.45 6.14
CA THR A 264 2.14 -0.38 7.04
C THR A 264 3.61 -0.05 6.86
N ILE A 265 3.94 1.24 6.91
CA ILE A 265 5.32 1.71 6.81
C ILE A 265 5.60 2.60 8.01
N GLY A 266 6.62 2.23 8.79
CA GLY A 266 7.00 3.02 9.95
C GLY A 266 7.70 4.31 9.56
N GLU A 267 7.97 5.12 10.58
CA GLU A 267 8.59 6.42 10.36
C GLU A 267 10.06 6.27 10.00
N GLY A 268 10.56 7.24 9.25
CA GLY A 268 11.98 7.28 8.91
C GLY A 268 12.42 6.33 7.83
N CYS A 269 11.49 5.81 7.02
CA CYS A 269 11.85 4.91 5.94
C CYS A 269 12.28 5.67 4.69
N LEU A 270 12.91 4.94 3.77
CA LEU A 270 13.26 5.45 2.45
C LEU A 270 13.01 4.31 1.46
N ILE A 271 11.84 4.35 0.82
CA ILE A 271 11.36 3.26 -0.02
C ILE A 271 11.43 3.68 -1.48
N GLY A 272 12.05 2.84 -2.31
CA GLY A 272 12.16 3.10 -3.73
C GLY A 272 13.60 3.17 -4.20
N PRO A 273 13.79 3.16 -5.52
CA PRO A 273 12.72 3.10 -6.51
C PRO A 273 12.31 1.67 -6.87
N ASP A 274 11.17 1.53 -7.55
CA ASP A 274 10.72 0.26 -8.13
C ASP A 274 10.51 -0.79 -7.05
N VAL A 275 9.62 -0.49 -6.11
CA VAL A 275 9.33 -1.37 -4.99
C VAL A 275 7.83 -1.70 -4.99
N ALA A 276 7.51 -2.95 -4.74
CA ALA A 276 6.14 -3.41 -4.57
C ALA A 276 6.01 -4.06 -3.20
N ILE A 277 5.17 -3.47 -2.35
CA ILE A 277 4.92 -3.99 -1.01
C ILE A 277 3.53 -4.62 -1.01
N GLY A 278 3.47 -5.90 -0.64
CA GLY A 278 2.25 -6.65 -0.76
C GLY A 278 1.27 -6.40 0.37
N PRO A 279 0.14 -7.09 0.32
CA PRO A 279 -0.88 -6.92 1.36
C PRO A 279 -0.46 -7.58 2.67
N GLY A 280 -0.80 -6.91 3.77
CA GLY A 280 -0.49 -7.44 5.09
C GLY A 280 0.94 -7.29 5.53
N CYS A 281 1.75 -6.51 4.81
CA CYS A 281 3.15 -6.35 5.15
C CYS A 281 3.32 -5.35 6.29
N ILE A 282 4.40 -5.55 7.05
CA ILE A 282 4.77 -4.65 8.14
C ILE A 282 6.21 -4.22 7.89
N VAL A 283 6.39 -2.97 7.47
CA VAL A 283 7.71 -2.37 7.33
C VAL A 283 7.93 -1.44 8.52
N GLU A 284 8.90 -1.78 9.37
CA GLU A 284 9.12 -1.05 10.61
C GLU A 284 9.92 0.22 10.33
N SER A 285 10.45 0.84 11.37
CA SER A 285 11.12 2.12 11.23
C SER A 285 12.46 1.99 10.53
N GLY A 286 12.86 3.05 9.84
CA GLY A 286 14.22 3.16 9.31
C GLY A 286 14.62 2.09 8.32
N VAL A 287 13.66 1.52 7.60
CA VAL A 287 13.95 0.48 6.61
C VAL A 287 14.27 1.14 5.28
N ARG A 288 15.21 0.53 4.54
CA ARG A 288 15.59 0.98 3.21
C ARG A 288 15.23 -0.12 2.22
N LEU A 289 14.29 0.16 1.33
CA LEU A 289 13.89 -0.78 0.27
C LEU A 289 14.11 -0.12 -1.09
N SER A 290 14.68 -0.88 -2.02
CA SER A 290 14.89 -0.39 -3.37
C SER A 290 14.95 -1.56 -4.35
N ARG A 291 14.23 -1.43 -5.46
CA ARG A 291 14.25 -2.41 -6.55
C ARG A 291 13.95 -3.82 -6.05
N CYS A 292 12.99 -3.93 -5.13
CA CYS A 292 12.66 -5.21 -4.51
C CYS A 292 11.15 -5.42 -4.48
N THR A 293 10.77 -6.68 -4.37
CA THR A 293 9.38 -7.08 -4.25
C THR A 293 9.17 -7.69 -2.87
N VAL A 294 8.22 -7.15 -2.13
CA VAL A 294 7.89 -7.61 -0.78
C VAL A 294 6.49 -8.20 -0.87
N MET A 295 6.40 -9.52 -0.76
CA MET A 295 5.15 -10.23 -1.02
C MET A 295 4.28 -10.26 0.23
N ARG A 296 3.17 -10.99 0.16
CA ARG A 296 2.14 -10.92 1.19
C ARG A 296 2.65 -11.33 2.56
N GLY A 297 2.46 -10.45 3.54
CA GLY A 297 2.58 -10.81 4.93
C GLY A 297 3.98 -10.88 5.49
N VAL A 298 4.97 -10.31 4.83
CA VAL A 298 6.33 -10.35 5.36
C VAL A 298 6.54 -9.14 6.26
N ARG A 299 7.46 -9.30 7.21
CA ARG A 299 7.81 -8.25 8.15
C ARG A 299 9.28 -7.87 7.95
N ILE A 300 9.53 -6.58 7.74
CA ILE A 300 10.89 -6.06 7.63
C ILE A 300 11.14 -5.25 8.90
N LYS A 301 11.99 -5.77 9.78
CA LYS A 301 12.22 -5.13 11.07
C LYS A 301 13.09 -3.88 10.91
N LYS A 302 13.23 -3.15 12.01
CA LYS A 302 13.82 -1.82 11.97
C LYS A 302 15.23 -1.85 11.41
N HIS A 303 15.53 -0.84 10.58
CA HIS A 303 16.87 -0.53 10.07
C HIS A 303 17.40 -1.54 9.08
N ALA A 304 16.58 -2.51 8.66
CA ALA A 304 17.01 -3.43 7.62
C ALA A 304 17.15 -2.69 6.29
N CYS A 305 17.96 -3.26 5.40
CA CYS A 305 18.24 -2.64 4.11
C CYS A 305 18.19 -3.73 3.04
N ILE A 306 17.15 -3.70 2.22
CA ILE A 306 16.95 -4.69 1.16
C ILE A 306 17.04 -3.98 -0.18
N SER A 307 17.74 -4.59 -1.13
CA SER A 307 17.87 -4.03 -2.46
C SER A 307 17.98 -5.17 -3.47
N SER A 308 17.30 -5.01 -4.60
CA SER A 308 17.38 -5.93 -5.73
C SER A 308 17.16 -7.38 -5.30
N SER A 309 16.03 -7.62 -4.65
CA SER A 309 15.75 -8.95 -4.11
C SER A 309 14.26 -9.19 -4.11
N ILE A 310 13.88 -10.44 -3.82
CA ILE A 310 12.49 -10.86 -3.77
C ILE A 310 12.28 -11.62 -2.47
N ILE A 311 11.44 -11.08 -1.60
CA ILE A 311 11.14 -11.71 -0.31
C ILE A 311 9.80 -12.42 -0.44
N GLY A 312 9.82 -13.74 -0.28
CA GLY A 312 8.63 -14.53 -0.44
C GLY A 312 7.61 -14.30 0.66
N TRP A 313 6.45 -14.92 0.49
CA TRP A 313 5.33 -14.70 1.39
C TRP A 313 5.69 -15.11 2.82
N HIS A 314 5.28 -14.28 3.78
CA HIS A 314 5.38 -14.57 5.21
C HIS A 314 6.82 -14.73 5.67
N SER A 315 7.77 -14.13 4.96
CA SER A 315 9.15 -14.16 5.41
C SER A 315 9.38 -13.10 6.47
N THR A 316 10.52 -13.18 7.15
CA THR A 316 10.86 -12.22 8.19
C THR A 316 12.32 -11.81 8.05
N VAL A 317 12.55 -10.50 7.97
CA VAL A 317 13.89 -9.94 7.86
C VAL A 317 14.23 -9.26 9.19
N GLY A 318 15.35 -9.65 9.79
CA GLY A 318 15.70 -9.17 11.11
C GLY A 318 16.18 -7.74 11.10
N GLN A 319 16.33 -7.18 12.31
CA GLN A 319 16.80 -5.81 12.44
C GLN A 319 18.23 -5.69 11.91
N TRP A 320 18.49 -4.61 11.19
CA TRP A 320 19.79 -4.31 10.59
C TRP A 320 20.27 -5.37 9.61
N ALA A 321 19.40 -6.28 9.18
CA ALA A 321 19.79 -7.24 8.15
C ALA A 321 20.03 -6.52 6.83
N ARG A 322 20.90 -7.10 6.00
CA ARG A 322 21.31 -6.48 4.74
C ARG A 322 21.14 -7.52 3.64
N ILE A 323 20.21 -7.28 2.73
CA ILE A 323 19.89 -8.20 1.65
C ILE A 323 20.08 -7.48 0.32
N GLU A 324 20.85 -8.07 -0.58
CA GLU A 324 21.15 -7.41 -1.85
C GLU A 324 21.53 -8.46 -2.89
N ASN A 325 21.58 -8.00 -4.14
CA ASN A 325 22.13 -8.74 -5.28
C ASN A 325 21.34 -10.03 -5.55
N MET A 326 20.06 -9.83 -5.90
CA MET A 326 19.19 -10.92 -6.38
C MET A 326 19.06 -12.05 -5.37
N THR A 327 18.83 -11.68 -4.11
CA THR A 327 18.49 -12.68 -3.10
C THR A 327 17.02 -13.07 -3.28
N ILE A 328 16.74 -14.36 -3.27
CA ILE A 328 15.40 -14.88 -3.45
C ILE A 328 15.07 -15.71 -2.22
N LEU A 329 14.19 -15.18 -1.37
CA LEU A 329 13.73 -15.88 -0.17
C LEU A 329 12.42 -16.58 -0.47
N GLY A 330 12.37 -17.88 -0.19
CA GLY A 330 11.14 -18.62 -0.37
C GLY A 330 10.06 -18.24 0.62
N GLU A 331 9.05 -19.09 0.77
CA GLU A 331 7.96 -18.80 1.70
C GLU A 331 8.41 -19.06 3.13
N ASP A 332 8.06 -18.12 4.02
CA ASP A 332 8.25 -18.29 5.46
C ASP A 332 9.72 -18.47 5.82
N VAL A 333 10.56 -17.61 5.27
CA VAL A 333 11.99 -17.61 5.55
C VAL A 333 12.25 -16.58 6.65
N HIS A 334 13.02 -16.97 7.66
CA HIS A 334 13.33 -16.12 8.79
C HIS A 334 14.81 -15.76 8.74
N VAL A 335 15.10 -14.49 8.50
CA VAL A 335 16.48 -13.99 8.48
C VAL A 335 16.74 -13.31 9.81
N SER A 336 17.74 -13.80 10.54
CA SER A 336 18.02 -13.29 11.87
C SER A 336 18.56 -11.86 11.78
N ASP A 337 18.59 -11.20 12.94
CA ASP A 337 19.08 -9.83 13.01
C ASP A 337 20.53 -9.75 12.55
N GLU A 338 20.86 -8.61 11.91
CA GLU A 338 22.24 -8.25 11.57
C GLU A 338 22.90 -9.30 10.67
N ILE A 339 22.13 -9.93 9.79
CA ILE A 339 22.64 -10.94 8.87
C ILE A 339 22.77 -10.32 7.48
N TYR A 340 23.81 -10.72 6.75
CA TYR A 340 24.06 -10.25 5.40
C TYR A 340 23.81 -11.38 4.42
N SER A 341 23.10 -11.06 3.33
CA SER A 341 22.82 -12.06 2.28
C SER A 341 23.07 -11.42 0.93
N ASN A 342 23.98 -12.01 0.15
CA ASN A 342 24.31 -11.55 -1.19
C ASN A 342 24.08 -12.72 -2.15
N GLY A 343 23.01 -12.65 -2.93
CA GLY A 343 22.70 -13.72 -3.86
C GLY A 343 22.17 -14.97 -3.23
N GLY A 344 21.60 -14.88 -2.03
CA GLY A 344 21.06 -16.06 -1.39
C GLY A 344 19.79 -16.53 -2.06
N VAL A 345 19.66 -17.85 -2.18
CA VAL A 345 18.48 -18.49 -2.75
C VAL A 345 18.05 -19.52 -1.71
N VAL A 346 17.08 -19.17 -0.88
CA VAL A 346 16.76 -19.91 0.33
C VAL A 346 15.46 -20.67 0.12
N LEU A 347 15.49 -21.96 0.42
CA LEU A 347 14.30 -22.80 0.33
C LEU A 347 13.27 -22.35 1.36
N PRO A 348 11.99 -22.67 1.13
CA PRO A 348 10.95 -22.22 2.06
C PRO A 348 11.16 -22.77 3.47
N HIS A 349 10.67 -22.03 4.45
CA HIS A 349 10.62 -22.38 5.87
C HIS A 349 11.99 -22.41 6.54
N LYS A 350 13.07 -22.17 5.81
CA LYS A 350 14.39 -22.21 6.40
C LYS A 350 14.64 -20.98 7.28
N GLU A 351 15.53 -21.15 8.25
CA GLU A 351 15.98 -20.06 9.12
C GLU A 351 17.42 -19.75 8.79
N ILE A 352 17.68 -18.49 8.46
CA ILE A 352 19.01 -18.03 8.06
C ILE A 352 19.67 -17.41 9.28
N LYS A 353 20.63 -18.14 9.86
CA LYS A 353 21.39 -17.67 11.01
C LYS A 353 22.80 -17.24 10.67
N SER A 354 23.28 -17.57 9.46
CA SER A 354 24.62 -17.20 9.03
C SER A 354 24.56 -16.42 7.73
N ASN A 355 25.62 -15.65 7.49
CA ASN A 355 25.71 -14.85 6.27
C ASN A 355 25.68 -15.73 5.04
N ILE A 356 25.20 -15.17 3.93
CA ILE A 356 25.25 -15.80 2.62
C ILE A 356 26.09 -14.90 1.73
N LEU A 357 27.20 -15.44 1.22
CA LEU A 357 28.19 -14.69 0.44
C LEU A 357 28.34 -15.26 -0.96
N LYS A 358 27.38 -14.97 -1.84
CA LYS A 358 27.54 -15.37 -3.23
C LYS A 358 27.67 -14.17 -4.19
N PRO A 359 28.56 -13.20 -3.95
CA PRO A 359 28.67 -12.06 -4.88
C PRO A 359 29.06 -12.52 -6.28
N GLU A 360 29.08 -11.54 -7.20
CA GLU A 360 29.52 -11.82 -8.56
C GLU A 360 31.00 -12.17 -8.61
N ILE A 361 31.82 -11.46 -7.82
CA ILE A 361 33.26 -11.75 -7.79
C ILE A 361 33.53 -13.13 -7.23
N VAL A 362 32.69 -13.60 -6.29
CA VAL A 362 32.87 -14.94 -5.74
C VAL A 362 32.49 -16.01 -6.76
N MET A 363 31.32 -15.84 -7.39
CA MET A 363 30.85 -16.86 -8.33
C MET A 363 31.68 -16.87 -9.60
N LYS A 364 32.01 -15.69 -10.13
CA LYS A 364 32.86 -15.59 -11.32
C LYS A 364 34.32 -15.91 -11.02
N LEU A 365 34.64 -16.36 -9.80
CA LEU A 365 35.97 -16.84 -9.46
C LEU A 365 35.98 -18.31 -9.06
N ALA A 366 34.84 -18.87 -8.67
CA ALA A 366 34.71 -20.29 -8.37
C ALA A 366 34.58 -21.12 -9.64
N ALA A 367 34.42 -20.49 -10.81
CA ALA A 367 34.40 -21.23 -12.06
C ALA A 367 35.67 -22.05 -12.23
N ALA A 368 36.81 -21.51 -11.80
CA ALA A 368 38.07 -22.23 -11.84
C ALA A 368 38.19 -23.17 -10.64
N MET B 3 62.32 9.20 40.16
CA MET B 3 62.24 7.86 39.58
C MET B 3 62.07 7.93 38.06
N LYS B 4 62.82 7.10 37.34
CA LYS B 4 62.87 7.15 35.90
C LYS B 4 62.18 5.94 35.28
N ALA B 5 61.90 6.02 33.99
CA ALA B 5 61.27 4.93 33.28
C ALA B 5 61.63 5.02 31.80
N LEU B 6 61.67 3.86 31.15
CA LEU B 6 61.97 3.76 29.72
C LEU B 6 60.89 2.93 29.06
N ILE B 7 60.36 3.42 27.94
CA ILE B 7 59.29 2.73 27.23
C ILE B 7 59.84 2.27 25.88
N LEU B 8 59.96 0.96 25.71
CA LEU B 8 60.48 0.36 24.49
C LEU B 8 59.40 0.45 23.42
N VAL B 9 59.49 1.48 22.57
CA VAL B 9 58.50 1.70 21.52
C VAL B 9 58.91 0.93 20.27
N GLY B 10 60.03 1.31 19.68
CA GLY B 10 60.44 0.74 18.40
C GLY B 10 60.07 1.63 17.24
N GLY B 11 59.71 1.03 16.09
CA GLY B 11 59.29 1.79 14.94
C GLY B 11 57.78 1.89 14.84
N PHE B 12 57.32 2.81 13.99
CA PHE B 12 55.89 3.01 13.77
C PHE B 12 55.27 1.75 13.18
N GLY B 13 54.48 1.05 14.01
CA GLY B 13 53.93 -0.26 13.70
C GLY B 13 53.54 -0.54 12.27
N THR B 14 54.45 -1.15 11.51
CA THR B 14 54.11 -1.57 10.14
C THR B 14 53.04 -2.65 10.15
N ARG B 15 53.00 -3.48 11.19
CA ARG B 15 51.92 -4.46 11.33
C ARG B 15 50.59 -3.82 11.66
N LEU B 16 50.55 -2.50 11.89
CA LEU B 16 49.34 -1.79 12.26
C LEU B 16 48.85 -0.85 11.17
N ARG B 17 49.35 -1.00 9.94
CA ARG B 17 48.83 -0.21 8.83
C ARG B 17 47.36 -0.58 8.59
N PRO B 18 46.56 0.35 8.05
CA PRO B 18 46.89 1.72 7.65
C PRO B 18 46.69 2.75 8.76
N LEU B 19 46.49 2.29 9.99
CA LEU B 19 46.31 3.23 11.10
C LEU B 19 47.60 3.97 11.41
N THR B 20 48.75 3.31 11.28
CA THR B 20 50.02 3.92 11.57
C THR B 20 50.58 4.75 10.42
N LEU B 21 49.87 4.84 9.30
CA LEU B 21 50.28 5.75 8.24
C LEU B 21 50.00 7.20 8.58
N SER B 22 49.19 7.46 9.61
CA SER B 22 48.87 8.81 10.05
C SER B 22 49.56 9.17 11.36
N PHE B 23 49.51 8.28 12.36
CA PHE B 23 50.14 8.48 13.65
C PHE B 23 50.99 7.27 14.00
N PRO B 24 52.13 7.47 14.65
CA PRO B 24 52.97 6.33 15.01
C PRO B 24 52.29 5.40 16.00
N LYS B 25 52.87 4.21 16.13
CA LYS B 25 52.29 3.17 16.99
C LYS B 25 51.98 3.61 18.41
N PRO B 26 52.82 4.39 19.11
CA PRO B 26 52.44 4.82 20.47
C PRO B 26 51.38 5.91 20.50
N LEU B 27 51.06 6.54 19.37
CA LEU B 27 50.11 7.65 19.35
C LEU B 27 48.73 7.29 18.81
N VAL B 28 48.56 6.10 18.25
CA VAL B 28 47.25 5.68 17.78
C VAL B 28 46.33 5.46 18.97
N ASP B 29 45.07 5.88 18.84
CA ASP B 29 44.15 5.86 19.96
C ASP B 29 43.76 4.42 20.33
N PHE B 30 43.74 4.16 21.63
CA PHE B 30 43.21 2.92 22.19
C PHE B 30 42.34 3.27 23.38
N ALA B 31 41.05 2.97 23.28
CA ALA B 31 40.08 3.30 24.32
C ALA B 31 40.05 4.80 24.60
N ASN B 32 39.93 5.58 23.53
CA ASN B 32 39.76 7.04 23.54
C ASN B 32 40.99 7.78 24.03
N LYS B 33 42.12 7.10 24.20
CA LYS B 33 43.37 7.74 24.57
C LYS B 33 44.48 7.21 23.68
N PRO B 34 45.48 8.05 23.38
CA PRO B 34 46.67 7.55 22.69
C PRO B 34 47.30 6.42 23.48
N MET B 35 47.76 5.39 22.75
CA MET B 35 48.21 4.16 23.38
C MET B 35 49.27 4.43 24.45
N ILE B 36 50.16 5.40 24.21
CA ILE B 36 51.26 5.65 25.13
C ILE B 36 50.78 6.26 26.44
N LEU B 37 49.59 6.90 26.45
CA LEU B 37 49.13 7.53 27.68
C LEU B 37 48.74 6.51 28.75
N HIS B 38 48.30 5.32 28.35
CA HIS B 38 47.96 4.30 29.33
C HIS B 38 49.15 3.95 30.21
N GLN B 39 50.35 3.94 29.63
CA GLN B 39 51.55 3.61 30.37
C GLN B 39 52.16 4.83 31.08
N ILE B 40 52.11 5.99 30.44
CA ILE B 40 52.65 7.20 31.06
C ILE B 40 51.82 7.58 32.28
N GLU B 41 50.49 7.42 32.20
CA GLU B 41 49.64 7.70 33.36
C GLU B 41 49.93 6.73 34.49
N ALA B 42 50.16 5.45 34.16
CA ALA B 42 50.45 4.47 35.20
C ALA B 42 51.79 4.73 35.88
N LEU B 43 52.77 5.22 35.12
CA LEU B 43 54.09 5.50 35.69
C LEU B 43 54.04 6.70 36.61
N LYS B 44 53.31 7.75 36.22
CA LYS B 44 53.15 8.91 37.10
C LYS B 44 52.47 8.53 38.41
N ALA B 45 51.61 7.50 38.38
CA ALA B 45 50.88 7.09 39.58
C ALA B 45 51.78 6.51 40.65
N VAL B 46 53.01 6.10 40.31
CA VAL B 46 53.95 5.58 41.30
C VAL B 46 55.10 6.53 41.53
N GLY B 47 55.06 7.73 40.94
CA GLY B 47 56.05 8.76 41.23
C GLY B 47 57.13 8.96 40.19
N VAL B 48 56.98 8.39 39.00
CA VAL B 48 57.96 8.62 37.94
C VAL B 48 57.87 10.07 37.49
N ASP B 49 59.03 10.74 37.42
CA ASP B 49 59.09 12.15 37.01
C ASP B 49 59.61 12.36 35.60
N GLU B 50 60.31 11.38 35.03
CA GLU B 50 60.80 11.48 33.66
C GLU B 50 60.71 10.13 32.99
N VAL B 51 60.17 10.10 31.77
CA VAL B 51 60.05 8.88 30.99
C VAL B 51 60.79 9.07 29.68
N VAL B 52 61.42 8.00 29.20
CA VAL B 52 62.22 8.03 27.97
C VAL B 52 61.56 7.12 26.96
N LEU B 53 61.47 7.58 25.72
CA LEU B 53 60.84 6.84 24.63
C LEU B 53 61.93 6.39 23.65
N ALA B 54 62.26 5.12 23.70
CA ALA B 54 63.23 4.52 22.77
C ALA B 54 62.54 4.27 21.44
N ILE B 55 62.86 5.09 20.44
CA ILE B 55 62.20 5.00 19.15
C ILE B 55 63.22 4.77 18.03
N ASN B 56 62.72 4.63 16.81
CA ASN B 56 63.56 4.44 15.62
C ASN B 56 63.45 5.57 14.61
N TYR B 57 62.45 6.44 14.73
CA TYR B 57 62.07 7.38 13.69
C TYR B 57 62.29 8.80 14.17
N GLN B 58 61.98 9.76 13.28
CA GLN B 58 62.10 11.18 13.56
C GLN B 58 61.16 11.57 14.70
N PRO B 59 61.70 11.98 15.86
CA PRO B 59 60.83 12.33 17.00
C PRO B 59 60.07 13.64 16.80
N GLU B 60 60.30 14.37 15.71
CA GLU B 60 59.59 15.62 15.50
C GLU B 60 58.12 15.39 15.18
N VAL B 61 57.77 14.22 14.67
CA VAL B 61 56.38 13.95 14.28
C VAL B 61 55.45 13.87 15.49
N MET B 62 56.00 13.72 16.70
CA MET B 62 55.20 13.60 17.90
C MET B 62 55.57 14.62 18.97
N LEU B 63 56.42 15.59 18.65
CA LEU B 63 56.82 16.57 19.65
C LEU B 63 55.65 17.43 20.10
N ASN B 64 54.74 17.77 19.19
CA ASN B 64 53.58 18.56 19.57
C ASN B 64 52.64 17.79 20.48
N PHE B 65 52.61 16.46 20.36
CA PHE B 65 51.75 15.64 21.19
C PHE B 65 52.37 15.39 22.56
N LEU B 66 53.67 15.06 22.58
CA LEU B 66 54.32 14.73 23.83
C LEU B 66 54.45 15.93 24.76
N LYS B 67 54.61 17.14 24.19
CA LYS B 67 54.75 18.32 25.03
C LYS B 67 53.46 18.64 25.78
N ASP B 68 52.31 18.32 25.17
CA ASP B 68 51.04 18.56 25.85
C ASP B 68 50.84 17.58 27.01
N PHE B 69 51.24 16.33 26.83
CA PHE B 69 51.16 15.35 27.91
C PHE B 69 52.11 15.67 29.05
N GLU B 70 53.19 16.41 28.78
CA GLU B 70 54.10 16.83 29.84
C GLU B 70 53.41 17.81 30.78
N THR B 71 52.75 18.82 30.23
CA THR B 71 52.11 19.84 31.07
C THR B 71 50.84 19.32 31.71
N LYS B 72 50.11 18.44 31.03
CA LYS B 72 48.86 17.93 31.58
C LYS B 72 49.11 16.94 32.71
N LEU B 73 50.09 16.05 32.55
CA LEU B 73 50.38 15.02 33.53
C LEU B 73 51.51 15.40 34.49
N GLU B 74 52.15 16.55 34.29
CA GLU B 74 53.25 17.02 35.14
C GLU B 74 54.37 15.97 35.21
N ILE B 75 54.97 15.72 34.05
CA ILE B 75 56.02 14.72 33.92
C ILE B 75 56.85 15.09 32.71
N LYS B 76 58.11 14.63 32.69
CA LYS B 76 59.03 14.94 31.60
C LYS B 76 59.11 13.75 30.65
N ILE B 77 58.96 14.02 29.36
CA ILE B 77 58.99 13.00 28.32
C ILE B 77 60.10 13.38 27.34
N THR B 78 61.09 12.50 27.21
CA THR B 78 62.21 12.69 26.31
C THR B 78 62.35 11.49 25.39
N CYS B 79 62.79 11.74 24.16
CA CYS B 79 62.96 10.70 23.16
C CYS B 79 64.43 10.31 23.05
N SER B 80 64.69 9.00 22.96
CA SER B 80 66.03 8.47 22.79
C SER B 80 66.05 7.68 21.48
N GLN B 81 66.23 8.40 20.38
CA GLN B 81 66.24 7.79 19.06
C GLN B 81 67.55 7.06 18.82
N GLU B 82 67.46 5.79 18.45
CA GLU B 82 68.64 5.00 18.14
C GLU B 82 69.02 5.17 16.67
N THR B 83 70.26 4.82 16.36
CA THR B 83 70.77 4.91 15.00
C THR B 83 70.56 3.61 14.22
N GLU B 84 70.90 2.48 14.83
CA GLU B 84 70.67 1.17 14.27
C GLU B 84 69.94 0.31 15.29
N PRO B 85 69.25 -0.76 14.85
CA PRO B 85 68.53 -1.61 15.81
C PRO B 85 69.41 -2.13 16.95
N LEU B 86 69.10 -1.69 18.16
CA LEU B 86 69.84 -2.07 19.35
C LEU B 86 69.20 -3.22 20.11
N GLY B 87 67.99 -3.63 19.76
CA GLY B 87 67.31 -4.70 20.44
C GLY B 87 66.41 -4.20 21.56
N THR B 88 66.17 -5.09 22.52
CA THR B 88 65.34 -4.76 23.67
C THR B 88 66.15 -4.34 24.89
N ALA B 89 67.44 -4.66 24.94
CA ALA B 89 68.33 -4.18 25.99
C ALA B 89 69.28 -3.09 25.49
N GLY B 90 69.40 -2.90 24.18
CA GLY B 90 70.26 -1.89 23.62
C GLY B 90 69.93 -0.48 24.08
N PRO B 91 68.70 -0.03 23.82
CA PRO B 91 68.33 1.34 24.23
C PRO B 91 68.41 1.58 25.73
N LEU B 92 68.53 0.52 26.54
CA LEU B 92 68.81 0.71 27.97
C LEU B 92 70.16 1.41 28.17
N ALA B 93 71.15 1.07 27.35
CA ALA B 93 72.46 1.70 27.45
C ALA B 93 72.50 3.03 26.71
N LEU B 94 71.72 3.19 25.65
CA LEU B 94 71.71 4.45 24.93
C LEU B 94 71.13 5.57 25.77
N ALA B 95 70.28 5.23 26.74
CA ALA B 95 69.67 6.19 27.64
C ALA B 95 70.21 6.07 29.06
N ARG B 96 71.49 5.70 29.19
CA ARG B 96 72.07 5.49 30.51
C ARG B 96 72.13 6.80 31.31
N ASP B 97 72.41 7.92 30.64
CA ASP B 97 72.51 9.18 31.36
C ASP B 97 71.15 9.69 31.83
N LYS B 98 70.08 9.33 31.11
CA LYS B 98 68.74 9.78 31.50
C LYS B 98 68.14 8.91 32.59
N LEU B 99 68.50 7.63 32.63
CA LEU B 99 67.92 6.72 33.61
C LEU B 99 68.58 6.83 34.99
N LEU B 100 69.88 7.11 35.03
CA LEU B 100 70.61 7.21 36.29
C LEU B 100 70.65 8.67 36.72
N ASP B 101 69.96 8.98 37.81
CA ASP B 101 69.96 10.32 38.40
C ASP B 101 70.78 10.42 39.67
N GLY B 102 71.28 9.30 40.19
CA GLY B 102 72.07 9.30 41.41
C GLY B 102 71.32 8.87 42.66
N SER B 103 70.00 8.66 42.56
CA SER B 103 69.22 8.28 43.74
C SER B 103 69.42 6.81 44.12
N GLY B 104 69.93 5.99 43.21
CA GLY B 104 70.11 4.58 43.49
C GLY B 104 68.84 3.76 43.48
N GLU B 105 67.72 4.34 43.06
CA GLU B 105 66.45 3.64 43.02
C GLU B 105 66.24 2.99 41.66
N PRO B 106 65.51 1.88 41.62
CA PRO B 106 65.26 1.20 40.35
C PRO B 106 64.42 2.06 39.41
N PHE B 107 64.40 1.65 38.15
CA PHE B 107 63.65 2.31 37.10
C PHE B 107 62.79 1.29 36.37
N PHE B 108 61.71 1.78 35.76
CA PHE B 108 60.78 0.93 35.06
C PHE B 108 61.12 0.84 33.57
N VAL B 109 60.86 -0.33 32.99
CA VAL B 109 60.96 -0.54 31.56
C VAL B 109 59.67 -1.19 31.09
N LEU B 110 58.97 -0.53 30.18
CA LEU B 110 57.68 -1.00 29.67
C LEU B 110 57.79 -1.21 28.16
N ASN B 111 57.18 -2.30 27.69
CA ASN B 111 57.04 -2.56 26.27
C ASN B 111 55.76 -1.90 25.77
N SER B 112 55.91 -0.97 24.82
CA SER B 112 54.77 -0.16 24.39
C SER B 112 53.66 -0.99 23.74
N ASP B 113 53.99 -2.17 23.21
CA ASP B 113 53.00 -3.01 22.56
C ASP B 113 52.14 -3.78 23.55
N VAL B 114 52.43 -3.72 24.84
CA VAL B 114 51.73 -4.49 25.86
C VAL B 114 50.75 -3.58 26.58
N ILE B 115 49.53 -4.06 26.77
CA ILE B 115 48.52 -3.37 27.58
C ILE B 115 48.07 -4.32 28.69
N SER B 116 47.98 -3.77 29.90
CA SER B 116 47.54 -4.54 31.07
C SER B 116 46.99 -3.56 32.10
N GLU B 117 46.92 -3.99 33.36
CA GLU B 117 46.41 -3.14 34.43
C GLU B 117 47.49 -2.32 35.10
N TYR B 118 48.76 -2.70 34.96
CA TYR B 118 49.92 -1.99 35.50
C TYR B 118 49.82 -1.78 37.01
N PRO B 119 49.98 -2.83 37.82
CA PRO B 119 50.05 -2.64 39.29
C PRO B 119 51.47 -2.30 39.74
N LEU B 120 51.97 -1.16 39.29
CA LEU B 120 53.36 -0.81 39.53
C LEU B 120 53.64 -0.56 41.00
N LYS B 121 52.64 -0.12 41.76
CA LYS B 121 52.83 0.08 43.20
C LYS B 121 53.11 -1.25 43.90
N GLU B 122 52.29 -2.27 43.62
CA GLU B 122 52.52 -3.58 44.21
C GLU B 122 53.84 -4.18 43.74
N MET B 123 54.26 -3.85 42.52
CA MET B 123 55.54 -4.35 42.02
C MET B 123 56.71 -3.73 42.75
N LEU B 124 56.57 -2.47 43.19
CA LEU B 124 57.66 -1.80 43.90
C LEU B 124 57.92 -2.49 45.25
N GLU B 125 56.86 -2.77 46.02
CA GLU B 125 57.05 -3.42 47.30
C GLU B 125 57.49 -4.87 47.15
N PHE B 126 57.04 -5.53 46.07
CA PHE B 126 57.55 -6.87 45.77
C PHE B 126 59.03 -6.83 45.45
N HIS B 127 59.48 -5.77 44.76
CA HIS B 127 60.88 -5.66 44.38
C HIS B 127 61.76 -5.43 45.60
N LYS B 128 61.37 -4.52 46.49
CA LYS B 128 62.15 -4.27 47.69
C LYS B 128 62.12 -5.45 48.64
N SER B 129 61.08 -6.27 48.57
CA SER B 129 60.91 -7.35 49.54
C SER B 129 61.97 -8.42 49.38
N HIS B 130 62.25 -8.84 48.15
CA HIS B 130 63.24 -9.89 47.90
C HIS B 130 64.65 -9.35 47.77
N GLY B 131 64.83 -8.04 47.63
CA GLY B 131 66.16 -7.45 47.57
C GLY B 131 67.00 -7.91 46.40
N GLY B 132 66.36 -8.24 45.28
CA GLY B 132 67.07 -8.72 44.11
C GLY B 132 67.45 -7.58 43.18
N GLU B 133 68.09 -7.95 42.07
CA GLU B 133 68.56 -6.93 41.15
C GLU B 133 67.49 -6.51 40.16
N ALA B 134 66.64 -7.45 39.74
CA ALA B 134 65.65 -7.20 38.70
C ALA B 134 64.34 -7.91 39.03
N SER B 135 63.23 -7.27 38.70
CA SER B 135 61.90 -7.83 38.84
C SER B 135 61.15 -7.67 37.53
N ILE B 136 60.45 -8.73 37.11
CA ILE B 136 59.67 -8.71 35.89
C ILE B 136 58.26 -9.23 36.18
N MET B 137 57.28 -8.68 35.47
CA MET B 137 55.92 -9.17 35.58
C MET B 137 55.74 -10.37 34.66
N VAL B 138 54.95 -11.34 35.12
CA VAL B 138 54.75 -12.60 34.43
C VAL B 138 53.25 -12.87 34.34
N THR B 139 52.83 -13.51 33.26
CA THR B 139 51.41 -13.75 33.00
C THR B 139 51.20 -15.19 32.55
N LYS B 140 50.02 -15.72 32.86
CA LYS B 140 49.68 -17.11 32.59
C LYS B 140 49.28 -17.28 31.12
N VAL B 141 49.42 -18.51 30.62
CA VAL B 141 49.11 -18.82 29.24
C VAL B 141 48.50 -20.22 29.17
N ASP B 142 47.66 -20.43 28.15
CA ASP B 142 46.94 -21.69 28.03
C ASP B 142 47.84 -22.82 27.56
N GLU B 143 48.66 -22.57 26.54
CA GLU B 143 49.53 -23.57 25.93
C GLU B 143 50.97 -23.12 26.11
N PRO B 144 51.63 -23.52 27.20
CA PRO B 144 52.99 -23.04 27.47
C PRO B 144 54.02 -23.54 26.46
N SER B 145 53.69 -24.53 25.64
CA SER B 145 54.66 -25.13 24.73
C SER B 145 54.80 -24.39 23.41
N LYS B 146 54.12 -23.24 23.26
CA LYS B 146 54.31 -22.40 22.09
C LYS B 146 54.80 -21.00 22.46
N TYR B 147 55.25 -20.81 23.70
CA TYR B 147 55.77 -19.54 24.19
C TYR B 147 57.15 -19.77 24.81
N GLY B 148 57.70 -18.70 25.39
CA GLY B 148 58.92 -18.80 26.17
C GLY B 148 58.63 -18.73 27.65
N VAL B 149 58.70 -19.87 28.32
CA VAL B 149 58.25 -19.98 29.70
C VAL B 149 59.34 -19.50 30.65
N VAL B 150 58.94 -18.79 31.70
CA VAL B 150 59.82 -18.35 32.76
C VAL B 150 59.66 -19.34 33.91
N VAL B 151 60.62 -20.25 34.05
CA VAL B 151 60.61 -21.21 35.16
C VAL B 151 61.04 -20.48 36.43
N MET B 152 60.25 -20.63 37.49
CA MET B 152 60.46 -19.85 38.70
C MET B 152 60.13 -20.69 39.93
N GLU B 153 60.68 -20.27 41.06
CA GLU B 153 60.38 -20.87 42.35
C GLU B 153 59.12 -20.21 42.89
N GLU B 154 58.00 -20.95 42.88
CA GLU B 154 56.72 -20.40 43.31
C GLU B 154 56.79 -19.80 44.71
N SER B 155 57.59 -20.39 45.59
CA SER B 155 57.75 -19.89 46.95
C SER B 155 58.23 -18.45 46.98
N THR B 156 59.46 -18.21 46.54
CA THR B 156 60.07 -16.89 46.60
C THR B 156 59.73 -16.03 45.38
N GLY B 157 59.62 -16.65 44.21
CA GLY B 157 59.46 -15.92 42.97
C GLY B 157 60.73 -15.81 42.15
N ARG B 158 61.84 -16.33 42.66
CA ARG B 158 63.11 -16.27 41.95
C ARG B 158 63.07 -17.18 40.73
N VAL B 159 63.37 -16.61 39.57
CA VAL B 159 63.38 -17.36 38.31
C VAL B 159 64.73 -18.05 38.17
N GLU B 160 64.72 -19.26 37.63
CA GLU B 160 65.93 -20.06 37.50
C GLU B 160 66.40 -20.24 36.07
N LYS B 161 65.51 -20.25 35.08
CA LYS B 161 65.92 -20.40 33.70
C LYS B 161 64.79 -19.96 32.77
N PHE B 162 65.17 -19.67 31.53
CA PHE B 162 64.23 -19.33 30.46
C PHE B 162 64.31 -20.44 29.41
N VAL B 163 63.27 -21.25 29.32
CA VAL B 163 63.21 -22.31 28.33
C VAL B 163 62.22 -21.92 27.25
N GLU B 164 62.53 -22.31 26.01
CA GLU B 164 61.76 -21.93 24.83
C GLU B 164 61.07 -23.16 24.26
N LYS B 165 59.75 -23.06 24.06
CA LYS B 165 58.94 -24.17 23.55
C LYS B 165 59.23 -25.40 24.39
N PRO B 166 58.80 -25.42 25.66
CA PRO B 166 59.29 -26.45 26.59
C PRO B 166 59.03 -27.87 26.14
N LYS B 167 57.85 -28.16 25.58
CA LYS B 167 57.45 -29.52 25.26
C LYS B 167 57.50 -30.41 26.50
N LEU B 168 57.47 -29.79 27.68
CA LEU B 168 57.53 -30.46 28.97
C LEU B 168 57.15 -29.45 30.04
N TYR B 169 56.05 -29.68 30.75
CA TYR B 169 55.49 -28.65 31.62
C TYR B 169 56.47 -28.24 32.71
N VAL B 170 57.09 -27.06 32.53
CA VAL B 170 57.91 -26.43 33.55
C VAL B 170 57.27 -25.16 34.09
N GLY B 171 56.12 -24.79 33.56
CA GLY B 171 55.43 -23.59 34.00
C GLY B 171 54.50 -23.10 32.91
N ASN B 172 53.65 -22.15 33.29
CA ASN B 172 52.71 -21.53 32.35
C ASN B 172 52.85 -20.02 32.33
N LYS B 173 53.94 -19.48 32.87
CA LYS B 173 54.14 -18.04 32.97
C LYS B 173 55.13 -17.56 31.92
N ILE B 174 54.82 -16.40 31.31
CA ILE B 174 55.68 -15.82 30.28
C ILE B 174 55.94 -14.36 30.60
N ASN B 175 57.04 -13.84 30.06
CA ASN B 175 57.42 -12.45 30.25
C ASN B 175 56.31 -11.52 29.76
N ALA B 176 55.84 -10.65 30.65
CA ALA B 176 54.75 -9.74 30.37
C ALA B 176 55.21 -8.38 29.85
N GLY B 177 56.52 -8.15 29.76
CA GLY B 177 57.01 -6.91 29.21
C GLY B 177 56.97 -5.73 30.16
N ILE B 178 57.00 -5.98 31.47
CA ILE B 178 57.02 -4.94 32.48
C ILE B 178 58.19 -5.25 33.40
N TYR B 179 59.23 -4.41 33.35
CA TYR B 179 60.46 -4.64 34.08
C TYR B 179 60.69 -3.54 35.11
N LEU B 180 61.34 -3.90 36.21
CA LEU B 180 61.78 -2.96 37.24
C LEU B 180 63.22 -3.35 37.62
N LEU B 181 64.20 -2.64 37.07
CA LEU B 181 65.60 -3.01 37.21
C LEU B 181 66.33 -2.00 38.10
N ASN B 182 67.24 -2.51 38.94
CA ASN B 182 68.11 -1.66 39.72
C ASN B 182 69.18 -1.03 38.81
N PRO B 183 69.84 0.04 39.28
CA PRO B 183 70.91 0.65 38.46
C PRO B 183 72.04 -0.30 38.11
N SER B 184 72.29 -1.34 38.91
CA SER B 184 73.35 -2.28 38.60
C SER B 184 73.07 -3.09 37.34
N VAL B 185 71.81 -3.13 36.89
CA VAL B 185 71.49 -3.83 35.65
C VAL B 185 72.11 -3.12 34.46
N LEU B 186 72.20 -1.78 34.51
CA LEU B 186 72.76 -1.03 33.39
C LEU B 186 74.25 -1.29 33.20
N ASP B 187 74.93 -1.84 34.21
CA ASP B 187 76.34 -2.20 34.07
C ASP B 187 76.52 -3.50 33.30
N LYS B 188 75.48 -4.31 33.18
CA LYS B 188 75.54 -5.57 32.44
C LYS B 188 75.02 -5.42 31.02
N ILE B 189 74.99 -4.19 30.49
CA ILE B 189 74.53 -3.92 29.13
C ILE B 189 75.54 -3.01 28.47
N GLU B 190 76.08 -3.45 27.33
CA GLU B 190 77.01 -2.65 26.56
C GLU B 190 76.25 -1.83 25.52
N LEU B 191 76.91 -0.82 24.98
CA LEU B 191 76.32 0.05 23.96
C LEU B 191 76.44 -0.61 22.58
N ARG B 192 75.89 -1.80 22.49
CA ARG B 192 75.83 -2.60 21.27
C ARG B 192 74.44 -3.20 21.16
N PRO B 193 74.02 -3.61 19.96
CA PRO B 193 72.75 -4.32 19.83
C PRO B 193 72.72 -5.57 20.71
N THR B 194 71.78 -5.59 21.65
CA THR B 194 71.67 -6.68 22.59
C THR B 194 70.20 -6.91 22.95
N SER B 195 69.88 -8.17 23.25
CA SER B 195 68.52 -8.57 23.59
C SER B 195 68.41 -8.78 25.09
N ILE B 196 67.34 -8.23 25.69
CA ILE B 196 67.19 -8.33 27.14
C ILE B 196 66.69 -9.71 27.55
N GLU B 197 65.94 -10.39 26.68
CA GLU B 197 65.36 -11.68 27.04
C GLU B 197 66.36 -12.81 26.88
N LYS B 198 67.29 -12.70 25.92
CA LYS B 198 68.23 -13.77 25.62
C LYS B 198 69.60 -13.59 26.23
N GLU B 199 69.98 -12.35 26.60
CA GLU B 199 71.30 -12.07 27.12
C GLU B 199 71.25 -11.58 28.56
N THR B 200 70.59 -10.46 28.82
CA THR B 200 70.67 -9.83 30.14
C THR B 200 69.94 -10.65 31.20
N PHE B 201 68.69 -11.01 30.93
CA PHE B 201 67.87 -11.70 31.93
C PHE B 201 68.40 -13.08 32.28
N PRO B 202 68.83 -13.91 31.32
CA PRO B 202 69.50 -15.16 31.72
C PRO B 202 70.75 -14.93 32.53
N LYS B 203 71.46 -13.83 32.29
CA LYS B 203 72.66 -13.52 33.06
C LYS B 203 72.31 -13.17 34.50
N ILE B 204 71.27 -12.34 34.69
CA ILE B 204 70.86 -11.97 36.04
C ILE B 204 70.26 -13.15 36.77
N ALA B 205 69.58 -14.05 36.05
CA ALA B 205 68.97 -15.21 36.69
C ALA B 205 70.03 -16.16 37.25
N ALA B 206 71.12 -16.36 36.52
CA ALA B 206 72.20 -17.23 37.00
C ALA B 206 72.82 -16.69 38.28
N ALA B 207 72.86 -15.37 38.42
CA ALA B 207 73.39 -14.73 39.63
C ALA B 207 72.37 -14.68 40.77
N GLN B 208 71.28 -15.45 40.67
CA GLN B 208 70.26 -15.54 41.71
C GLN B 208 69.61 -14.18 41.98
N GLY B 209 69.54 -13.32 40.97
CA GLY B 209 69.07 -11.96 41.18
C GLY B 209 67.90 -11.54 40.32
N LEU B 210 67.19 -12.50 39.74
CA LEU B 210 66.01 -12.22 38.93
C LEU B 210 64.78 -12.81 39.60
N TYR B 211 63.75 -11.98 39.78
CA TYR B 211 62.50 -12.40 40.42
C TYR B 211 61.33 -12.02 39.55
N ALA B 212 60.30 -12.86 39.57
CA ALA B 212 59.11 -12.68 38.75
C ALA B 212 57.87 -12.58 39.63
N MET B 213 56.95 -11.70 39.23
CA MET B 213 55.70 -11.49 39.93
C MET B 213 54.55 -11.79 38.99
N VAL B 214 53.60 -12.61 39.45
CA VAL B 214 52.43 -12.94 38.64
C VAL B 214 51.60 -11.68 38.44
N LEU B 215 51.27 -11.40 37.18
CA LEU B 215 50.51 -10.19 36.84
C LEU B 215 49.02 -10.48 36.97
N PRO B 216 48.32 -9.90 37.93
CA PRO B 216 46.88 -10.10 38.02
C PRO B 216 46.14 -9.24 37.01
N GLY B 217 45.14 -9.83 36.38
CA GLY B 217 44.34 -9.11 35.40
C GLY B 217 44.70 -9.51 33.98
N PHE B 218 44.18 -8.72 33.05
CA PHE B 218 44.35 -9.03 31.64
C PHE B 218 45.76 -8.66 31.16
N TRP B 219 46.13 -9.22 30.03
CA TRP B 219 47.40 -8.95 29.38
C TRP B 219 47.24 -9.20 27.89
N MET B 220 47.82 -8.32 27.08
CA MET B 220 47.61 -8.38 25.64
C MET B 220 48.77 -7.70 24.93
N ASP B 221 49.24 -8.34 23.86
CA ASP B 221 50.29 -7.80 23.00
C ASP B 221 49.65 -7.31 21.71
N ILE B 222 49.57 -5.99 21.54
CA ILE B 222 48.95 -5.39 20.37
C ILE B 222 49.93 -5.42 19.20
N GLY B 223 49.82 -6.43 18.35
CA GLY B 223 50.65 -6.51 17.16
C GLY B 223 49.90 -6.11 15.91
N GLN B 224 48.90 -6.88 15.54
CA GLN B 224 48.02 -6.62 14.42
C GLN B 224 46.76 -5.89 14.89
N PRO B 225 46.11 -5.12 14.02
CA PRO B 225 44.91 -4.38 14.45
C PRO B 225 43.77 -5.29 14.87
N ARG B 226 43.78 -6.57 14.51
CA ARG B 226 42.79 -7.51 15.01
C ARG B 226 42.84 -7.61 16.53
N ASP B 227 44.00 -7.35 17.12
CA ASP B 227 44.16 -7.40 18.57
C ASP B 227 43.56 -6.18 19.27
N TYR B 228 43.21 -5.13 18.53
CA TYR B 228 42.47 -4.02 19.13
C TYR B 228 41.09 -4.47 19.59
N ILE B 229 40.41 -5.28 18.77
CA ILE B 229 39.06 -5.72 19.10
C ILE B 229 39.06 -6.55 20.37
N THR B 230 39.86 -7.62 20.38
CA THR B 230 39.92 -8.46 21.58
C THR B 230 40.64 -7.74 22.73
N GLY B 231 41.57 -6.84 22.41
CA GLY B 231 42.26 -6.11 23.46
C GLY B 231 41.37 -5.10 24.16
N LEU B 232 40.50 -4.42 23.41
CA LEU B 232 39.58 -3.47 24.02
C LEU B 232 38.57 -4.18 24.93
N ARG B 233 38.18 -5.41 24.58
CA ARG B 233 37.28 -6.17 25.44
C ARG B 233 37.90 -6.40 26.82
N LEU B 234 39.18 -6.77 26.85
CA LEU B 234 39.84 -7.00 28.13
C LEU B 234 40.01 -5.71 28.91
N TYR B 235 40.37 -4.62 28.23
CA TYR B 235 40.55 -3.35 28.90
C TYR B 235 39.24 -2.83 29.47
N LEU B 236 38.17 -2.84 28.65
CA LEU B 236 36.88 -2.36 29.13
C LEU B 236 36.37 -3.21 30.29
N ASP B 237 36.63 -4.53 30.24
CA ASP B 237 36.29 -5.38 31.38
C ASP B 237 37.09 -5.00 32.62
N SER B 238 38.33 -4.53 32.44
CA SER B 238 39.10 -4.07 33.58
C SER B 238 38.47 -2.86 34.23
N LEU B 239 37.96 -1.92 33.42
CA LEU B 239 37.23 -0.79 33.97
C LEU B 239 35.93 -1.25 34.65
N ARG B 240 35.28 -2.28 34.10
CA ARG B 240 34.04 -2.77 34.68
C ARG B 240 34.25 -3.21 36.13
N LYS B 241 35.42 -3.77 36.44
CA LYS B 241 35.69 -4.25 37.79
C LYS B 241 36.34 -3.18 38.67
N LYS B 242 37.20 -2.33 38.10
CA LYS B 242 37.96 -1.36 38.87
C LYS B 242 37.24 -0.02 39.00
N SER B 243 36.75 0.53 37.89
CA SER B 243 36.09 1.84 37.89
C SER B 243 34.88 1.78 36.97
N PRO B 244 33.77 1.20 37.44
CA PRO B 244 32.60 1.04 36.57
C PRO B 244 31.95 2.36 36.18
N ALA B 245 32.15 3.42 36.95
CA ALA B 245 31.49 4.69 36.64
C ALA B 245 32.03 5.32 35.36
N LYS B 246 33.18 4.88 34.86
CA LYS B 246 33.72 5.41 33.63
C LYS B 246 33.00 4.89 32.40
N LEU B 247 32.30 3.76 32.51
CA LEU B 247 31.51 3.21 31.42
C LEU B 247 30.12 3.79 31.43
N THR B 248 29.54 3.96 30.25
CA THR B 248 28.20 4.48 30.11
C THR B 248 27.18 3.34 30.16
N SER B 249 25.95 3.68 30.51
CA SER B 249 24.88 2.71 30.67
C SER B 249 23.58 3.28 30.13
N GLY B 250 22.58 2.40 30.00
CA GLY B 250 21.28 2.78 29.47
C GLY B 250 20.64 1.68 28.67
N PRO B 251 19.41 1.92 28.21
CA PRO B 251 18.70 0.89 27.43
C PRO B 251 19.30 0.68 26.04
N HIS B 252 19.99 1.68 25.50
CA HIS B 252 20.67 1.58 24.21
C HIS B 252 22.06 0.98 24.33
N ILE B 253 22.47 0.59 25.53
CA ILE B 253 23.81 0.09 25.80
C ILE B 253 23.73 -1.38 26.18
N VAL B 254 24.64 -2.18 25.62
CA VAL B 254 24.79 -3.59 25.98
C VAL B 254 26.27 -3.85 26.22
N GLY B 255 26.59 -4.51 27.33
CA GLY B 255 27.98 -4.79 27.62
C GLY B 255 28.72 -3.54 28.08
N ASN B 256 30.04 -3.54 27.85
CA ASN B 256 30.91 -2.45 28.25
C ASN B 256 31.12 -1.50 27.08
N VAL B 257 30.71 -0.24 27.26
CA VAL B 257 30.84 0.79 26.23
C VAL B 257 31.48 2.02 26.86
N LEU B 258 32.45 2.60 26.17
CA LEU B 258 33.20 3.76 26.65
C LEU B 258 32.99 4.90 25.66
N VAL B 259 32.22 5.91 26.07
CA VAL B 259 31.86 7.03 25.20
C VAL B 259 32.47 8.30 25.78
N ASP B 260 33.23 9.01 24.94
CA ASP B 260 33.78 10.31 25.33
C ASP B 260 32.64 11.30 25.57
N GLU B 261 32.92 12.31 26.38
CA GLU B 261 31.88 13.25 26.78
C GLU B 261 31.45 14.17 25.63
N THR B 262 32.33 14.39 24.66
CA THR B 262 32.02 15.23 23.51
C THR B 262 31.47 14.44 22.34
N ALA B 263 31.14 13.16 22.53
CA ALA B 263 30.53 12.35 21.50
C ALA B 263 29.01 12.45 21.57
N THR B 264 28.37 12.15 20.44
CA THR B 264 26.93 12.25 20.29
C THR B 264 26.37 10.89 19.89
N ILE B 265 25.32 10.48 20.58
CA ILE B 265 24.63 9.22 20.29
C ILE B 265 23.18 9.55 19.98
N GLY B 266 22.75 9.25 18.74
CA GLY B 266 21.38 9.49 18.35
C GLY B 266 20.41 8.54 19.01
N GLU B 267 19.12 8.79 18.77
CA GLU B 267 18.07 7.98 19.35
C GLU B 267 17.93 6.66 18.61
N GLY B 268 17.46 5.64 19.33
CA GLY B 268 17.20 4.35 18.73
C GLY B 268 18.42 3.51 18.43
N CYS B 269 19.57 3.84 19.01
CA CYS B 269 20.79 3.08 18.77
C CYS B 269 20.85 1.85 19.68
N LEU B 270 21.78 0.96 19.35
CA LEU B 270 22.09 -0.20 20.19
C LEU B 270 23.60 -0.42 20.07
N ILE B 271 24.34 0.02 21.09
CA ILE B 271 25.79 0.08 21.05
C ILE B 271 26.36 -0.90 22.07
N GLY B 272 27.25 -1.78 21.63
CA GLY B 272 27.88 -2.75 22.49
C GLY B 272 27.67 -4.17 22.01
N PRO B 273 28.41 -5.13 22.59
CA PRO B 273 29.41 -4.88 23.65
C PRO B 273 30.80 -4.51 23.12
N ASP B 274 31.66 -4.01 24.01
CA ASP B 274 33.07 -3.74 23.74
C ASP B 274 33.22 -2.68 22.64
N VAL B 275 32.66 -1.50 22.90
CA VAL B 275 32.70 -0.39 21.95
C VAL B 275 33.36 0.80 22.63
N ALA B 276 34.21 1.51 21.88
CA ALA B 276 34.83 2.74 22.32
C ALA B 276 34.53 3.82 21.29
N ILE B 277 33.88 4.89 21.73
CA ILE B 277 33.51 6.01 20.87
C ILE B 277 34.34 7.22 21.27
N GLY B 278 35.10 7.76 20.32
CA GLY B 278 36.08 8.78 20.61
C GLY B 278 35.46 10.16 20.78
N PRO B 279 36.33 11.13 21.03
CA PRO B 279 35.86 12.52 21.21
C PRO B 279 35.49 13.15 19.88
N GLY B 280 34.41 13.95 19.91
CA GLY B 280 33.95 14.63 18.71
C GLY B 280 33.19 13.77 17.74
N CYS B 281 32.78 12.57 18.12
CA CYS B 281 32.06 11.68 17.23
C CYS B 281 30.58 12.04 17.19
N ILE B 282 29.95 11.68 16.07
CA ILE B 282 28.52 11.90 15.86
C ILE B 282 27.95 10.58 15.37
N VAL B 283 27.28 9.85 16.25
CA VAL B 283 26.58 8.63 15.90
C VAL B 283 25.10 8.97 15.79
N GLU B 284 24.55 8.86 14.59
CA GLU B 284 23.19 9.29 14.32
C GLU B 284 22.21 8.20 14.76
N SER B 285 20.96 8.31 14.30
CA SER B 285 19.89 7.47 14.82
C SER B 285 19.99 6.05 14.29
N GLY B 286 19.51 5.11 15.09
CA GLY B 286 19.36 3.72 14.65
C GLY B 286 20.64 3.03 14.25
N VAL B 287 21.77 3.45 14.79
CA VAL B 287 23.06 2.85 14.46
C VAL B 287 23.30 1.65 15.36
N ARG B 288 23.91 0.61 14.79
CA ARG B 288 24.28 -0.59 15.52
C ARG B 288 25.81 -0.69 15.52
N LEU B 289 26.40 -0.56 16.71
CA LEU B 289 27.84 -0.72 16.91
C LEU B 289 28.08 -1.85 17.91
N SER B 290 29.06 -2.70 17.62
CA SER B 290 29.39 -3.79 18.52
C SER B 290 30.83 -4.23 18.26
N ARG B 291 31.61 -4.36 19.33
CA ARG B 291 32.99 -4.86 19.25
C ARG B 291 33.82 -4.05 18.26
N CYS B 292 33.58 -2.74 18.22
CA CYS B 292 34.27 -1.88 17.28
C CYS B 292 34.79 -0.64 17.99
N THR B 293 35.78 -0.01 17.38
CA THR B 293 36.35 1.24 17.87
C THR B 293 36.02 2.35 16.88
N VAL B 294 35.43 3.42 17.38
CA VAL B 294 35.10 4.60 16.60
C VAL B 294 36.00 5.72 17.08
N MET B 295 36.99 6.10 16.26
CA MET B 295 38.05 6.98 16.70
C MET B 295 37.58 8.44 16.63
N ARG B 296 38.53 9.37 16.80
CA ARG B 296 38.19 10.77 17.01
C ARG B 296 37.51 11.39 15.80
N GLY B 297 36.32 11.91 16.01
CA GLY B 297 35.68 12.79 15.04
C GLY B 297 35.05 12.12 13.84
N VAL B 298 34.72 10.84 13.92
CA VAL B 298 34.08 10.16 12.79
C VAL B 298 32.57 10.26 12.96
N ARG B 299 31.87 10.20 11.83
CA ARG B 299 30.41 10.28 11.81
C ARG B 299 29.86 8.98 11.25
N ILE B 300 28.99 8.33 12.03
CA ILE B 300 28.28 7.14 11.60
C ILE B 300 26.84 7.56 11.33
N LYS B 301 26.45 7.56 10.06
CA LYS B 301 25.14 8.06 9.67
C LYS B 301 24.04 7.07 10.06
N LYS B 302 22.80 7.50 9.86
CA LYS B 302 21.65 6.78 10.39
C LYS B 302 21.57 5.36 9.83
N HIS B 303 21.18 4.42 10.70
CA HIS B 303 20.84 3.03 10.38
C HIS B 303 22.04 2.19 9.94
N ALA B 304 23.26 2.70 10.12
CA ALA B 304 24.44 1.91 9.79
C ALA B 304 24.64 0.81 10.82
N CYS B 305 25.36 -0.24 10.42
CA CYS B 305 25.60 -1.39 11.28
C CYS B 305 27.07 -1.77 11.18
N ILE B 306 27.83 -1.52 12.24
CA ILE B 306 29.27 -1.81 12.30
C ILE B 306 29.51 -2.85 13.39
N SER B 307 30.37 -3.81 13.09
CA SER B 307 30.72 -4.84 14.07
C SER B 307 32.14 -5.34 13.80
N SER B 308 32.90 -5.52 14.88
CA SER B 308 34.24 -6.09 14.81
C SER B 308 35.12 -5.36 13.80
N SER B 309 35.20 -4.04 13.93
CA SER B 309 35.95 -3.24 12.98
C SER B 309 36.60 -2.07 13.71
N ILE B 310 37.45 -1.34 12.98
CA ILE B 310 38.14 -0.17 13.50
C ILE B 310 37.99 0.95 12.49
N ILE B 311 37.36 2.05 12.90
CA ILE B 311 37.13 3.19 12.04
C ILE B 311 38.14 4.27 12.41
N GLY B 312 38.97 4.65 11.45
CA GLY B 312 40.01 5.63 11.68
C GLY B 312 39.46 7.03 11.91
N TRP B 313 40.38 7.93 12.23
CA TRP B 313 40.01 9.30 12.59
C TRP B 313 39.31 10.00 11.43
N HIS B 314 38.25 10.75 11.76
CA HIS B 314 37.58 11.66 10.83
C HIS B 314 36.99 10.92 9.63
N SER B 315 36.65 9.65 9.79
CA SER B 315 35.99 8.91 8.73
C SER B 315 34.48 9.19 8.75
N THR B 316 33.81 8.72 7.71
CA THR B 316 32.36 8.89 7.60
C THR B 316 31.77 7.64 6.98
N VAL B 317 30.83 7.02 7.69
CA VAL B 317 30.15 5.81 7.24
C VAL B 317 28.73 6.18 6.84
N GLY B 318 28.33 5.80 5.63
CA GLY B 318 27.06 6.23 5.09
C GLY B 318 25.88 5.55 5.73
N GLN B 319 24.70 6.06 5.41
CA GLN B 319 23.46 5.51 5.93
C GLN B 319 23.24 4.08 5.42
N TRP B 320 22.79 3.20 6.32
CA TRP B 320 22.54 1.79 6.06
C TRP B 320 23.79 1.03 5.62
N ALA B 321 24.97 1.62 5.77
CA ALA B 321 26.19 0.91 5.44
C ALA B 321 26.43 -0.24 6.41
N ARG B 322 27.14 -1.25 5.95
CA ARG B 322 27.35 -2.49 6.70
C ARG B 322 28.84 -2.80 6.69
N ILE B 323 29.45 -2.77 7.88
CA ILE B 323 30.89 -2.97 8.05
C ILE B 323 31.09 -4.07 9.08
N GLU B 324 31.81 -5.13 8.70
CA GLU B 324 31.97 -6.25 9.61
C GLU B 324 33.27 -7.00 9.32
N ASN B 325 33.62 -7.91 10.23
CA ASN B 325 34.72 -8.85 10.07
C ASN B 325 36.09 -8.19 9.92
N MET B 326 36.58 -7.53 10.97
CA MET B 326 37.95 -7.04 11.02
C MET B 326 38.25 -6.02 9.92
N THR B 327 37.28 -5.14 9.66
CA THR B 327 37.49 -4.06 8.71
C THR B 327 38.28 -2.94 9.36
N ILE B 328 39.32 -2.48 8.67
CA ILE B 328 40.19 -1.41 9.17
C ILE B 328 40.11 -0.26 8.18
N LEU B 329 39.45 0.83 8.58
CA LEU B 329 39.37 2.04 7.77
C LEU B 329 40.41 3.02 8.25
N GLY B 330 41.23 3.51 7.32
CA GLY B 330 42.24 4.50 7.65
C GLY B 330 41.66 5.85 7.99
N GLU B 331 42.51 6.88 8.03
CA GLU B 331 42.07 8.23 8.35
C GLU B 331 41.30 8.84 7.19
N ASP B 332 40.17 9.48 7.52
CA ASP B 332 39.38 10.25 6.56
C ASP B 332 38.89 9.39 5.40
N VAL B 333 38.35 8.22 5.74
CA VAL B 333 37.78 7.30 4.76
C VAL B 333 36.28 7.52 4.72
N HIS B 334 35.73 7.66 3.51
CA HIS B 334 34.30 7.90 3.32
C HIS B 334 33.67 6.67 2.68
N VAL B 335 32.80 6.00 3.43
CA VAL B 335 32.05 4.85 2.94
C VAL B 335 30.67 5.33 2.55
N SER B 336 30.31 5.14 1.28
CA SER B 336 29.03 5.62 0.78
C SER B 336 27.88 4.84 1.42
N ASP B 337 26.66 5.36 1.23
CA ASP B 337 25.48 4.73 1.80
C ASP B 337 25.30 3.32 1.25
N GLU B 338 24.75 2.45 2.10
CA GLU B 338 24.32 1.10 1.71
C GLU B 338 25.47 0.27 1.13
N ILE B 339 26.69 0.50 1.62
CA ILE B 339 27.88 -0.19 1.13
C ILE B 339 28.29 -1.25 2.14
N TYR B 340 28.74 -2.41 1.64
CA TYR B 340 29.13 -3.53 2.46
C TYR B 340 30.64 -3.69 2.47
N SER B 341 31.20 -3.93 3.66
CA SER B 341 32.63 -4.15 3.81
C SER B 341 32.84 -5.38 4.70
N ASN B 342 33.56 -6.36 4.18
CA ASN B 342 33.92 -7.58 4.92
C ASN B 342 35.44 -7.69 4.86
N GLY B 343 36.11 -7.35 5.96
CA GLY B 343 37.56 -7.41 6.00
C GLY B 343 38.26 -6.33 5.21
N GLY B 344 37.57 -5.24 4.89
CA GLY B 344 38.18 -4.19 4.09
C GLY B 344 39.28 -3.48 4.84
N VAL B 345 40.38 -3.21 4.13
CA VAL B 345 41.52 -2.48 4.67
C VAL B 345 41.77 -1.32 3.71
N VAL B 346 41.31 -0.13 4.09
CA VAL B 346 41.31 1.03 3.21
C VAL B 346 42.39 2.00 3.64
N LEU B 347 43.25 2.38 2.69
CA LEU B 347 44.26 3.39 2.94
C LEU B 347 43.58 4.74 3.21
N PRO B 348 44.27 5.64 3.91
CA PRO B 348 43.63 6.91 4.29
C PRO B 348 43.17 7.72 3.08
N HIS B 349 42.12 8.51 3.30
CA HIS B 349 41.55 9.49 2.40
C HIS B 349 40.83 8.89 1.19
N LYS B 350 40.76 7.57 1.07
CA LYS B 350 40.07 6.98 -0.06
C LYS B 350 38.55 7.11 0.12
N GLU B 351 37.84 7.05 -1.00
CA GLU B 351 36.39 7.04 -1.03
C GLU B 351 35.90 5.67 -1.48
N ILE B 352 35.02 5.07 -0.69
CA ILE B 352 34.50 3.73 -0.97
C ILE B 352 33.09 3.89 -1.53
N LYS B 353 32.94 3.68 -2.84
CA LYS B 353 31.65 3.78 -3.51
C LYS B 353 31.05 2.42 -3.83
N SER B 354 31.84 1.35 -3.78
CA SER B 354 31.37 0.00 -4.08
C SER B 354 31.73 -0.93 -2.93
N ASN B 355 31.17 -2.13 -2.97
CA ASN B 355 31.38 -3.10 -1.90
C ASN B 355 32.85 -3.53 -1.84
N ILE B 356 33.30 -3.83 -0.63
CA ILE B 356 34.65 -4.33 -0.38
C ILE B 356 34.54 -5.70 0.26
N LEU B 357 35.34 -6.63 -0.23
CA LEU B 357 35.56 -7.91 0.44
C LEU B 357 37.05 -8.06 0.73
N LYS B 358 37.41 -9.22 1.28
CA LYS B 358 38.80 -9.53 1.58
C LYS B 358 39.31 -10.56 0.60
N PRO B 359 40.43 -10.29 -0.08
CA PRO B 359 40.90 -11.20 -1.14
C PRO B 359 41.05 -12.65 -0.68
N GLU B 360 41.38 -12.88 0.58
CA GLU B 360 41.46 -14.23 1.11
C GLU B 360 40.08 -14.82 1.36
N ILE B 361 39.08 -13.97 1.63
CA ILE B 361 37.72 -14.46 1.85
C ILE B 361 37.04 -14.77 0.51
N VAL B 362 37.27 -13.93 -0.50
CA VAL B 362 36.75 -14.20 -1.83
C VAL B 362 37.35 -15.48 -2.40
N MET B 363 38.52 -15.88 -1.91
CA MET B 363 39.12 -17.13 -2.35
C MET B 363 38.58 -18.32 -1.55
N LYS B 364 38.45 -18.15 -0.23
CA LYS B 364 37.94 -19.22 0.63
C LYS B 364 36.49 -19.56 0.26
N LEU B 365 35.67 -18.55 -0.01
CA LEU B 365 34.29 -18.81 -0.40
C LEU B 365 34.23 -19.48 -1.76
N ALA B 366 35.00 -18.98 -2.73
CA ALA B 366 35.00 -19.57 -4.07
C ALA B 366 35.60 -20.97 -4.09
N ALA B 367 36.36 -21.35 -3.06
CA ALA B 367 36.94 -22.69 -3.02
C ALA B 367 35.87 -23.75 -2.85
N ALA B 368 35.03 -23.61 -1.82
CA ALA B 368 33.96 -24.57 -1.54
C ALA B 368 32.65 -24.16 -2.19
N LEU B 369 32.68 -23.65 -3.42
CA LEU B 369 31.47 -23.24 -4.11
C LEU B 369 31.67 -23.23 -5.63
N MET C 3 -24.12 -28.72 35.74
CA MET C 3 -25.34 -28.29 35.08
C MET C 3 -25.15 -28.22 33.57
N LYS C 4 -26.15 -28.68 32.82
CA LYS C 4 -26.05 -28.81 31.37
C LYS C 4 -27.03 -27.84 30.70
N ALA C 5 -26.85 -27.67 29.39
CA ALA C 5 -27.69 -26.78 28.61
C ALA C 5 -27.69 -27.22 27.15
N LEU C 6 -28.81 -26.96 26.47
CA LEU C 6 -28.98 -27.26 25.06
C LEU C 6 -29.38 -25.98 24.33
N ILE C 7 -28.73 -25.71 23.21
CA ILE C 7 -29.00 -24.52 22.40
C ILE C 7 -29.65 -24.98 21.09
N LEU C 8 -30.91 -24.60 20.91
CA LEU C 8 -31.67 -24.92 19.70
C LEU C 8 -31.21 -24.02 18.57
N VAL C 9 -30.36 -24.55 17.68
CA VAL C 9 -29.82 -23.74 16.59
C VAL C 9 -30.78 -23.75 15.41
N GLY C 10 -31.00 -24.93 14.84
CA GLY C 10 -31.77 -25.04 13.61
C GLY C 10 -30.81 -25.32 12.44
N GLY C 11 -30.99 -24.57 11.34
CA GLY C 11 -30.17 -24.75 10.17
C GLY C 11 -29.11 -23.68 10.06
N PHE C 12 -28.36 -23.72 8.95
CA PHE C 12 -27.29 -22.75 8.73
C PHE C 12 -27.82 -21.32 8.69
N GLY C 13 -29.08 -21.13 8.28
CA GLY C 13 -29.73 -19.84 8.24
C GLY C 13 -30.02 -19.25 6.87
N THR C 14 -31.04 -19.80 6.21
CA THR C 14 -31.45 -19.26 4.91
C THR C 14 -31.94 -17.83 5.03
N ARG C 15 -32.62 -17.51 6.14
CA ARG C 15 -33.17 -16.17 6.32
C ARG C 15 -32.09 -15.11 6.54
N LEU C 16 -30.83 -15.51 6.73
CA LEU C 16 -29.74 -14.57 6.94
C LEU C 16 -28.71 -14.61 5.82
N ARG C 17 -29.05 -15.20 4.68
CA ARG C 17 -28.18 -15.15 3.53
C ARG C 17 -28.00 -13.69 3.09
N PRO C 18 -26.84 -13.34 2.52
CA PRO C 18 -25.70 -14.19 2.19
C PRO C 18 -24.68 -14.32 3.32
N LEU C 19 -25.04 -13.82 4.50
CA LEU C 19 -24.11 -13.89 5.63
C LEU C 19 -23.86 -15.32 6.06
N THR C 20 -24.89 -16.17 5.99
CA THR C 20 -24.76 -17.55 6.43
C THR C 20 -24.15 -18.47 5.37
N LEU C 21 -23.81 -17.93 4.20
CA LEU C 21 -23.05 -18.69 3.21
C LEU C 21 -21.59 -18.83 3.59
N SER C 22 -21.11 -18.07 4.58
CA SER C 22 -19.74 -18.13 5.07
C SER C 22 -19.64 -18.71 6.47
N PHE C 23 -20.60 -18.41 7.35
CA PHE C 23 -20.60 -18.90 8.72
C PHE C 23 -22.03 -19.26 9.09
N PRO C 24 -22.24 -20.36 9.81
CA PRO C 24 -23.60 -20.73 10.21
C PRO C 24 -24.21 -19.69 11.14
N LYS C 25 -25.53 -19.69 11.23
CA LYS C 25 -26.25 -18.67 12.03
C LYS C 25 -25.60 -18.47 13.38
N PRO C 26 -25.28 -19.49 14.23
CA PRO C 26 -24.75 -19.15 15.57
C PRO C 26 -23.37 -18.50 15.54
N LEU C 27 -22.67 -18.53 14.41
CA LEU C 27 -21.35 -17.92 14.32
C LEU C 27 -21.37 -16.53 13.70
N VAL C 28 -22.51 -16.09 13.19
CA VAL C 28 -22.61 -14.73 12.64
C VAL C 28 -22.46 -13.73 13.77
N ASP C 29 -21.59 -12.74 13.56
CA ASP C 29 -21.31 -11.78 14.61
C ASP C 29 -22.54 -10.92 14.90
N PHE C 30 -22.78 -10.68 16.19
CA PHE C 30 -23.81 -9.74 16.63
C PHE C 30 -23.21 -8.90 17.74
N ALA C 31 -23.17 -7.59 17.55
CA ALA C 31 -22.56 -6.66 18.49
C ALA C 31 -21.10 -7.02 18.75
N ASN C 32 -20.37 -7.31 17.68
CA ASN C 32 -18.93 -7.51 17.60
C ASN C 32 -18.46 -8.86 18.13
N LYS C 33 -19.36 -9.74 18.57
CA LYS C 33 -18.99 -11.09 18.94
C LYS C 33 -19.96 -12.08 18.31
N PRO C 34 -19.51 -13.30 18.02
CA PRO C 34 -20.40 -14.30 17.42
C PRO C 34 -21.67 -14.49 18.24
N MET C 35 -22.79 -14.62 17.52
CA MET C 35 -24.11 -14.71 18.15
C MET C 35 -24.14 -15.71 19.30
N ILE C 36 -23.50 -16.87 19.13
CA ILE C 36 -23.62 -17.93 20.13
C ILE C 36 -22.93 -17.56 21.43
N LEU C 37 -21.93 -16.67 21.38
CA LEU C 37 -21.20 -16.31 22.59
C LEU C 37 -22.06 -15.52 23.56
N HIS C 38 -23.05 -14.78 23.06
CA HIS C 38 -23.94 -14.02 23.94
C HIS C 38 -24.66 -14.94 24.91
N GLN C 39 -25.02 -16.14 24.45
CA GLN C 39 -25.74 -17.10 25.27
C GLN C 39 -24.81 -17.95 26.12
N ILE C 40 -23.70 -18.41 25.55
CA ILE C 40 -22.76 -19.25 26.31
C ILE C 40 -22.20 -18.46 27.50
N GLU C 41 -21.95 -17.17 27.32
CA GLU C 41 -21.49 -16.34 28.43
C GLU C 41 -22.53 -16.27 29.54
N ALA C 42 -23.81 -16.16 29.16
CA ALA C 42 -24.87 -16.15 30.15
C ALA C 42 -25.05 -17.50 30.81
N LEU C 43 -24.84 -18.58 30.06
CA LEU C 43 -24.94 -19.92 30.65
C LEU C 43 -23.79 -20.19 31.60
N LYS C 44 -22.57 -19.81 31.22
CA LYS C 44 -21.43 -19.96 32.12
C LYS C 44 -21.63 -19.17 33.40
N ALA C 45 -22.34 -18.04 33.34
CA ALA C 45 -22.54 -17.20 34.52
C ALA C 45 -23.37 -17.88 35.60
N VAL C 46 -24.18 -18.88 35.25
CA VAL C 46 -25.01 -19.57 36.23
C VAL C 46 -24.50 -20.98 36.53
N GLY C 47 -23.32 -21.33 36.04
CA GLY C 47 -22.69 -22.57 36.43
C GLY C 47 -22.79 -23.72 35.45
N VAL C 48 -23.33 -23.50 34.26
CA VAL C 48 -23.38 -24.57 33.27
C VAL C 48 -21.96 -24.95 32.88
N ASP C 49 -21.68 -26.26 32.84
CA ASP C 49 -20.35 -26.74 32.49
C ASP C 49 -20.29 -27.39 31.12
N GLU C 50 -21.41 -27.78 30.53
CA GLU C 50 -21.45 -28.37 29.21
C GLU C 50 -22.68 -27.86 28.46
N VAL C 51 -22.47 -27.47 27.20
CA VAL C 51 -23.53 -26.95 26.35
C VAL C 51 -23.55 -27.79 25.08
N VAL C 52 -24.74 -28.21 24.67
CA VAL C 52 -24.92 -29.04 23.49
C VAL C 52 -25.54 -28.18 22.39
N LEU C 53 -25.01 -28.30 21.18
CA LEU C 53 -25.49 -27.51 20.04
C LEU C 53 -26.33 -28.41 19.13
N ALA C 54 -27.65 -28.29 19.25
CA ALA C 54 -28.59 -29.01 18.39
C ALA C 54 -28.60 -28.34 17.02
N ILE C 55 -27.89 -28.93 16.07
CA ILE C 55 -27.70 -28.31 14.76
C ILE C 55 -28.26 -29.21 13.66
N ASN C 56 -28.21 -28.72 12.42
CA ASN C 56 -28.72 -29.44 11.27
C ASN C 56 -27.64 -29.76 10.24
N TYR C 57 -26.46 -29.16 10.34
CA TYR C 57 -25.42 -29.19 9.33
C TYR C 57 -24.19 -29.92 9.87
N GLN C 58 -23.18 -30.02 9.02
CA GLN C 58 -21.92 -30.69 9.37
C GLN C 58 -21.14 -29.86 10.38
N PRO C 59 -20.88 -30.37 11.58
CA PRO C 59 -20.21 -29.55 12.61
C PRO C 59 -18.73 -29.31 12.35
N GLU C 60 -18.15 -29.89 11.30
CA GLU C 60 -16.73 -29.69 11.01
C GLU C 60 -16.43 -28.24 10.66
N VAL C 61 -17.39 -27.52 10.09
CA VAL C 61 -17.16 -26.16 9.63
C VAL C 61 -16.86 -25.20 10.77
N MET C 62 -17.25 -25.53 12.00
CA MET C 62 -17.04 -24.63 13.13
C MET C 62 -16.24 -25.27 14.27
N LEU C 63 -15.62 -26.43 14.06
CA LEU C 63 -14.82 -27.04 15.11
C LEU C 63 -13.65 -26.16 15.50
N ASN C 64 -13.07 -25.45 14.53
CA ASN C 64 -11.98 -24.53 14.84
C ASN C 64 -12.47 -23.40 15.74
N PHE C 65 -13.69 -22.92 15.51
CA PHE C 65 -14.24 -21.83 16.31
C PHE C 65 -14.65 -22.32 17.69
N LEU C 66 -15.38 -23.44 17.77
CA LEU C 66 -15.87 -23.91 19.05
C LEU C 66 -14.74 -24.35 19.98
N LYS C 67 -13.66 -24.90 19.42
CA LYS C 67 -12.52 -25.28 20.25
C LYS C 67 -11.90 -24.07 20.93
N ASP C 68 -11.94 -22.91 20.27
CA ASP C 68 -11.38 -21.70 20.85
C ASP C 68 -12.25 -21.17 21.98
N PHE C 69 -13.57 -21.27 21.84
CA PHE C 69 -14.46 -20.79 22.89
C PHE C 69 -14.41 -21.68 24.12
N GLU C 70 -14.06 -22.96 23.94
CA GLU C 70 -13.91 -23.87 25.07
C GLU C 70 -12.76 -23.46 25.98
N THR C 71 -11.56 -23.29 25.42
CA THR C 71 -10.40 -22.98 26.24
C THR C 71 -10.51 -21.59 26.86
N LYS C 72 -11.09 -20.63 26.14
CA LYS C 72 -11.17 -19.27 26.67
C LYS C 72 -12.20 -19.16 27.79
N LEU C 73 -13.34 -19.83 27.64
CA LEU C 73 -14.42 -19.73 28.60
C LEU C 73 -14.45 -20.84 29.65
N GLU C 74 -13.58 -21.85 29.53
CA GLU C 74 -13.54 -22.98 30.45
C GLU C 74 -14.89 -23.68 30.53
N ILE C 75 -15.26 -24.29 29.40
CA ILE C 75 -16.56 -24.93 29.27
C ILE C 75 -16.48 -25.94 28.14
N LYS C 76 -17.35 -26.95 28.19
CA LYS C 76 -17.41 -27.99 27.16
C LYS C 76 -18.54 -27.69 26.20
N ILE C 77 -18.23 -27.75 24.90
CA ILE C 77 -19.21 -27.50 23.84
C ILE C 77 -19.20 -28.69 22.90
N THR C 78 -20.34 -29.37 22.78
CA THR C 78 -20.48 -30.53 21.92
C THR C 78 -21.64 -30.33 20.95
N CYS C 79 -21.51 -30.91 19.76
CA CYS C 79 -22.53 -30.80 18.73
C CYS C 79 -23.36 -32.08 18.66
N SER C 80 -24.67 -31.92 18.56
CA SER C 80 -25.62 -33.03 18.40
C SER C 80 -26.34 -32.82 17.08
N GLN C 81 -25.75 -33.32 15.99
CA GLN C 81 -26.32 -33.11 14.66
C GLN C 81 -27.47 -34.09 14.40
N GLU C 82 -28.62 -33.54 14.01
CA GLU C 82 -29.79 -34.35 13.71
C GLU C 82 -29.73 -34.84 12.26
N THR C 83 -30.48 -35.91 11.99
CA THR C 83 -30.52 -36.51 10.66
C THR C 83 -31.66 -35.93 9.83
N GLU C 84 -32.86 -35.89 10.39
CA GLU C 84 -34.04 -35.32 9.75
C GLU C 84 -34.64 -34.29 10.69
N PRO C 85 -35.42 -33.32 10.16
CA PRO C 85 -36.02 -32.29 11.02
C PRO C 85 -36.81 -32.89 12.17
N LEU C 86 -36.28 -32.71 13.39
CA LEU C 86 -36.90 -33.23 14.60
C LEU C 86 -37.77 -32.22 15.33
N GLY C 87 -37.78 -30.96 14.90
CA GLY C 87 -38.61 -29.96 15.54
C GLY C 87 -37.85 -29.20 16.61
N THR C 88 -38.62 -28.64 17.54
CA THR C 88 -38.04 -27.89 18.65
C THR C 88 -37.90 -28.72 19.92
N ALA C 89 -38.65 -29.81 20.06
CA ALA C 89 -38.48 -30.74 21.17
C ALA C 89 -37.75 -32.02 20.77
N GLY C 90 -37.59 -32.27 19.48
CA GLY C 90 -36.93 -33.46 19.00
C GLY C 90 -35.48 -33.58 19.43
N PRO C 91 -34.65 -32.59 19.10
CA PRO C 91 -33.23 -32.66 19.49
C PRO C 91 -32.98 -32.73 20.99
N LEU C 92 -33.99 -32.45 21.83
CA LEU C 92 -33.83 -32.68 23.26
C LEU C 92 -33.69 -34.16 23.56
N ALA C 93 -34.41 -35.01 22.82
CA ALA C 93 -34.30 -36.45 23.01
C ALA C 93 -33.05 -37.00 22.34
N LEU C 94 -32.59 -36.36 21.26
CA LEU C 94 -31.36 -36.78 20.61
C LEU C 94 -30.14 -36.52 21.47
N ALA C 95 -30.24 -35.65 22.47
CA ALA C 95 -29.15 -35.32 23.37
C ALA C 95 -29.46 -35.74 24.81
N ARG C 96 -30.26 -36.80 24.96
CA ARG C 96 -30.63 -37.26 26.30
C ARG C 96 -29.41 -37.67 27.11
N ASP C 97 -28.44 -38.33 26.48
CA ASP C 97 -27.28 -38.81 27.23
C ASP C 97 -26.39 -37.67 27.70
N LYS C 98 -26.36 -36.55 26.97
CA LYS C 98 -25.52 -35.43 27.34
C LYS C 98 -26.21 -34.49 28.34
N LEU C 99 -27.54 -34.43 28.33
CA LEU C 99 -28.25 -33.57 29.26
C LEU C 99 -28.40 -34.20 30.64
N LEU C 100 -28.50 -35.52 30.71
CA LEU C 100 -28.70 -36.22 31.97
C LEU C 100 -27.36 -36.71 32.50
N ASP C 101 -26.89 -36.12 33.59
CA ASP C 101 -25.64 -36.51 34.22
C ASP C 101 -25.85 -37.35 35.47
N GLY C 102 -27.08 -37.47 35.96
CA GLY C 102 -27.37 -38.18 37.18
C GLY C 102 -27.57 -37.29 38.41
N SER C 103 -27.24 -36.00 38.30
CA SER C 103 -27.39 -35.09 39.43
C SER C 103 -28.84 -34.76 39.74
N GLY C 104 -29.76 -35.03 38.83
CA GLY C 104 -31.15 -34.66 39.04
C GLY C 104 -31.42 -33.18 38.94
N GLU C 105 -30.50 -32.43 38.35
CA GLU C 105 -30.57 -30.99 38.20
C GLU C 105 -31.24 -30.62 36.87
N PRO C 106 -31.99 -29.54 36.83
CA PRO C 106 -32.59 -29.10 35.57
C PRO C 106 -31.53 -28.61 34.60
N PHE C 107 -31.93 -28.50 33.34
CA PHE C 107 -31.05 -28.02 32.29
C PHE C 107 -31.72 -26.88 31.54
N PHE C 108 -30.91 -26.01 30.94
CA PHE C 108 -31.41 -24.86 30.19
C PHE C 108 -31.55 -25.22 28.71
N VAL C 109 -32.59 -24.68 28.08
CA VAL C 109 -32.76 -24.76 26.64
C VAL C 109 -33.01 -23.35 26.12
N LEU C 110 -32.15 -22.89 25.22
CA LEU C 110 -32.21 -21.54 24.66
C LEU C 110 -32.36 -21.61 23.15
N ASN C 111 -33.17 -20.70 22.62
CA ASN C 111 -33.26 -20.50 21.18
C ASN C 111 -32.08 -19.65 20.74
N SER C 112 -31.26 -20.18 19.83
CA SER C 112 -30.02 -19.52 19.46
C SER C 112 -30.24 -18.17 18.80
N ASP C 113 -31.41 -17.95 18.20
CA ASP C 113 -31.72 -16.70 17.52
C ASP C 113 -32.22 -15.60 18.45
N VAL C 114 -32.33 -15.87 19.74
CA VAL C 114 -32.90 -14.92 20.70
C VAL C 114 -31.78 -14.17 21.41
N ILE C 115 -31.93 -12.85 21.51
CA ILE C 115 -31.05 -12.01 22.30
C ILE C 115 -31.88 -11.33 23.39
N SER C 116 -31.30 -11.24 24.59
CA SER C 116 -31.96 -10.62 25.73
C SER C 116 -30.89 -10.33 26.78
N GLU C 117 -31.33 -10.04 28.00
CA GLU C 117 -30.40 -9.81 29.11
C GLU C 117 -30.05 -11.09 29.85
N TYR C 118 -30.83 -12.14 29.66
CA TYR C 118 -30.60 -13.48 30.22
C TYR C 118 -30.46 -13.44 31.74
N PRO C 119 -31.55 -13.22 32.48
CA PRO C 119 -31.48 -13.34 33.95
C PRO C 119 -31.63 -14.78 34.42
N LEU C 120 -30.67 -15.62 34.02
CA LEU C 120 -30.79 -17.06 34.26
C LEU C 120 -30.74 -17.38 35.75
N LYS C 121 -30.03 -16.58 36.55
CA LYS C 121 -30.03 -16.79 37.99
C LYS C 121 -31.43 -16.57 38.57
N GLU C 122 -32.09 -15.48 38.15
CA GLU C 122 -33.45 -15.21 38.62
C GLU C 122 -34.42 -16.28 38.15
N MET C 123 -34.19 -16.85 36.97
CA MET C 123 -35.04 -17.94 36.50
C MET C 123 -34.79 -19.23 37.28
N LEU C 124 -33.54 -19.46 37.70
CA LEU C 124 -33.23 -20.68 38.44
C LEU C 124 -33.89 -20.68 39.82
N GLU C 125 -33.88 -19.54 40.51
CA GLU C 125 -34.56 -19.47 41.80
C GLU C 125 -36.07 -19.45 41.64
N PHE C 126 -36.58 -18.86 40.55
CA PHE C 126 -37.99 -18.97 40.23
C PHE C 126 -38.41 -20.41 40.00
N HIS C 127 -37.51 -21.23 39.42
CA HIS C 127 -37.82 -22.62 39.14
C HIS C 127 -38.03 -23.42 40.43
N LYS C 128 -37.16 -23.23 41.42
CA LYS C 128 -37.28 -23.98 42.66
C LYS C 128 -38.50 -23.56 43.49
N SER C 129 -38.95 -22.31 43.34
CA SER C 129 -40.02 -21.81 44.20
C SER C 129 -41.34 -22.53 43.96
N HIS C 130 -41.69 -22.77 42.69
CA HIS C 130 -42.95 -23.44 42.38
C HIS C 130 -42.81 -24.95 42.29
N GLY C 131 -41.58 -25.48 42.27
CA GLY C 131 -41.36 -26.91 42.25
C GLY C 131 -42.02 -27.64 41.10
N GLY C 132 -42.13 -26.98 39.93
CA GLY C 132 -42.75 -27.58 38.78
C GLY C 132 -41.74 -28.29 37.90
N GLU C 133 -42.25 -28.88 36.82
CA GLU C 133 -41.40 -29.67 35.93
C GLU C 133 -40.68 -28.83 34.89
N ALA C 134 -41.28 -27.74 34.43
CA ALA C 134 -40.71 -26.93 33.36
C ALA C 134 -41.00 -25.46 33.61
N SER C 135 -40.01 -24.62 33.31
CA SER C 135 -40.13 -23.18 33.38
C SER C 135 -39.80 -22.58 32.03
N ILE C 136 -40.56 -21.55 31.63
CA ILE C 136 -40.33 -20.85 30.38
C ILE C 136 -40.35 -19.35 30.62
N MET C 137 -39.54 -18.63 29.86
CA MET C 137 -39.57 -17.17 29.91
C MET C 137 -40.66 -16.65 28.98
N VAL C 138 -41.30 -15.56 29.41
CA VAL C 138 -42.40 -14.96 28.66
C VAL C 138 -42.12 -13.46 28.56
N THR C 139 -42.52 -12.88 27.43
CA THR C 139 -42.33 -11.46 27.18
C THR C 139 -43.55 -10.90 26.46
N LYS C 140 -43.83 -9.63 26.69
CA LYS C 140 -44.98 -8.99 26.05
C LYS C 140 -44.63 -8.59 24.62
N VAL C 141 -45.65 -8.60 23.77
CA VAL C 141 -45.53 -8.27 22.37
C VAL C 141 -46.64 -7.28 21.99
N ASP C 142 -46.59 -6.79 20.75
CA ASP C 142 -47.52 -5.76 20.32
C ASP C 142 -48.92 -6.33 20.10
N GLU C 143 -49.03 -7.37 19.27
CA GLU C 143 -50.31 -7.98 18.92
C GLU C 143 -50.31 -9.47 19.21
N PRO C 144 -51.43 -10.03 19.71
CA PRO C 144 -51.45 -11.47 20.01
C PRO C 144 -51.11 -12.35 18.82
N SER C 145 -51.34 -11.87 17.60
CA SER C 145 -51.07 -12.59 16.36
C SER C 145 -49.84 -13.49 16.40
N GLY C 148 -48.54 -16.58 19.29
CA GLY C 148 -49.18 -17.49 20.22
C GLY C 148 -49.07 -17.05 21.66
N VAL C 149 -50.20 -16.65 22.23
CA VAL C 149 -50.25 -16.11 23.59
C VAL C 149 -50.22 -17.25 24.59
N VAL C 150 -49.53 -17.03 25.71
CA VAL C 150 -49.47 -17.98 26.82
C VAL C 150 -50.29 -17.37 27.95
N VAL C 151 -51.50 -17.89 28.14
CA VAL C 151 -52.35 -17.42 29.24
C VAL C 151 -51.84 -18.02 30.54
N MET C 152 -51.68 -17.17 31.55
CA MET C 152 -51.01 -17.55 32.78
C MET C 152 -51.72 -16.92 33.95
N GLU C 153 -51.35 -17.38 35.14
CA GLU C 153 -51.96 -16.89 36.37
C GLU C 153 -51.11 -15.75 36.95
N GLU C 154 -51.79 -14.69 37.39
CA GLU C 154 -51.14 -13.50 37.92
C GLU C 154 -50.77 -13.61 39.39
N SER C 155 -50.73 -14.82 39.94
CA SER C 155 -50.28 -15.01 41.31
C SER C 155 -49.25 -16.12 41.44
N THR C 156 -49.42 -17.23 40.72
CA THR C 156 -48.49 -18.34 40.74
C THR C 156 -47.59 -18.40 39.51
N GLY C 157 -48.07 -17.95 38.35
CA GLY C 157 -47.34 -18.15 37.13
C GLY C 157 -47.76 -19.39 36.36
N ARG C 158 -48.78 -20.09 36.83
CA ARG C 158 -49.23 -21.32 36.18
C ARG C 158 -49.71 -21.08 34.77
N VAL C 159 -49.15 -21.81 33.81
CA VAL C 159 -49.62 -21.73 32.44
C VAL C 159 -50.84 -22.62 32.33
N GLU C 160 -51.90 -22.12 31.70
CA GLU C 160 -53.15 -22.86 31.63
C GLU C 160 -53.44 -23.46 30.27
N LYS C 161 -53.12 -22.76 29.19
CA LYS C 161 -53.31 -23.27 27.83
C LYS C 161 -52.59 -22.35 26.87
N PHE C 162 -52.36 -22.85 25.66
CA PHE C 162 -51.70 -22.11 24.60
C PHE C 162 -52.68 -21.87 23.47
N VAL C 163 -52.85 -20.61 23.08
CA VAL C 163 -53.68 -20.25 21.95
C VAL C 163 -52.77 -20.06 20.76
N GLU C 164 -53.26 -20.38 19.57
CA GLU C 164 -52.46 -20.35 18.35
C GLU C 164 -53.03 -19.33 17.38
N LYS C 165 -52.16 -18.42 16.91
CA LYS C 165 -52.47 -17.22 16.13
C LYS C 165 -53.83 -16.66 16.53
N PRO C 166 -54.04 -16.36 17.81
CA PRO C 166 -55.39 -15.99 18.28
C PRO C 166 -55.89 -14.72 17.62
N LYS C 167 -57.10 -14.80 17.07
CA LYS C 167 -57.80 -13.62 16.56
C LYS C 167 -58.63 -12.92 17.62
N LEU C 168 -58.58 -13.40 18.87
CA LEU C 168 -59.25 -12.78 20.00
C LEU C 168 -58.21 -12.40 21.05
N TYR C 169 -58.58 -11.49 21.94
CA TYR C 169 -57.69 -11.04 23.02
C TYR C 169 -57.80 -11.98 24.21
N VAL C 170 -56.80 -12.85 24.37
CA VAL C 170 -56.70 -13.69 25.57
C VAL C 170 -55.51 -13.33 26.44
N GLY C 171 -54.57 -12.53 25.96
CA GLY C 171 -53.41 -12.16 26.75
C GLY C 171 -52.39 -11.44 25.90
N ASN C 172 -51.31 -11.00 26.56
CA ASN C 172 -50.24 -10.26 25.90
C ASN C 172 -48.86 -10.90 26.04
N LYS C 173 -48.75 -12.08 26.63
CA LYS C 173 -47.46 -12.72 26.85
C LYS C 173 -47.22 -13.83 25.82
N ILE C 174 -45.97 -13.94 25.35
CA ILE C 174 -45.58 -14.96 24.39
C ILE C 174 -44.27 -15.60 24.81
N ASN C 175 -44.03 -16.80 24.30
CA ASN C 175 -42.83 -17.57 24.64
C ASN C 175 -41.57 -16.86 24.14
N ALA C 176 -40.64 -16.60 25.07
CA ALA C 176 -39.40 -15.90 24.77
C ALA C 176 -38.25 -16.83 24.38
N GLY C 177 -38.49 -18.14 24.31
CA GLY C 177 -37.47 -19.06 23.84
C GLY C 177 -36.35 -19.40 24.81
N ILE C 178 -36.58 -19.28 26.11
CA ILE C 178 -35.60 -19.65 27.12
C ILE C 178 -36.30 -20.63 28.07
N TYR C 179 -35.88 -21.89 28.06
CA TYR C 179 -36.53 -22.94 28.83
C TYR C 179 -35.62 -23.46 29.94
N LEU C 180 -36.23 -23.82 31.07
CA LEU C 180 -35.56 -24.54 32.15
C LEU C 180 -36.42 -25.74 32.51
N LEU C 181 -35.96 -26.95 32.14
CA LEU C 181 -36.75 -28.16 32.27
C LEU C 181 -36.08 -29.13 33.23
N ASN C 182 -36.90 -29.78 34.06
CA ASN C 182 -36.42 -30.84 34.93
C ASN C 182 -36.07 -32.09 34.11
N PRO C 183 -35.24 -32.97 34.66
CA PRO C 183 -34.88 -34.18 33.90
C PRO C 183 -36.05 -35.06 33.50
N SER C 184 -37.15 -35.02 34.27
CA SER C 184 -38.33 -35.82 33.95
C SER C 184 -38.95 -35.44 32.61
N VAL C 185 -38.65 -34.25 32.09
CA VAL C 185 -39.20 -33.83 30.79
C VAL C 185 -38.67 -34.74 29.67
N LEU C 186 -37.43 -35.20 29.79
CA LEU C 186 -36.83 -36.01 28.73
C LEU C 186 -37.49 -37.38 28.59
N ASP C 187 -38.25 -37.81 29.60
CA ASP C 187 -39.00 -39.06 29.48
C ASP C 187 -40.30 -38.88 28.70
N LYS C 188 -40.79 -37.66 28.57
CA LYS C 188 -42.00 -37.37 27.80
C LYS C 188 -41.72 -36.98 26.35
N ILE C 189 -40.52 -37.24 25.85
CA ILE C 189 -40.15 -36.89 24.48
C ILE C 189 -39.52 -38.09 23.81
N GLU C 190 -40.09 -38.50 22.68
CA GLU C 190 -39.58 -39.60 21.88
C GLU C 190 -38.57 -39.09 20.84
N LEU C 191 -37.78 -40.01 20.31
CA LEU C 191 -36.81 -39.70 19.27
C LEU C 191 -37.50 -39.63 17.90
N ARG C 192 -38.49 -38.76 17.83
CA ARG C 192 -39.25 -38.50 16.61
C ARG C 192 -39.39 -37.00 16.44
N PRO C 193 -39.69 -36.54 15.22
CA PRO C 193 -40.02 -35.12 15.01
C PRO C 193 -41.18 -34.69 15.91
N THR C 194 -40.91 -33.70 16.77
CA THR C 194 -41.91 -33.22 17.71
C THR C 194 -41.67 -31.74 18.00
N SER C 195 -42.76 -31.02 18.25
CA SER C 195 -42.71 -29.60 18.54
C SER C 195 -42.91 -29.38 20.04
N ILE C 196 -42.06 -28.54 20.63
CA ILE C 196 -42.14 -28.32 22.06
C ILE C 196 -43.32 -27.43 22.42
N GLU C 197 -43.70 -26.51 21.53
CA GLU C 197 -44.78 -25.58 21.83
C GLU C 197 -46.16 -26.18 21.56
N LYS C 198 -46.25 -27.16 20.66
CA LYS C 198 -47.54 -27.74 20.29
C LYS C 198 -47.84 -29.07 20.99
N GLU C 199 -46.81 -29.82 21.39
CA GLU C 199 -47.01 -31.11 22.04
C GLU C 199 -46.54 -31.10 23.49
N THR C 200 -45.24 -30.86 23.70
CA THR C 200 -44.65 -31.10 25.02
C THR C 200 -45.18 -30.10 26.05
N PHE C 201 -45.19 -28.81 25.72
CA PHE C 201 -45.63 -27.80 26.67
C PHE C 201 -47.12 -27.94 26.99
N PRO C 202 -48.01 -28.18 26.01
CA PRO C 202 -49.40 -28.46 26.39
C PRO C 202 -49.55 -29.67 27.28
N LYS C 203 -48.73 -30.70 27.08
CA LYS C 203 -48.77 -31.88 27.94
C LYS C 203 -48.41 -31.49 29.38
N ILE C 204 -47.30 -30.78 29.56
CA ILE C 204 -46.88 -30.38 30.89
C ILE C 204 -47.86 -29.37 31.48
N ALA C 205 -48.42 -28.49 30.64
CA ALA C 205 -49.37 -27.50 31.14
C ALA C 205 -50.66 -28.15 31.62
N ALA C 206 -51.15 -29.15 30.87
CA ALA C 206 -52.35 -29.87 31.31
C ALA C 206 -52.14 -30.53 32.66
N ALA C 207 -50.94 -31.06 32.89
CA ALA C 207 -50.57 -31.67 34.15
C ALA C 207 -50.25 -30.65 35.24
N GLN C 208 -50.57 -29.37 35.03
CA GLN C 208 -50.37 -28.32 36.02
C GLN C 208 -48.91 -28.17 36.43
N GLY C 209 -47.98 -28.43 35.50
CA GLY C 209 -46.57 -28.39 35.84
C GLY C 209 -45.75 -27.45 34.99
N LEU C 210 -46.40 -26.54 34.27
CA LEU C 210 -45.72 -25.54 33.45
C LEU C 210 -45.92 -24.16 34.06
N TYR C 211 -44.81 -23.43 34.24
CA TYR C 211 -44.82 -22.12 34.86
C TYR C 211 -44.05 -21.13 33.99
N ALA C 212 -44.48 -19.88 34.01
CA ALA C 212 -43.91 -18.83 33.16
C ALA C 212 -43.42 -17.67 34.01
N MET C 213 -42.26 -17.13 33.65
CA MET C 213 -41.66 -15.99 34.31
C MET C 213 -41.52 -14.84 33.31
N VAL C 214 -41.97 -13.65 33.72
CA VAL C 214 -41.87 -12.47 32.85
C VAL C 214 -40.41 -12.07 32.70
N LEU C 215 -39.99 -11.85 31.45
CA LEU C 215 -38.60 -11.55 31.14
C LEU C 215 -38.34 -10.05 31.28
N PRO C 216 -37.55 -9.61 32.25
CA PRO C 216 -37.26 -8.18 32.36
C PRO C 216 -36.21 -7.74 31.35
N GLY C 217 -36.47 -6.61 30.72
CA GLY C 217 -35.56 -6.07 29.72
C GLY C 217 -36.02 -6.35 28.31
N PHE C 218 -35.09 -6.10 27.38
CA PHE C 218 -35.36 -6.22 25.97
C PHE C 218 -35.40 -7.69 25.54
N TRP C 219 -36.01 -7.92 24.38
CA TRP C 219 -36.06 -9.26 23.78
C TRP C 219 -36.25 -9.11 22.28
N MET C 220 -35.59 -9.97 21.51
CA MET C 220 -35.72 -9.92 20.07
C MET C 220 -35.24 -11.25 19.48
N ASP C 221 -35.96 -11.73 18.47
CA ASP C 221 -35.59 -12.92 17.70
C ASP C 221 -34.97 -12.42 16.40
N ILE C 222 -33.65 -12.47 16.31
CA ILE C 222 -32.95 -12.00 15.10
C ILE C 222 -32.92 -13.18 14.14
N GLY C 223 -34.05 -13.40 13.47
CA GLY C 223 -34.16 -14.41 12.44
C GLY C 223 -34.00 -13.79 11.07
N GLN C 224 -34.76 -12.72 10.83
CA GLN C 224 -34.74 -11.93 9.61
C GLN C 224 -33.82 -10.72 9.80
N PRO C 225 -33.15 -10.28 8.73
CA PRO C 225 -32.21 -9.16 8.88
C PRO C 225 -32.87 -7.87 9.34
N ARG C 226 -34.17 -7.69 9.06
CA ARG C 226 -34.87 -6.52 9.59
C ARG C 226 -34.87 -6.53 11.11
N ASP C 227 -35.06 -7.71 11.71
CA ASP C 227 -35.00 -7.84 13.16
C ASP C 227 -33.58 -7.79 13.68
N TYR C 228 -32.59 -8.08 12.83
CA TYR C 228 -31.19 -7.96 13.24
C TYR C 228 -30.84 -6.51 13.55
N ILE C 229 -31.32 -5.58 12.70
CA ILE C 229 -31.10 -4.17 12.96
C ILE C 229 -31.83 -3.74 14.23
N THR C 230 -33.11 -4.13 14.35
CA THR C 230 -33.87 -3.81 15.55
C THR C 230 -33.26 -4.47 16.78
N GLY C 231 -32.68 -5.66 16.62
CA GLY C 231 -32.06 -6.33 17.76
C GLY C 231 -30.85 -5.58 18.28
N LEU C 232 -30.02 -5.05 17.38
CA LEU C 232 -28.83 -4.33 17.82
C LEU C 232 -29.20 -3.04 18.55
N ARG C 233 -30.27 -2.37 18.11
CA ARG C 233 -30.69 -1.16 18.80
C ARG C 233 -31.09 -1.45 20.24
N LEU C 234 -31.89 -2.51 20.44
CA LEU C 234 -32.31 -2.88 21.79
C LEU C 234 -31.13 -3.32 22.63
N TYR C 235 -30.21 -4.11 22.05
CA TYR C 235 -29.02 -4.52 22.79
C TYR C 235 -28.19 -3.33 23.21
N LEU C 236 -27.89 -2.42 22.27
CA LEU C 236 -27.09 -1.25 22.59
C LEU C 236 -27.81 -0.35 23.59
N ASP C 237 -29.14 -0.29 23.52
CA ASP C 237 -29.89 0.48 24.51
C ASP C 237 -29.73 -0.14 25.91
N SER C 238 -29.67 -1.46 25.98
CA SER C 238 -29.43 -2.13 27.26
C SER C 238 -28.08 -1.74 27.84
N LEU C 239 -27.05 -1.66 26.98
CA LEU C 239 -25.73 -1.27 27.45
C LEU C 239 -25.74 0.15 28.00
N ARG C 240 -26.51 1.04 27.39
CA ARG C 240 -26.61 2.41 27.88
C ARG C 240 -27.21 2.45 29.28
N LYS C 241 -28.18 1.57 29.56
CA LYS C 241 -28.81 1.56 30.86
C LYS C 241 -27.97 0.83 31.89
N LYS C 242 -27.29 -0.25 31.48
CA LYS C 242 -26.56 -1.12 32.38
C LYS C 242 -25.11 -0.68 32.60
N SER C 243 -24.34 -0.57 31.52
CA SER C 243 -22.92 -0.24 31.60
C SER C 243 -22.56 0.74 30.48
N PRO C 244 -22.77 2.04 30.72
CA PRO C 244 -22.54 3.02 29.64
C PRO C 244 -21.08 3.12 29.21
N ALA C 245 -20.13 2.73 30.05
CA ALA C 245 -18.72 2.83 29.71
C ALA C 245 -18.31 1.85 28.61
N LYS C 246 -19.17 0.89 28.27
CA LYS C 246 -18.87 -0.01 27.15
C LYS C 246 -19.12 0.65 25.80
N LEU C 247 -20.00 1.64 25.77
CA LEU C 247 -20.26 2.40 24.55
C LEU C 247 -19.23 3.52 24.42
N THR C 248 -18.88 3.83 23.18
CA THR C 248 -17.93 4.90 22.91
C THR C 248 -18.68 6.22 22.78
N SER C 249 -17.94 7.32 22.98
CA SER C 249 -18.51 8.66 22.95
C SER C 249 -17.50 9.62 22.35
N GLY C 250 -17.97 10.83 22.06
CA GLY C 250 -17.16 11.84 21.46
C GLY C 250 -17.96 12.78 20.57
N PRO C 251 -17.29 13.76 19.96
CA PRO C 251 -18.01 14.66 19.05
C PRO C 251 -18.44 13.99 17.75
N HIS C 252 -17.81 12.87 17.38
CA HIS C 252 -18.15 12.13 16.18
C HIS C 252 -19.21 11.07 16.43
N ILE C 253 -19.74 10.97 17.65
CA ILE C 253 -20.66 9.92 18.04
C ILE C 253 -22.03 10.52 18.33
N VAL C 254 -23.08 9.87 17.82
CA VAL C 254 -24.45 10.21 18.13
C VAL C 254 -25.16 8.93 18.53
N GLY C 255 -25.84 8.95 19.67
CA GLY C 255 -26.53 7.77 20.15
C GLY C 255 -25.57 6.73 20.71
N ASN C 256 -25.98 5.46 20.62
CA ASN C 256 -25.23 4.34 21.17
C ASN C 256 -24.42 3.69 20.05
N VAL C 257 -23.11 3.64 20.24
CA VAL C 257 -22.20 3.03 19.28
C VAL C 257 -21.24 2.11 20.02
N LEU C 258 -21.03 0.91 19.48
CA LEU C 258 -20.15 -0.10 20.07
C LEU C 258 -18.99 -0.35 19.10
N VAL C 259 -17.81 0.11 19.47
CA VAL C 259 -16.61 -0.01 18.62
C VAL C 259 -15.61 -0.92 19.32
N ASP C 260 -15.16 -1.96 18.61
CA ASP C 260 -14.10 -2.80 19.11
C ASP C 260 -12.83 -1.98 19.36
N GLU C 261 -11.99 -2.47 20.27
CA GLU C 261 -10.81 -1.73 20.67
C GLU C 261 -9.76 -1.67 19.58
N THR C 262 -9.74 -2.66 18.68
CA THR C 262 -8.78 -2.70 17.59
C THR C 262 -9.30 -2.05 16.32
N ALA C 263 -10.49 -1.46 16.35
CA ALA C 263 -11.01 -0.76 15.19
C ALA C 263 -10.47 0.67 15.14
N THR C 264 -10.46 1.23 13.95
CA THR C 264 -9.95 2.57 13.71
C THR C 264 -11.04 3.45 13.12
N ILE C 265 -11.10 4.70 13.60
CA ILE C 265 -12.06 5.68 13.11
C ILE C 265 -11.27 6.91 12.67
N GLY C 266 -11.42 7.27 11.40
CA GLY C 266 -10.74 8.45 10.89
C GLY C 266 -11.37 9.74 11.38
N GLU C 267 -10.71 10.84 11.05
CA GLU C 267 -11.17 12.15 11.47
C GLU C 267 -12.38 12.59 10.66
N GLY C 268 -13.23 13.41 11.29
CA GLY C 268 -14.35 14.00 10.59
C GLY C 268 -15.54 13.08 10.36
N CYS C 269 -15.62 11.97 11.08
CA CYS C 269 -16.74 11.06 10.91
C CYS C 269 -17.95 11.50 11.72
N LEU C 270 -19.09 10.90 11.40
CA LEU C 270 -20.33 11.06 12.18
C LEU C 270 -20.99 9.68 12.21
N ILE C 271 -20.74 8.93 13.27
CA ILE C 271 -21.14 7.53 13.38
C ILE C 271 -22.24 7.41 14.42
N GLY C 272 -23.34 6.76 14.05
CA GLY C 272 -24.45 6.56 14.95
C GLY C 272 -25.74 7.13 14.40
N PRO C 273 -26.86 6.79 15.04
CA PRO C 273 -26.94 5.90 16.21
C PRO C 273 -27.02 4.41 15.87
N ASP C 274 -26.81 3.56 16.87
CA ASP C 274 -27.01 2.11 16.78
C ASP C 274 -26.09 1.48 15.73
N VAL C 275 -24.78 1.66 15.94
CA VAL C 275 -23.76 1.17 15.04
C VAL C 275 -22.81 0.26 15.81
N ALA C 276 -22.43 -0.85 15.20
CA ALA C 276 -21.45 -1.77 15.76
C ALA C 276 -20.29 -1.90 14.77
N ILE C 277 -19.10 -1.50 15.19
CA ILE C 277 -17.89 -1.59 14.38
C ILE C 277 -17.04 -2.71 14.96
N GLY C 278 -16.72 -3.69 14.11
CA GLY C 278 -16.07 -4.90 14.57
C GLY C 278 -14.58 -4.75 14.76
N PRO C 279 -13.94 -5.84 15.15
CA PRO C 279 -12.48 -5.81 15.33
C PRO C 279 -11.76 -5.79 13.99
N GLY C 280 -10.66 -5.05 13.95
CA GLY C 280 -9.86 -4.94 12.75
C GLY C 280 -10.44 -4.07 11.68
N CYS C 281 -11.51 -3.32 11.97
CA CYS C 281 -12.11 -2.46 10.98
C CYS C 281 -11.34 -1.16 10.83
N ILE C 282 -11.41 -0.59 9.64
CA ILE C 282 -10.80 0.69 9.34
C ILE C 282 -11.89 1.56 8.71
N VAL C 283 -12.36 2.56 9.45
CA VAL C 283 -13.29 3.55 8.94
C VAL C 283 -12.49 4.82 8.67
N GLU C 284 -12.42 5.22 7.40
CA GLU C 284 -11.57 6.33 7.00
C GLU C 284 -12.26 7.66 7.32
N SER C 285 -11.74 8.74 6.76
CA SER C 285 -12.21 10.08 7.11
C SER C 285 -13.59 10.36 6.51
N GLY C 286 -14.35 11.19 7.21
CA GLY C 286 -15.59 11.73 6.66
C GLY C 286 -16.65 10.71 6.34
N VAL C 287 -16.64 9.57 7.01
CA VAL C 287 -17.62 8.51 6.78
C VAL C 287 -18.85 8.77 7.65
N ARG C 288 -20.03 8.46 7.11
CA ARG C 288 -21.29 8.56 7.83
C ARG C 288 -21.87 7.17 8.00
N LEU C 289 -21.96 6.69 9.23
CA LEU C 289 -22.56 5.40 9.55
C LEU C 289 -23.73 5.62 10.50
N SER C 290 -24.84 4.92 10.24
CA SER C 290 -26.00 4.98 11.11
C SER C 290 -26.81 3.71 10.97
N ARG C 291 -27.22 3.14 12.11
CA ARG C 291 -28.10 1.96 12.14
C ARG C 291 -27.54 0.82 11.30
N CYS C 292 -26.23 0.61 11.39
CA CYS C 292 -25.57 -0.40 10.57
C CYS C 292 -24.63 -1.23 11.41
N THR C 293 -24.32 -2.42 10.90
CA THR C 293 -23.35 -3.33 11.50
C THR C 293 -22.17 -3.48 10.55
N VAL C 294 -20.99 -3.21 11.07
CA VAL C 294 -19.74 -3.33 10.30
C VAL C 294 -18.96 -4.47 10.93
N MET C 295 -18.86 -5.59 10.20
CA MET C 295 -18.32 -6.81 10.77
C MET C 295 -16.80 -6.81 10.71
N ARG C 296 -16.19 -7.94 11.08
CA ARG C 296 -14.75 -8.00 11.31
C ARG C 296 -13.96 -7.66 10.04
N GLY C 297 -13.08 -6.68 10.14
CA GLY C 297 -12.06 -6.46 9.13
C GLY C 297 -12.48 -5.75 7.87
N VAL C 298 -13.63 -5.08 7.86
CA VAL C 298 -14.05 -4.35 6.66
C VAL C 298 -13.49 -2.95 6.71
N ARG C 299 -13.31 -2.35 5.53
CA ARG C 299 -12.79 -1.01 5.39
C ARG C 299 -13.84 -0.14 4.70
N ILE C 300 -14.17 0.99 5.33
CA ILE C 300 -15.09 1.96 4.74
C ILE C 300 -14.25 3.18 4.35
N LYS C 301 -14.10 3.40 3.05
CA LYS C 301 -13.23 4.46 2.56
C LYS C 301 -13.90 5.83 2.72
N LYS C 302 -13.10 6.86 2.45
CA LYS C 302 -13.46 8.23 2.79
C LYS C 302 -14.77 8.67 2.13
N HIS C 303 -15.57 9.42 2.90
CA HIS C 303 -16.77 10.13 2.45
C HIS C 303 -17.94 9.21 2.13
N ALA C 304 -17.82 7.91 2.40
CA ALA C 304 -18.93 7.01 2.19
C ALA C 304 -20.03 7.27 3.22
N CYS C 305 -21.25 6.87 2.86
CA CYS C 305 -22.42 7.08 3.71
C CYS C 305 -23.24 5.80 3.73
N ILE C 306 -23.21 5.09 4.85
CA ILE C 306 -23.92 3.82 5.01
C ILE C 306 -25.01 4.01 6.06
N SER C 307 -26.19 3.47 5.77
CA SER C 307 -27.30 3.54 6.71
C SER C 307 -28.17 2.29 6.58
N SER C 308 -28.60 1.76 7.72
CA SER C 308 -29.55 0.66 7.79
C SER C 308 -29.12 -0.53 6.92
N SER C 309 -27.90 -1.00 7.16
CA SER C 309 -27.33 -2.06 6.33
C SER C 309 -26.40 -2.94 7.16
N ILE C 310 -25.99 -4.05 6.58
CA ILE C 310 -25.09 -5.01 7.22
C ILE C 310 -23.97 -5.34 6.25
N ILE C 311 -22.74 -4.97 6.60
CA ILE C 311 -21.58 -5.21 5.77
C ILE C 311 -20.83 -6.43 6.33
N GLY C 312 -20.71 -7.47 5.50
CA GLY C 312 -20.08 -8.70 5.94
C GLY C 312 -18.57 -8.57 6.14
N TRP C 313 -17.99 -9.66 6.63
CA TRP C 313 -16.59 -9.65 7.04
C TRP C 313 -15.66 -9.36 5.87
N HIS C 314 -14.65 -8.52 6.12
CA HIS C 314 -13.55 -8.24 5.19
C HIS C 314 -14.02 -7.61 3.89
N SER C 315 -15.17 -6.95 3.89
CA SER C 315 -15.62 -6.23 2.73
C SER C 315 -14.94 -4.87 2.64
N THR C 316 -15.09 -4.22 1.48
CA THR C 316 -14.53 -2.90 1.26
C THR C 316 -15.55 -2.04 0.54
N VAL C 317 -15.86 -0.87 1.11
CA VAL C 317 -16.80 0.07 0.53
C VAL C 317 -15.99 1.27 0.03
N GLY C 318 -16.19 1.61 -1.24
CA GLY C 318 -15.38 2.62 -1.88
C GLY C 318 -15.70 4.04 -1.43
N GLN C 319 -14.85 4.96 -1.87
CA GLN C 319 -15.03 6.37 -1.54
C GLN C 319 -16.33 6.91 -2.14
N TRP C 320 -17.04 7.71 -1.36
CA TRP C 320 -18.30 8.34 -1.75
C TRP C 320 -19.39 7.34 -2.10
N ALA C 321 -19.20 6.07 -1.77
CA ALA C 321 -20.24 5.08 -1.98
C ALA C 321 -21.41 5.33 -1.03
N ARG C 322 -22.60 4.95 -1.49
CA ARG C 322 -23.84 5.20 -0.76
C ARG C 322 -24.61 3.89 -0.63
N ILE C 323 -24.71 3.38 0.59
CA ILE C 323 -25.35 2.11 0.88
C ILE C 323 -26.48 2.36 1.89
N GLU C 324 -27.68 1.90 1.56
CA GLU C 324 -28.83 2.19 2.40
C GLU C 324 -29.92 1.15 2.18
N ASN C 325 -30.91 1.18 3.07
CA ASN C 325 -32.16 0.44 2.95
C ASN C 325 -31.95 -1.08 2.94
N MET C 326 -31.45 -1.58 4.06
CA MET C 326 -31.34 -3.02 4.31
C MET C 326 -30.46 -3.71 3.26
N THR C 327 -29.33 -3.09 2.95
CA THR C 327 -28.32 -3.73 2.11
C THR C 327 -27.52 -4.72 2.95
N ILE C 328 -27.34 -5.93 2.42
CA ILE C 328 -26.59 -6.98 3.10
C ILE C 328 -25.47 -7.40 2.16
N LEU C 329 -24.24 -7.04 2.51
CA LEU C 329 -23.06 -7.44 1.75
C LEU C 329 -22.47 -8.69 2.38
N GLY C 330 -22.27 -9.72 1.56
CA GLY C 330 -21.67 -10.94 2.03
C GLY C 330 -20.20 -10.81 2.41
N GLU C 331 -19.51 -11.94 2.50
CA GLU C 331 -18.09 -11.92 2.86
C GLU C 331 -17.24 -11.47 1.69
N ASP C 332 -16.29 -10.57 1.97
CA ASP C 332 -15.26 -10.18 1.01
C ASP C 332 -15.89 -9.54 -0.24
N VAL C 333 -16.83 -8.63 -0.01
CA VAL C 333 -17.50 -7.92 -1.09
C VAL C 333 -16.82 -6.57 -1.28
N HIS C 334 -16.52 -6.23 -2.53
CA HIS C 334 -15.84 -4.97 -2.86
C HIS C 334 -16.82 -4.09 -3.62
N VAL C 335 -17.20 -2.97 -3.00
CA VAL C 335 -18.08 -1.98 -3.62
C VAL C 335 -17.20 -0.84 -4.13
N SER C 336 -17.27 -0.58 -5.43
CA SER C 336 -16.42 0.42 -6.05
C SER C 336 -16.78 1.82 -5.55
N ASP C 337 -15.89 2.77 -5.81
CA ASP C 337 -16.11 4.15 -5.41
C ASP C 337 -17.37 4.70 -6.09
N GLU C 338 -18.06 5.59 -5.37
CA GLU C 338 -19.20 6.35 -5.93
C GLU C 338 -20.31 5.43 -6.42
N ILE C 339 -20.53 4.31 -5.75
CA ILE C 339 -21.58 3.36 -6.12
C ILE C 339 -22.74 3.50 -5.14
N TYR C 340 -23.95 3.35 -5.66
CA TYR C 340 -25.16 3.43 -4.86
C TYR C 340 -25.79 2.04 -4.74
N SER C 341 -26.22 1.70 -3.53
CA SER C 341 -26.86 0.41 -3.26
C SER C 341 -28.09 0.65 -2.39
N ASN C 342 -29.25 0.24 -2.90
CA ASN C 342 -30.51 0.35 -2.17
C ASN C 342 -31.12 -1.05 -2.09
N GLY C 343 -31.00 -1.67 -0.92
CA GLY C 343 -31.54 -3.01 -0.73
C GLY C 343 -30.76 -4.09 -1.43
N GLY C 344 -29.49 -3.85 -1.76
CA GLY C 344 -28.70 -4.86 -2.45
C GLY C 344 -28.38 -6.03 -1.55
N VAL C 345 -28.46 -7.23 -2.11
CA VAL C 345 -28.12 -8.48 -1.43
C VAL C 345 -27.15 -9.22 -2.34
N VAL C 346 -25.85 -9.04 -2.11
CA VAL C 346 -24.83 -9.51 -3.03
C VAL C 346 -24.11 -10.70 -2.40
N LEU C 347 -23.93 -11.77 -3.20
CA LEU C 347 -23.25 -12.96 -2.75
C LEU C 347 -21.79 -12.68 -2.42
N PRO C 348 -21.16 -13.52 -1.60
CA PRO C 348 -19.77 -13.25 -1.20
C PRO C 348 -18.81 -13.21 -2.38
N HIS C 349 -17.72 -12.46 -2.17
CA HIS C 349 -16.56 -12.31 -3.07
C HIS C 349 -16.87 -11.51 -4.32
N LYS C 350 -18.10 -11.08 -4.54
CA LYS C 350 -18.44 -10.33 -5.74
C LYS C 350 -17.94 -8.89 -5.64
N GLU C 351 -17.71 -8.28 -6.81
CA GLU C 351 -17.36 -6.87 -6.91
C GLU C 351 -18.52 -6.12 -7.54
N ILE C 352 -18.98 -5.07 -6.86
CA ILE C 352 -20.10 -4.27 -7.31
C ILE C 352 -19.51 -3.03 -7.97
N LYS C 353 -19.56 -3.00 -9.31
CA LYS C 353 -19.08 -1.87 -10.08
C LYS C 353 -20.20 -1.02 -10.67
N SER C 354 -21.44 -1.51 -10.60
CA SER C 354 -22.60 -0.77 -11.07
C SER C 354 -23.60 -0.62 -9.93
N ASN C 355 -24.46 0.39 -10.04
CA ASN C 355 -25.46 0.64 -9.01
C ASN C 355 -26.41 -0.54 -8.87
N ILE C 356 -26.98 -0.66 -7.66
CA ILE C 356 -28.02 -1.64 -7.36
C ILE C 356 -29.26 -0.86 -6.94
N LEU C 357 -30.34 -0.99 -7.70
CA LEU C 357 -31.58 -0.28 -7.43
C LEU C 357 -32.76 -1.23 -7.22
N LYS C 358 -32.49 -2.49 -6.84
CA LYS C 358 -33.52 -3.47 -6.56
C LYS C 358 -33.48 -3.85 -5.08
N PRO C 359 -34.41 -3.34 -4.26
CA PRO C 359 -34.46 -3.62 -2.82
C PRO C 359 -34.53 -5.11 -2.48
N MET D 3 -21.36 47.57 -38.00
CA MET D 3 -21.84 46.25 -38.37
C MET D 3 -22.83 45.72 -37.32
N LYS D 4 -23.93 45.14 -37.78
CA LYS D 4 -25.02 44.72 -36.92
C LYS D 4 -25.15 43.21 -36.91
N ALA D 5 -25.96 42.71 -35.97
CA ALA D 5 -26.17 41.29 -35.81
C ALA D 5 -27.54 41.04 -35.19
N LEU D 6 -28.12 39.90 -35.53
CA LEU D 6 -29.41 39.46 -35.00
C LEU D 6 -29.25 38.09 -34.37
N ILE D 7 -29.75 37.93 -33.15
CA ILE D 7 -29.66 36.68 -32.41
C ILE D 7 -31.06 36.10 -32.29
N LEU D 8 -31.29 34.96 -32.93
CA LEU D 8 -32.59 34.27 -32.90
C LEU D 8 -32.73 33.55 -31.56
N VAL D 9 -33.46 34.15 -30.63
CA VAL D 9 -33.65 33.58 -29.29
C VAL D 9 -34.84 32.64 -29.31
N GLY D 10 -36.04 33.18 -29.56
CA GLY D 10 -37.29 32.45 -29.52
C GLY D 10 -38.18 32.69 -28.33
N GLY D 11 -38.83 31.62 -27.82
CA GLY D 11 -39.80 31.76 -26.75
C GLY D 11 -39.43 31.22 -25.38
N PHE D 12 -38.42 31.82 -24.75
CA PHE D 12 -37.98 31.48 -23.40
C PHE D 12 -37.39 30.07 -23.24
N GLY D 13 -37.88 29.07 -23.98
CA GLY D 13 -37.25 27.77 -23.86
C GLY D 13 -37.95 26.82 -22.91
N THR D 14 -39.11 26.29 -23.31
CA THR D 14 -39.81 25.35 -22.44
C THR D 14 -39.00 24.07 -22.21
N ARG D 15 -38.22 23.64 -23.21
CA ARG D 15 -37.48 22.39 -23.11
C ARG D 15 -36.34 22.44 -22.10
N LEU D 16 -36.06 23.60 -21.49
CA LEU D 16 -35.00 23.69 -20.49
C LEU D 16 -35.55 23.98 -19.10
N ARG D 17 -36.84 23.82 -18.88
CA ARG D 17 -37.39 23.92 -17.53
C ARG D 17 -36.83 22.78 -16.67
N PRO D 18 -36.69 23.00 -15.35
CA PRO D 18 -37.10 24.18 -14.59
C PRO D 18 -36.05 25.30 -14.55
N LEU D 19 -35.00 25.18 -15.35
CA LEU D 19 -33.98 26.23 -15.36
C LEU D 19 -34.53 27.52 -15.95
N THR D 20 -35.40 27.43 -16.96
CA THR D 20 -35.96 28.61 -17.60
C THR D 20 -37.16 29.18 -16.87
N LEU D 21 -37.57 28.58 -15.75
CA LEU D 21 -38.60 29.17 -14.91
C LEU D 21 -38.08 30.33 -14.07
N SER D 22 -36.77 30.53 -13.99
CA SER D 22 -36.16 31.62 -13.26
C SER D 22 -35.51 32.67 -14.16
N PHE D 23 -34.90 32.24 -15.27
CA PHE D 23 -34.23 33.10 -16.22
C PHE D 23 -34.53 32.57 -17.63
N PRO D 24 -34.76 33.45 -18.59
CA PRO D 24 -35.06 32.98 -19.95
C PRO D 24 -33.88 32.23 -20.55
N LYS D 25 -34.17 31.48 -21.63
CA LYS D 25 -33.19 30.65 -22.33
C LYS D 25 -31.84 31.32 -22.57
N PRO D 26 -31.74 32.56 -23.06
CA PRO D 26 -30.40 33.12 -23.30
C PRO D 26 -29.67 33.55 -22.05
N LEU D 27 -30.35 33.61 -20.90
CA LEU D 27 -29.71 34.03 -19.66
C LEU D 27 -29.26 32.87 -18.78
N VAL D 28 -29.60 31.63 -19.13
CA VAL D 28 -29.13 30.47 -18.39
C VAL D 28 -27.63 30.36 -18.55
N ASP D 29 -26.93 30.19 -17.42
CA ASP D 29 -25.47 30.15 -17.44
C ASP D 29 -24.96 28.94 -18.21
N PHE D 30 -23.92 29.15 -19.01
CA PHE D 30 -23.20 28.06 -19.66
C PHE D 30 -21.71 28.35 -19.51
N ALA D 31 -21.01 27.43 -18.86
CA ALA D 31 -19.57 27.60 -18.56
C ALA D 31 -19.32 28.88 -17.78
N ASN D 32 -20.15 29.13 -16.76
CA ASN D 32 -20.03 30.18 -15.76
C ASN D 32 -20.43 31.56 -16.28
N LYS D 33 -20.89 31.69 -17.52
CA LYS D 33 -21.42 32.94 -18.01
C LYS D 33 -22.73 32.71 -18.73
N PRO D 34 -23.63 33.69 -18.74
CA PRO D 34 -24.92 33.52 -19.43
C PRO D 34 -24.73 33.12 -20.89
N MET D 35 -25.60 32.21 -21.34
CA MET D 35 -25.51 31.65 -22.70
C MET D 35 -25.31 32.73 -23.75
N ILE D 36 -26.02 33.85 -23.62
CA ILE D 36 -26.01 34.87 -24.67
C ILE D 36 -24.66 35.57 -24.75
N LEU D 37 -23.90 35.61 -23.65
CA LEU D 37 -22.62 36.32 -23.66
C LEU D 37 -21.59 35.63 -24.56
N HIS D 38 -21.69 34.32 -24.74
CA HIS D 38 -20.75 33.62 -25.61
C HIS D 38 -20.79 34.16 -27.04
N GLN D 39 -21.99 34.52 -27.50
CA GLN D 39 -22.15 35.05 -28.85
C GLN D 39 -21.90 36.56 -28.92
N ILE D 40 -22.40 37.31 -27.93
CA ILE D 40 -22.21 38.75 -27.92
C ILE D 40 -20.72 39.09 -27.84
N GLU D 41 -19.97 38.32 -27.05
CA GLU D 41 -18.53 38.54 -26.98
C GLU D 41 -17.86 38.22 -28.31
N ALA D 42 -18.32 37.17 -28.99
CA ALA D 42 -17.76 36.83 -30.30
C ALA D 42 -18.13 37.85 -31.37
N LEU D 43 -19.33 38.43 -31.27
CA LEU D 43 -19.74 39.46 -32.21
C LEU D 43 -18.94 40.75 -31.98
N LYS D 44 -18.75 41.13 -30.73
CA LYS D 44 -17.92 42.28 -30.41
C LYS D 44 -16.51 42.12 -30.95
N ALA D 45 -16.01 40.87 -31.01
CA ALA D 45 -14.65 40.61 -31.46
C ALA D 45 -14.44 40.95 -32.93
N VAL D 46 -15.49 40.97 -33.74
CA VAL D 46 -15.37 41.27 -35.17
C VAL D 46 -15.91 42.65 -35.52
N GLY D 47 -16.24 43.46 -34.51
CA GLY D 47 -16.61 44.84 -34.76
C GLY D 47 -18.09 45.13 -34.72
N VAL D 48 -18.93 44.17 -34.34
CA VAL D 48 -20.36 44.43 -34.21
C VAL D 48 -20.56 45.47 -33.12
N ASP D 49 -21.38 46.48 -33.41
CA ASP D 49 -21.66 47.53 -32.44
C ASP D 49 -23.06 47.50 -31.87
N GLU D 50 -23.99 46.78 -32.51
CA GLU D 50 -25.36 46.67 -32.02
C GLU D 50 -25.86 45.26 -32.26
N VAL D 51 -26.54 44.69 -31.26
CA VAL D 51 -27.06 43.33 -31.34
C VAL D 51 -28.55 43.37 -31.04
N VAL D 52 -29.34 42.71 -31.89
CA VAL D 52 -30.79 42.65 -31.76
C VAL D 52 -31.18 41.26 -31.31
N LEU D 53 -32.07 41.19 -30.32
CA LEU D 53 -32.54 39.92 -29.76
C LEU D 53 -33.96 39.67 -30.25
N ALA D 54 -34.08 38.82 -31.28
CA ALA D 54 -35.39 38.42 -31.81
C ALA D 54 -36.04 37.45 -30.83
N ILE D 55 -36.98 37.94 -30.04
CA ILE D 55 -37.58 37.13 -28.98
C ILE D 55 -39.07 36.98 -29.19
N ASN D 56 -39.71 36.21 -28.31
CA ASN D 56 -41.14 35.95 -28.38
C ASN D 56 -41.88 36.43 -27.13
N TYR D 57 -41.17 36.75 -26.06
CA TYR D 57 -41.74 37.00 -24.74
C TYR D 57 -41.53 38.46 -24.35
N GLN D 58 -42.01 38.81 -23.17
CA GLN D 58 -41.90 40.18 -22.67
C GLN D 58 -40.45 40.48 -22.33
N PRO D 59 -39.80 41.44 -22.99
CA PRO D 59 -38.37 41.69 -22.75
C PRO D 59 -38.07 42.37 -21.42
N GLU D 60 -39.09 42.78 -20.67
CA GLU D 60 -38.84 43.46 -19.40
C GLU D 60 -38.18 42.54 -18.37
N VAL D 61 -38.44 41.23 -18.47
CA VAL D 61 -37.91 40.30 -17.48
C VAL D 61 -36.39 40.20 -17.51
N MET D 62 -35.76 40.58 -18.62
CA MET D 62 -34.31 40.47 -18.76
C MET D 62 -33.65 41.80 -19.08
N LEU D 63 -34.39 42.90 -19.04
CA LEU D 63 -33.80 44.22 -19.30
C LEU D 63 -32.76 44.57 -18.25
N ASN D 64 -32.95 44.12 -17.02
CA ASN D 64 -32.01 44.41 -15.95
C ASN D 64 -30.63 43.84 -16.26
N PHE D 65 -30.59 42.66 -16.89
CA PHE D 65 -29.32 42.02 -17.22
C PHE D 65 -28.66 42.69 -18.43
N LEU D 66 -29.44 42.97 -19.49
CA LEU D 66 -28.86 43.56 -20.69
C LEU D 66 -28.29 44.94 -20.42
N LYS D 67 -28.89 45.66 -19.47
CA LYS D 67 -28.35 46.98 -19.11
C LYS D 67 -26.93 46.87 -18.60
N ASP D 68 -26.61 45.77 -17.91
CA ASP D 68 -25.25 45.55 -17.40
C ASP D 68 -24.30 45.13 -18.52
N PHE D 69 -24.78 44.29 -19.45
CA PHE D 69 -23.92 43.83 -20.53
C PHE D 69 -23.60 44.93 -21.54
N GLU D 70 -24.48 45.93 -21.66
CA GLU D 70 -24.23 47.04 -22.58
C GLU D 70 -23.03 47.87 -22.12
N THR D 71 -23.08 48.37 -20.88
CA THR D 71 -22.00 49.21 -20.37
C THR D 71 -20.71 48.43 -20.16
N LYS D 72 -20.82 47.16 -19.77
CA LYS D 72 -19.61 46.38 -19.47
C LYS D 72 -18.84 46.05 -20.74
N LEU D 73 -19.55 45.69 -21.81
CA LEU D 73 -18.91 45.30 -23.06
C LEU D 73 -18.83 46.43 -24.08
N GLU D 74 -19.41 47.59 -23.80
CA GLU D 74 -19.47 48.71 -24.72
C GLU D 74 -20.15 48.28 -26.03
N ILE D 75 -21.45 48.02 -25.89
CA ILE D 75 -22.25 47.44 -26.96
C ILE D 75 -23.70 47.82 -26.73
N LYS D 76 -24.47 47.88 -27.81
CA LYS D 76 -25.90 48.17 -27.73
C LYS D 76 -26.67 46.87 -27.91
N ILE D 77 -27.62 46.62 -27.01
CA ILE D 77 -28.45 45.42 -27.06
C ILE D 77 -29.91 45.86 -27.04
N THR D 78 -30.65 45.53 -28.10
CA THR D 78 -32.04 45.89 -28.22
C THR D 78 -32.88 44.63 -28.44
N CYS D 79 -34.11 44.67 -27.94
CA CYS D 79 -35.03 43.55 -28.05
C CYS D 79 -36.02 43.78 -29.19
N SER D 80 -36.25 42.75 -29.98
CA SER D 80 -37.20 42.77 -31.09
C SER D 80 -38.26 41.70 -30.82
N GLN D 81 -39.30 42.09 -30.10
CA GLN D 81 -40.35 41.15 -29.71
C GLN D 81 -41.30 40.91 -30.89
N GLU D 82 -41.55 39.64 -31.18
CA GLU D 82 -42.39 39.28 -32.31
C GLU D 82 -43.87 39.37 -31.92
N THR D 83 -44.72 39.63 -32.92
CA THR D 83 -46.16 39.78 -32.70
C THR D 83 -46.95 38.52 -33.01
N GLU D 84 -46.86 38.03 -34.23
CA GLU D 84 -47.53 36.81 -34.68
C GLU D 84 -46.53 35.93 -35.40
N PRO D 85 -46.77 34.61 -35.45
CA PRO D 85 -45.84 33.73 -36.16
C PRO D 85 -45.63 34.10 -37.62
N LEU D 86 -44.45 34.65 -37.94
CA LEU D 86 -44.04 34.95 -39.30
C LEU D 86 -43.10 33.89 -39.85
N GLY D 87 -42.78 32.88 -39.07
CA GLY D 87 -41.90 31.81 -39.49
C GLY D 87 -40.47 32.00 -39.01
N THR D 88 -39.54 31.40 -39.76
CA THR D 88 -38.13 31.44 -39.44
C THR D 88 -37.40 32.58 -40.12
N ALA D 89 -38.00 33.17 -41.15
CA ALA D 89 -37.46 34.36 -41.81
C ALA D 89 -38.16 35.63 -41.35
N GLY D 90 -39.22 35.50 -40.56
CA GLY D 90 -39.98 36.63 -40.09
C GLY D 90 -39.22 37.65 -39.25
N PRO D 91 -38.62 37.23 -38.15
CA PRO D 91 -37.90 38.20 -37.29
C PRO D 91 -36.78 38.95 -37.99
N LEU D 92 -36.33 38.49 -39.16
CA LEU D 92 -35.40 39.28 -39.95
C LEU D 92 -36.09 40.54 -40.50
N ALA D 93 -37.36 40.42 -40.88
CA ALA D 93 -38.09 41.58 -41.40
C ALA D 93 -38.55 42.51 -40.28
N LEU D 94 -38.82 41.97 -39.08
CA LEU D 94 -39.21 42.80 -37.96
C LEU D 94 -38.07 43.70 -37.47
N ALA D 95 -36.82 43.37 -37.82
CA ALA D 95 -35.66 44.14 -37.39
C ALA D 95 -34.96 44.84 -38.56
N ARG D 96 -35.72 45.19 -39.61
CA ARG D 96 -35.12 45.88 -40.75
C ARG D 96 -34.54 47.22 -40.32
N ASP D 97 -35.23 47.94 -39.44
CA ASP D 97 -34.78 49.27 -39.04
C ASP D 97 -33.53 49.20 -38.17
N LYS D 98 -33.37 48.13 -37.39
CA LYS D 98 -32.21 48.00 -36.51
C LYS D 98 -31.02 47.34 -37.19
N LEU D 99 -31.24 46.46 -38.16
CA LEU D 99 -30.14 45.78 -38.84
C LEU D 99 -29.48 46.63 -39.92
N LEU D 100 -30.26 47.47 -40.59
CA LEU D 100 -29.75 48.28 -41.70
C LEU D 100 -29.37 49.66 -41.18
N ASP D 101 -28.08 49.96 -41.22
CA ASP D 101 -27.53 51.21 -40.74
C ASP D 101 -27.25 52.22 -41.85
N GLY D 102 -27.33 51.80 -43.11
CA GLY D 102 -26.99 52.66 -44.22
C GLY D 102 -25.59 52.44 -44.76
N SER D 103 -24.76 51.71 -44.02
CA SER D 103 -23.39 51.44 -44.42
C SER D 103 -23.29 50.43 -45.56
N GLY D 104 -24.37 49.71 -45.87
CA GLY D 104 -24.30 48.70 -46.89
C GLY D 104 -23.49 47.48 -46.49
N GLU D 105 -23.26 47.28 -45.20
CA GLU D 105 -22.48 46.23 -44.58
C GLU D 105 -23.36 45.03 -44.27
N PRO D 106 -22.82 43.82 -44.37
CA PRO D 106 -23.60 42.64 -44.01
C PRO D 106 -23.88 42.60 -42.52
N PHE D 107 -24.84 41.75 -42.15
CA PHE D 107 -25.22 41.56 -40.76
C PHE D 107 -25.18 40.08 -40.41
N PHE D 108 -24.95 39.80 -39.13
CA PHE D 108 -24.89 38.43 -38.63
C PHE D 108 -26.25 37.98 -38.12
N VAL D 109 -26.56 36.71 -38.32
CA VAL D 109 -27.74 36.08 -37.73
C VAL D 109 -27.24 34.83 -37.00
N LEU D 110 -27.48 34.78 -35.70
CA LEU D 110 -27.00 33.68 -34.87
C LEU D 110 -28.19 33.00 -34.18
N ASN D 111 -28.15 31.67 -34.15
CA ASN D 111 -29.11 30.90 -33.37
C ASN D 111 -28.62 30.81 -31.93
N SER D 112 -29.43 31.30 -30.98
CA SER D 112 -29.01 31.34 -29.59
C SER D 112 -28.84 29.96 -28.98
N ASP D 113 -29.46 28.93 -29.58
CA ASP D 113 -29.38 27.57 -29.05
C ASP D 113 -28.09 26.85 -29.45
N VAL D 114 -27.26 27.47 -30.27
CA VAL D 114 -26.05 26.86 -30.80
C VAL D 114 -24.84 27.36 -30.01
N ILE D 115 -23.93 26.45 -29.70
CA ILE D 115 -22.63 26.81 -29.15
C ILE D 115 -21.56 26.35 -30.13
N SER D 116 -20.53 27.17 -30.29
CA SER D 116 -19.45 26.87 -31.22
C SER D 116 -18.24 27.72 -30.85
N GLU D 117 -17.24 27.73 -31.74
CA GLU D 117 -16.05 28.54 -31.54
C GLU D 117 -16.14 29.91 -32.20
N TYR D 118 -17.09 30.10 -33.12
CA TYR D 118 -17.41 31.36 -33.78
C TYR D 118 -16.21 31.98 -34.48
N PRO D 119 -15.77 31.44 -35.62
CA PRO D 119 -14.72 32.09 -36.42
C PRO D 119 -15.30 33.17 -37.33
N LEU D 120 -15.90 34.20 -36.71
CA LEU D 120 -16.63 35.20 -37.47
C LEU D 120 -15.74 36.03 -38.36
N LYS D 121 -14.48 36.24 -37.97
CA LYS D 121 -13.55 36.98 -38.81
C LYS D 121 -13.28 36.23 -40.12
N GLU D 122 -13.00 34.93 -40.01
CA GLU D 122 -12.77 34.13 -41.21
C GLU D 122 -14.04 34.01 -42.05
N MET D 123 -15.22 34.00 -41.41
CA MET D 123 -16.45 33.99 -42.18
C MET D 123 -16.68 35.30 -42.90
N LEU D 124 -16.26 36.41 -42.31
CA LEU D 124 -16.43 37.72 -42.94
C LEU D 124 -15.57 37.82 -44.20
N GLU D 125 -14.33 37.34 -44.13
CA GLU D 125 -13.48 37.35 -45.31
C GLU D 125 -13.92 36.29 -46.31
N PHE D 126 -14.43 35.15 -45.83
CA PHE D 126 -15.03 34.18 -46.72
C PHE D 126 -16.21 34.78 -47.48
N HIS D 127 -16.97 35.66 -46.82
CA HIS D 127 -18.10 36.32 -47.46
C HIS D 127 -17.63 37.24 -48.57
N LYS D 128 -16.61 38.05 -48.30
CA LYS D 128 -16.10 38.98 -49.29
C LYS D 128 -15.38 38.26 -50.43
N SER D 129 -14.82 37.08 -50.15
CA SER D 129 -14.03 36.39 -51.17
C SER D 129 -14.88 35.98 -52.37
N HIS D 130 -16.08 35.46 -52.12
CA HIS D 130 -16.96 35.07 -53.22
C HIS D 130 -17.91 36.18 -53.63
N GLY D 131 -17.99 37.27 -52.86
CA GLY D 131 -18.83 38.40 -53.22
C GLY D 131 -20.28 38.05 -53.42
N GLY D 132 -20.80 37.06 -52.69
CA GLY D 132 -22.16 36.63 -52.83
C GLY D 132 -23.11 37.35 -51.90
N GLU D 133 -24.38 36.97 -51.98
CA GLU D 133 -25.42 37.65 -51.21
C GLU D 133 -25.54 37.12 -49.79
N ALA D 134 -25.29 35.83 -49.58
CA ALA D 134 -25.49 35.22 -48.27
C ALA D 134 -24.44 34.15 -48.02
N SER D 135 -23.96 34.10 -46.78
CA SER D 135 -23.04 33.05 -46.34
C SER D 135 -23.62 32.36 -45.12
N ILE D 136 -23.47 31.03 -45.05
CA ILE D 136 -23.93 30.24 -43.92
C ILE D 136 -22.83 29.28 -43.50
N MET D 137 -22.75 29.03 -42.19
CA MET D 137 -21.82 28.02 -41.68
C MET D 137 -22.46 26.64 -41.74
N VAL D 138 -21.63 25.65 -42.07
CA VAL D 138 -22.08 24.26 -42.19
C VAL D 138 -21.11 23.38 -41.41
N THR D 139 -21.64 22.31 -40.83
CA THR D 139 -20.82 21.37 -40.07
C THR D 139 -21.27 19.95 -40.38
N LYS D 140 -20.32 19.03 -40.31
CA LYS D 140 -20.57 17.62 -40.55
C LYS D 140 -21.17 16.96 -39.32
N VAL D 141 -21.95 15.90 -39.55
CA VAL D 141 -22.54 15.12 -38.47
C VAL D 141 -22.27 13.65 -38.73
N ASP D 142 -22.50 12.83 -37.71
CA ASP D 142 -22.23 11.39 -37.79
C ASP D 142 -23.31 10.65 -38.56
N GLU D 143 -24.54 11.12 -38.51
CA GLU D 143 -25.67 10.45 -39.14
C GLU D 143 -26.18 11.28 -40.30
N PRO D 144 -26.93 10.69 -41.24
CA PRO D 144 -27.33 11.45 -42.43
C PRO D 144 -28.13 12.70 -42.13
N SER D 145 -28.91 12.72 -41.04
CA SER D 145 -29.70 13.88 -40.65
C SER D 145 -30.53 13.53 -39.41
N GLY D 148 -31.40 18.88 -41.82
CA GLY D 148 -31.41 19.40 -43.18
C GLY D 148 -30.04 19.49 -43.81
N VAL D 149 -29.79 18.65 -44.81
CA VAL D 149 -28.48 18.57 -45.44
C VAL D 149 -28.33 19.72 -46.43
N VAL D 150 -27.14 20.31 -46.48
CA VAL D 150 -26.83 21.41 -47.40
C VAL D 150 -25.92 20.87 -48.48
N VAL D 151 -26.46 20.70 -49.69
CA VAL D 151 -25.68 20.25 -50.83
C VAL D 151 -24.79 21.39 -51.32
N MET D 152 -23.53 21.09 -51.61
CA MET D 152 -22.52 22.11 -51.85
C MET D 152 -21.65 21.73 -53.05
N GLU D 153 -20.83 22.69 -53.48
CA GLU D 153 -19.88 22.49 -54.56
C GLU D 153 -18.54 21.94 -54.10
N GLU D 154 -18.19 22.17 -52.83
CA GLU D 154 -16.94 21.68 -52.24
C GLU D 154 -15.69 22.23 -52.92
N SER D 155 -15.81 23.31 -53.66
CA SER D 155 -14.66 24.01 -54.23
C SER D 155 -14.77 25.51 -54.04
N THR D 156 -15.96 26.07 -54.24
CA THR D 156 -16.26 27.48 -53.97
C THR D 156 -17.09 27.65 -52.71
N GLY D 157 -17.89 26.64 -52.37
CA GLY D 157 -18.85 26.70 -51.30
C GLY D 157 -20.25 27.07 -51.71
N ARG D 158 -20.48 27.31 -53.00
CA ARG D 158 -21.82 27.63 -53.49
C ARG D 158 -22.72 26.41 -53.35
N VAL D 159 -23.84 26.59 -52.65
CA VAL D 159 -24.81 25.50 -52.45
C VAL D 159 -25.73 25.39 -53.65
N GLU D 160 -26.00 24.16 -54.05
CA GLU D 160 -26.85 23.84 -55.21
C GLU D 160 -28.23 23.35 -54.82
N LYS D 161 -28.40 22.86 -53.60
CA LYS D 161 -29.69 22.39 -53.11
C LYS D 161 -29.68 22.47 -51.59
N PHE D 162 -30.88 22.56 -51.02
CA PHE D 162 -31.03 22.73 -49.58
C PHE D 162 -31.72 21.57 -48.89
N VAL D 163 -32.59 20.84 -49.61
CA VAL D 163 -33.34 19.62 -49.22
C VAL D 163 -33.58 19.41 -47.73
N GLU D 164 -33.90 18.17 -47.34
CA GLU D 164 -34.22 17.86 -45.96
C GLU D 164 -33.32 16.74 -45.46
N LYS D 165 -33.83 15.50 -45.36
CA LYS D 165 -33.17 14.39 -44.67
C LYS D 165 -32.60 13.28 -45.56
N PRO D 166 -33.32 12.76 -46.55
CA PRO D 166 -32.82 11.57 -47.28
C PRO D 166 -31.48 11.83 -47.92
N LYS D 167 -30.46 11.10 -47.46
CA LYS D 167 -29.09 11.27 -47.91
C LYS D 167 -28.94 10.92 -49.39
N LEU D 168 -28.98 9.63 -49.72
CA LEU D 168 -28.70 9.14 -51.07
C LEU D 168 -27.35 9.63 -51.57
N TYR D 169 -26.43 9.81 -50.64
CA TYR D 169 -25.06 10.30 -50.90
C TYR D 169 -25.11 11.61 -51.70
N VAL D 170 -25.65 12.64 -51.04
CA VAL D 170 -25.63 13.99 -51.59
C VAL D 170 -24.79 14.95 -50.75
N GLY D 171 -24.51 14.61 -49.49
CA GLY D 171 -23.68 15.46 -48.66
C GLY D 171 -23.75 15.03 -47.21
N ASN D 172 -22.87 15.63 -46.40
CA ASN D 172 -22.82 15.37 -44.97
C ASN D 172 -22.87 16.65 -44.13
N LYS D 173 -23.10 17.80 -44.75
CA LYS D 173 -23.10 19.09 -44.07
C LYS D 173 -24.52 19.54 -43.77
N ILE D 174 -24.70 20.19 -42.62
CA ILE D 174 -25.99 20.69 -42.18
C ILE D 174 -25.83 22.13 -41.71
N ASN D 175 -26.95 22.86 -41.71
CA ASN D 175 -26.94 24.25 -41.31
C ASN D 175 -26.56 24.39 -39.84
N ALA D 176 -25.50 25.15 -39.58
CA ALA D 176 -24.99 25.35 -38.23
C ALA D 176 -25.62 26.56 -37.53
N GLY D 177 -26.55 27.24 -38.17
CA GLY D 177 -27.24 28.35 -37.54
C GLY D 177 -26.45 29.63 -37.43
N ILE D 178 -25.45 29.84 -38.29
CA ILE D 178 -24.67 31.06 -38.32
C ILE D 178 -24.74 31.62 -39.73
N TYR D 179 -25.42 32.75 -39.90
CA TYR D 179 -25.64 33.36 -41.20
C TYR D 179 -24.92 34.70 -41.28
N LEU D 180 -24.42 35.02 -42.48
CA LEU D 180 -23.90 36.34 -42.79
C LEU D 180 -24.59 36.81 -44.06
N LEU D 181 -25.50 37.78 -43.93
CA LEU D 181 -26.37 38.19 -45.01
C LEU D 181 -26.11 39.65 -45.37
N ASN D 182 -26.09 39.92 -46.68
CA ASN D 182 -26.03 41.29 -47.15
C ASN D 182 -27.37 41.99 -46.96
N PRO D 183 -27.38 43.32 -46.96
CA PRO D 183 -28.66 44.04 -46.81
C PRO D 183 -29.67 43.70 -47.89
N SER D 184 -29.22 43.30 -49.07
CA SER D 184 -30.14 42.94 -50.16
C SER D 184 -31.03 41.76 -49.80
N VAL D 185 -30.64 40.95 -48.82
CA VAL D 185 -31.48 39.82 -48.43
C VAL D 185 -32.79 40.31 -47.80
N LEU D 186 -32.75 41.41 -47.05
CA LEU D 186 -33.92 41.86 -46.32
C LEU D 186 -35.04 42.39 -47.19
N ASP D 187 -34.76 42.84 -48.42
CA ASP D 187 -35.85 43.21 -49.30
C ASP D 187 -36.47 42.01 -50.02
N LYS D 188 -35.80 40.85 -50.01
CA LYS D 188 -36.32 39.63 -50.60
C LYS D 188 -37.13 38.81 -49.59
N ILE D 189 -37.53 39.43 -48.48
CA ILE D 189 -38.34 38.78 -47.45
C ILE D 189 -39.51 39.71 -47.18
N GLU D 190 -40.72 39.19 -47.33
CA GLU D 190 -41.92 39.99 -47.13
C GLU D 190 -42.33 39.96 -45.65
N LEU D 191 -43.14 40.96 -45.28
CA LEU D 191 -43.67 41.02 -43.93
C LEU D 191 -44.89 40.10 -43.83
N ARG D 192 -44.69 38.84 -44.20
CA ARG D 192 -45.68 37.78 -44.18
C ARG D 192 -45.05 36.55 -43.57
N PRO D 193 -45.86 35.57 -43.14
CA PRO D 193 -45.29 34.29 -42.71
C PRO D 193 -44.44 33.67 -43.81
N THR D 194 -43.15 33.46 -43.52
CA THR D 194 -42.23 32.90 -44.50
C THR D 194 -41.13 32.13 -43.77
N SER D 195 -40.63 31.09 -44.42
CA SER D 195 -39.61 30.21 -43.86
C SER D 195 -38.26 30.51 -44.51
N ILE D 196 -37.23 30.67 -43.68
CA ILE D 196 -35.92 31.01 -44.22
C ILE D 196 -35.25 29.80 -44.87
N GLU D 197 -35.48 28.59 -44.35
CA GLU D 197 -34.85 27.40 -44.88
C GLU D 197 -35.61 26.80 -46.06
N LYS D 198 -36.91 27.03 -46.15
CA LYS D 198 -37.74 26.43 -47.18
C LYS D 198 -37.99 27.33 -48.37
N GLU D 199 -38.01 28.65 -48.18
CA GLU D 199 -38.30 29.60 -49.25
C GLU D 199 -37.11 30.48 -49.60
N THR D 200 -36.63 31.29 -48.64
CA THR D 200 -35.66 32.33 -48.96
C THR D 200 -34.33 31.74 -49.39
N PHE D 201 -33.81 30.77 -48.63
CA PHE D 201 -32.52 30.18 -48.99
C PHE D 201 -32.56 29.45 -50.32
N PRO D 202 -33.60 28.69 -50.68
CA PRO D 202 -33.66 28.16 -52.05
C PRO D 202 -33.67 29.25 -53.11
N LYS D 203 -34.29 30.40 -52.84
CA LYS D 203 -34.25 31.50 -53.80
C LYS D 203 -32.82 31.97 -54.01
N ILE D 204 -32.10 32.24 -52.92
CA ILE D 204 -30.73 32.74 -53.02
C ILE D 204 -29.83 31.69 -53.67
N ALA D 205 -30.09 30.41 -53.37
CA ALA D 205 -29.30 29.34 -53.98
C ALA D 205 -29.57 29.26 -55.49
N ALA D 206 -30.84 29.37 -55.89
CA ALA D 206 -31.17 29.39 -57.30
C ALA D 206 -30.51 30.55 -58.02
N ALA D 207 -30.42 31.70 -57.36
CA ALA D 207 -29.78 32.88 -57.91
C ALA D 207 -28.25 32.82 -57.86
N GLN D 208 -27.68 31.65 -57.58
CA GLN D 208 -26.22 31.46 -57.56
C GLN D 208 -25.55 32.36 -56.53
N GLY D 209 -26.26 32.71 -55.45
CA GLY D 209 -25.72 33.64 -54.49
C GLY D 209 -25.68 33.18 -53.04
N LEU D 210 -25.81 31.87 -52.81
CA LEU D 210 -25.73 31.30 -51.48
C LEU D 210 -24.45 30.47 -51.38
N TYR D 211 -23.65 30.72 -50.34
CA TYR D 211 -22.37 30.06 -50.15
C TYR D 211 -22.28 29.52 -48.73
N ALA D 212 -21.57 28.41 -48.58
CA ALA D 212 -21.44 27.72 -47.30
C ALA D 212 -19.97 27.57 -46.93
N MET D 213 -19.68 27.77 -45.65
CA MET D 213 -18.34 27.64 -45.10
C MET D 213 -18.34 26.53 -44.05
N VAL D 214 -17.37 25.63 -44.15
CA VAL D 214 -17.27 24.55 -43.17
C VAL D 214 -16.86 25.12 -41.83
N LEU D 215 -17.60 24.75 -40.78
CA LEU D 215 -17.38 25.30 -39.44
C LEU D 215 -16.30 24.49 -38.72
N PRO D 216 -15.14 25.05 -38.47
CA PRO D 216 -14.10 24.31 -37.73
C PRO D 216 -14.39 24.31 -36.23
N GLY D 217 -14.21 23.14 -35.63
CA GLY D 217 -14.43 22.99 -34.20
C GLY D 217 -15.75 22.34 -33.87
N PHE D 218 -16.08 22.40 -32.58
CA PHE D 218 -17.27 21.73 -32.08
C PHE D 218 -18.54 22.50 -32.43
N TRP D 219 -19.67 21.79 -32.40
CA TRP D 219 -20.97 22.38 -32.64
C TRP D 219 -22.02 21.52 -31.95
N MET D 220 -23.02 22.16 -31.36
CA MET D 220 -24.09 21.42 -30.69
C MET D 220 -25.30 22.33 -30.50
N ASP D 221 -26.49 21.76 -30.65
CA ASP D 221 -27.75 22.46 -30.46
C ASP D 221 -28.32 22.08 -29.10
N ILE D 222 -28.26 23.01 -28.14
CA ILE D 222 -28.76 22.78 -26.78
C ILE D 222 -30.26 23.02 -26.73
N GLY D 223 -31.05 22.00 -27.04
CA GLY D 223 -32.48 22.10 -26.92
C GLY D 223 -33.00 21.54 -25.61
N GLN D 224 -32.60 20.31 -25.30
CA GLN D 224 -32.88 19.54 -24.09
C GLN D 224 -31.73 19.63 -23.10
N PRO D 225 -32.01 19.59 -21.80
CA PRO D 225 -30.94 19.76 -20.79
C PRO D 225 -29.86 18.69 -20.87
N ARG D 226 -30.17 17.52 -21.41
CA ARG D 226 -29.16 16.48 -21.58
C ARG D 226 -28.02 16.95 -22.49
N ASP D 227 -28.36 17.75 -23.51
CA ASP D 227 -27.33 18.29 -24.41
C ASP D 227 -26.49 19.37 -23.75
N TYR D 228 -26.98 19.97 -22.67
CA TYR D 228 -26.20 20.96 -21.94
C TYR D 228 -24.96 20.33 -21.31
N ILE D 229 -25.10 19.12 -20.76
CA ILE D 229 -23.94 18.42 -20.19
C ILE D 229 -22.94 18.09 -21.28
N THR D 230 -23.42 17.50 -22.38
CA THR D 230 -22.54 17.19 -23.50
C THR D 230 -21.92 18.44 -24.11
N GLY D 231 -22.66 19.55 -24.11
CA GLY D 231 -22.13 20.79 -24.66
C GLY D 231 -20.96 21.33 -23.87
N LEU D 232 -21.03 21.24 -22.54
CA LEU D 232 -19.95 21.76 -21.70
C LEU D 232 -18.65 20.98 -21.92
N ARG D 233 -18.75 19.67 -22.15
CA ARG D 233 -17.56 18.89 -22.43
C ARG D 233 -16.88 19.36 -23.70
N LEU D 234 -17.66 19.60 -24.75
CA LEU D 234 -17.10 20.06 -26.02
C LEU D 234 -16.48 21.45 -25.86
N TYR D 235 -17.16 22.35 -25.14
CA TYR D 235 -16.61 23.68 -24.90
C TYR D 235 -15.31 23.61 -24.10
N LEU D 236 -15.31 22.88 -22.99
CA LEU D 236 -14.12 22.79 -22.15
C LEU D 236 -12.96 22.14 -22.88
N ASP D 237 -13.23 21.21 -23.79
CA ASP D 237 -12.17 20.62 -24.60
C ASP D 237 -11.54 21.65 -25.52
N SER D 238 -12.34 22.58 -26.05
CA SER D 238 -11.79 23.65 -26.88
C SER D 238 -10.84 24.51 -26.08
N LEU D 239 -11.18 24.82 -24.82
CA LEU D 239 -10.28 25.60 -23.98
C LEU D 239 -8.99 24.83 -23.70
N ARG D 240 -9.08 23.51 -23.56
CA ARG D 240 -7.87 22.71 -23.36
C ARG D 240 -6.93 22.83 -24.55
N LYS D 241 -7.48 22.88 -25.77
CA LYS D 241 -6.65 22.96 -26.97
C LYS D 241 -6.23 24.39 -27.30
N LYS D 242 -7.13 25.36 -27.08
CA LYS D 242 -6.88 26.74 -27.50
C LYS D 242 -6.17 27.58 -26.43
N SER D 243 -6.75 27.65 -25.23
CA SER D 243 -6.20 28.45 -24.14
C SER D 243 -6.26 27.65 -22.86
N PRO D 244 -5.28 26.77 -22.63
CA PRO D 244 -5.33 25.87 -21.46
C PRO D 244 -5.23 26.59 -20.12
N ALA D 245 -4.65 27.79 -20.08
CA ALA D 245 -4.48 28.49 -18.81
C ALA D 245 -5.80 28.97 -18.22
N LYS D 246 -6.89 28.92 -18.99
CA LYS D 246 -8.21 29.27 -18.45
C LYS D 246 -8.79 28.16 -17.59
N LEU D 247 -8.36 26.92 -17.79
CA LEU D 247 -8.80 25.83 -16.94
C LEU D 247 -7.95 25.76 -15.68
N THR D 248 -8.58 25.36 -14.58
CA THR D 248 -7.91 25.24 -13.30
C THR D 248 -7.27 23.85 -13.15
N SER D 249 -6.31 23.77 -12.24
CA SER D 249 -5.56 22.54 -12.01
C SER D 249 -5.25 22.42 -10.53
N GLY D 250 -4.79 21.23 -10.15
CA GLY D 250 -4.48 20.94 -8.77
C GLY D 250 -4.71 19.48 -8.43
N PRO D 251 -4.45 19.11 -7.18
CA PRO D 251 -4.71 17.72 -6.77
C PRO D 251 -6.19 17.38 -6.68
N HIS D 252 -7.06 18.38 -6.55
CA HIS D 252 -8.51 18.17 -6.49
C HIS D 252 -9.17 18.19 -7.85
N ILE D 253 -8.40 18.32 -8.94
CA ILE D 253 -8.95 18.48 -10.28
C ILE D 253 -8.60 17.25 -11.11
N VAL D 254 -9.59 16.74 -11.84
CA VAL D 254 -9.41 15.66 -12.80
C VAL D 254 -10.05 16.09 -14.11
N GLY D 255 -9.30 16.00 -15.21
CA GLY D 255 -9.86 16.42 -16.48
C GLY D 255 -9.92 17.93 -16.58
N ASN D 256 -10.89 18.42 -17.34
CA ASN D 256 -11.06 19.84 -17.58
C ASN D 256 -12.14 20.39 -16.65
N VAL D 257 -11.77 21.35 -15.81
CA VAL D 257 -12.68 21.97 -14.86
C VAL D 257 -12.52 23.49 -14.98
N LEU D 258 -13.64 24.21 -14.99
CA LEU D 258 -13.67 25.66 -15.12
C LEU D 258 -14.25 26.23 -13.83
N VAL D 259 -13.41 26.86 -13.01
CA VAL D 259 -13.81 27.40 -11.72
C VAL D 259 -13.66 28.92 -11.76
N ASP D 260 -14.75 29.63 -11.47
CA ASP D 260 -14.69 31.07 -11.33
C ASP D 260 -13.74 31.44 -10.20
N GLU D 261 -13.17 32.65 -10.29
CA GLU D 261 -12.16 33.06 -9.32
C GLU D 261 -12.75 33.37 -7.95
N THR D 262 -14.04 33.72 -7.87
CA THR D 262 -14.66 34.05 -6.61
C THR D 262 -15.30 32.85 -5.91
N ALA D 263 -15.16 31.66 -6.48
CA ALA D 263 -15.63 30.44 -5.84
C ALA D 263 -14.55 29.90 -4.90
N THR D 264 -14.99 29.10 -3.92
CA THR D 264 -14.12 28.51 -2.93
C THR D 264 -14.24 26.99 -2.98
N ILE D 265 -13.11 26.30 -2.83
CA ILE D 265 -13.05 24.85 -2.85
C ILE D 265 -12.40 24.38 -1.55
N GLY D 266 -13.12 23.55 -0.79
CA GLY D 266 -12.57 23.02 0.44
C GLY D 266 -11.52 21.95 0.18
N GLU D 267 -10.88 21.52 1.28
CA GLU D 267 -9.82 20.52 1.17
C GLU D 267 -10.40 19.14 0.91
N GLY D 268 -9.61 18.30 0.26
CA GLY D 268 -9.98 16.92 0.04
C GLY D 268 -11.01 16.66 -1.03
N CYS D 269 -11.23 17.62 -1.93
CA CYS D 269 -12.21 17.45 -2.99
C CYS D 269 -11.60 16.67 -4.16
N LEU D 270 -12.49 16.20 -5.04
CA LEU D 270 -12.10 15.58 -6.30
C LEU D 270 -13.10 16.06 -7.34
N ILE D 271 -12.72 17.08 -8.11
CA ILE D 271 -13.62 17.77 -9.03
C ILE D 271 -13.22 17.43 -10.46
N GLY D 272 -14.19 16.98 -11.25
CA GLY D 272 -13.94 16.65 -12.64
C GLY D 272 -14.25 15.21 -12.97
N PRO D 273 -14.29 14.88 -14.26
CA PRO D 273 -14.08 15.80 -15.38
C PRO D 273 -15.34 16.54 -15.82
N ASP D 274 -15.17 17.59 -16.64
CA ASP D 274 -16.27 18.32 -17.26
C ASP D 274 -17.16 18.99 -16.21
N VAL D 275 -16.54 19.83 -15.39
CA VAL D 275 -17.22 20.53 -14.31
C VAL D 275 -17.05 22.03 -14.48
N ALA D 276 -18.14 22.76 -14.27
CA ALA D 276 -18.13 24.22 -14.27
C ALA D 276 -18.68 24.69 -12.92
N ILE D 277 -17.85 25.40 -12.16
CA ILE D 277 -18.24 25.95 -10.88
C ILE D 277 -18.38 27.46 -11.06
N GLY D 278 -19.57 27.99 -10.74
CA GLY D 278 -19.88 29.36 -11.02
C GLY D 278 -19.32 30.32 -9.99
N PRO D 279 -19.59 31.61 -10.21
CA PRO D 279 -19.10 32.63 -9.26
C PRO D 279 -19.90 32.62 -7.97
N GLY D 280 -19.19 32.85 -6.86
CA GLY D 280 -19.81 32.90 -5.55
C GLY D 280 -20.15 31.57 -4.95
N CYS D 281 -19.68 30.46 -5.53
CA CYS D 281 -19.99 29.14 -5.02
C CYS D 281 -19.10 28.79 -3.85
N ILE D 282 -19.62 27.93 -2.98
CA ILE D 282 -18.89 27.41 -1.83
C ILE D 282 -18.98 25.89 -1.90
N VAL D 283 -17.88 25.23 -2.27
CA VAL D 283 -17.79 23.79 -2.25
C VAL D 283 -16.97 23.39 -1.03
N GLU D 284 -17.60 22.68 -0.10
CA GLU D 284 -16.98 22.39 1.19
C GLU D 284 -16.03 21.20 1.03
N SER D 285 -15.59 20.64 2.15
CA SER D 285 -14.56 19.60 2.11
C SER D 285 -15.12 18.29 1.59
N GLY D 286 -14.23 17.51 0.96
CA GLY D 286 -14.55 16.14 0.59
C GLY D 286 -15.68 15.98 -0.39
N VAL D 287 -15.94 16.98 -1.21
CA VAL D 287 -17.01 16.93 -2.19
C VAL D 287 -16.48 16.28 -3.47
N ARG D 288 -17.33 15.50 -4.13
CA ARG D 288 -17.01 14.85 -5.40
C ARG D 288 -17.94 15.41 -6.47
N LEU D 289 -17.37 16.11 -7.45
CA LEU D 289 -18.11 16.64 -8.58
C LEU D 289 -17.53 16.05 -9.87
N SER D 290 -18.41 15.64 -10.78
CA SER D 290 -17.97 15.13 -12.07
C SER D 290 -19.09 15.31 -13.08
N ARG D 291 -18.74 15.83 -14.26
CA ARG D 291 -19.69 15.99 -15.36
C ARG D 291 -20.94 16.75 -14.93
N CYS D 292 -20.75 17.78 -14.12
CA CYS D 292 -21.87 18.54 -13.59
C CYS D 292 -21.60 20.03 -13.74
N THR D 293 -22.68 20.80 -13.73
CA THR D 293 -22.63 22.26 -13.79
C THR D 293 -23.16 22.82 -12.48
N VAL D 294 -22.35 23.63 -11.82
CA VAL D 294 -22.70 24.26 -10.55
C VAL D 294 -22.82 25.76 -10.82
N MET D 295 -24.05 26.27 -10.75
CA MET D 295 -24.34 27.63 -11.19
C MET D 295 -24.02 28.61 -10.07
N ARG D 296 -24.37 29.89 -10.28
CA ARG D 296 -23.93 30.97 -9.40
C ARG D 296 -24.41 30.79 -7.97
N GLY D 297 -23.46 30.80 -7.03
CA GLY D 297 -23.79 30.98 -5.63
C GLY D 297 -24.34 29.79 -4.89
N VAL D 298 -24.17 28.58 -5.41
CA VAL D 298 -24.68 27.41 -4.71
C VAL D 298 -23.63 26.91 -3.73
N ARG D 299 -24.09 26.23 -2.69
CA ARG D 299 -23.24 25.66 -1.66
C ARG D 299 -23.40 24.15 -1.66
N ILE D 300 -22.28 23.44 -1.77
CA ILE D 300 -22.24 21.98 -1.69
C ILE D 300 -21.59 21.64 -0.35
N LYS D 301 -22.38 21.08 0.56
CA LYS D 301 -21.90 20.80 1.90
C LYS D 301 -20.98 19.57 1.89
N LYS D 302 -20.34 19.33 3.03
CA LYS D 302 -19.24 18.37 3.11
C LYS D 302 -19.68 16.97 2.68
N HIS D 303 -18.80 16.31 1.92
CA HIS D 303 -18.87 14.90 1.55
C HIS D 303 -19.97 14.57 0.54
N ALA D 304 -20.65 15.57 -0.01
CA ALA D 304 -21.63 15.30 -1.04
C ALA D 304 -20.96 14.80 -2.32
N CYS D 305 -21.73 14.08 -3.14
CA CYS D 305 -21.23 13.50 -4.38
C CYS D 305 -22.23 13.75 -5.49
N ILE D 306 -21.89 14.63 -6.42
CA ILE D 306 -22.75 15.00 -7.53
C ILE D 306 -22.10 14.54 -8.83
N SER D 307 -22.91 13.97 -9.72
CA SER D 307 -22.42 13.53 -11.02
C SER D 307 -23.53 13.69 -12.05
N SER D 308 -23.17 14.18 -13.23
CA SER D 308 -24.08 14.27 -14.38
C SER D 308 -25.36 14.99 -14.00
N SER D 309 -25.22 16.22 -13.50
CA SER D 309 -26.38 16.97 -13.03
C SER D 309 -26.13 18.46 -13.22
N ILE D 310 -27.19 19.24 -13.03
CA ILE D 310 -27.15 20.70 -13.14
C ILE D 310 -27.83 21.27 -11.91
N ILE D 311 -27.07 22.00 -11.09
CA ILE D 311 -27.57 22.60 -9.87
C ILE D 311 -27.85 24.07 -10.12
N GLY D 312 -29.11 24.48 -9.96
CA GLY D 312 -29.51 25.84 -10.26
C GLY D 312 -28.94 26.86 -9.29
N TRP D 313 -29.20 28.13 -9.62
CA TRP D 313 -28.60 29.24 -8.90
C TRP D 313 -29.01 29.24 -7.42
N HIS D 314 -28.03 29.49 -6.56
CA HIS D 314 -28.25 29.72 -5.13
C HIS D 314 -28.87 28.52 -4.42
N SER D 315 -28.69 27.33 -4.98
CA SER D 315 -29.17 26.11 -4.33
C SER D 315 -28.19 25.67 -3.25
N THR D 316 -28.63 24.72 -2.44
CA THR D 316 -27.79 24.16 -1.38
C THR D 316 -27.96 22.65 -1.35
N VAL D 317 -26.84 21.94 -1.41
CA VAL D 317 -26.81 20.48 -1.36
C VAL D 317 -26.24 20.06 -0.02
N GLY D 318 -26.97 19.21 0.69
CA GLY D 318 -26.61 18.85 2.05
C GLY D 318 -25.42 17.90 2.13
N GLN D 319 -24.96 17.71 3.36
CA GLN D 319 -23.83 16.82 3.61
C GLN D 319 -24.18 15.38 3.24
N TRP D 320 -23.22 14.71 2.59
CA TRP D 320 -23.35 13.31 2.16
C TRP D 320 -24.49 13.09 1.17
N ALA D 321 -25.04 14.15 0.60
CA ALA D 321 -26.07 13.99 -0.41
C ALA D 321 -25.49 13.37 -1.68
N ARG D 322 -26.32 12.64 -2.41
CA ARG D 322 -25.90 11.91 -3.58
C ARG D 322 -26.84 12.25 -4.74
N ILE D 323 -26.30 12.93 -5.74
CA ILE D 323 -27.06 13.40 -6.89
C ILE D 323 -26.43 12.83 -8.15
N GLU D 324 -27.24 12.19 -8.99
CA GLU D 324 -26.69 11.55 -10.19
C GLU D 324 -27.77 11.39 -11.25
N ASN D 325 -27.32 11.06 -12.46
CA ASN D 325 -28.17 10.64 -13.58
C ASN D 325 -29.15 11.73 -14.00
N MET D 326 -28.58 12.83 -14.50
CA MET D 326 -29.34 13.92 -15.12
C MET D 326 -30.36 14.55 -14.18
N THR D 327 -29.94 14.81 -12.94
CA THR D 327 -30.75 15.57 -12.01
C THR D 327 -30.67 17.06 -12.34
N ILE D 328 -31.83 17.71 -12.39
CA ILE D 328 -31.91 19.13 -12.72
C ILE D 328 -32.60 19.84 -11.56
N LEU D 329 -31.82 20.61 -10.78
CA LEU D 329 -32.35 21.40 -9.68
C LEU D 329 -32.55 22.84 -10.13
N GLY D 330 -33.75 23.36 -9.93
CA GLY D 330 -34.05 24.75 -10.24
C GLY D 330 -33.36 25.74 -9.32
N GLU D 331 -33.86 26.97 -9.30
CA GLU D 331 -33.27 28.01 -8.45
C GLU D 331 -33.64 27.81 -7.00
N ASP D 332 -32.66 27.95 -6.11
CA ASP D 332 -32.88 28.01 -4.66
C ASP D 332 -33.53 26.72 -4.15
N VAL D 333 -32.98 25.58 -4.56
CA VAL D 333 -33.44 24.26 -4.12
C VAL D 333 -32.53 23.81 -2.98
N HIS D 334 -33.14 23.32 -1.89
CA HIS D 334 -32.40 22.87 -0.72
C HIS D 334 -32.57 21.37 -0.58
N VAL D 335 -31.47 20.64 -0.76
CA VAL D 335 -31.45 19.18 -0.60
C VAL D 335 -30.86 18.87 0.77
N SER D 336 -31.63 18.17 1.60
CA SER D 336 -31.21 17.87 2.96
C SER D 336 -30.02 16.92 2.97
N ASP D 337 -29.39 16.81 4.13
CA ASP D 337 -28.25 15.92 4.28
C ASP D 337 -28.64 14.47 3.99
N GLU D 338 -27.67 13.73 3.44
CA GLU D 338 -27.79 12.28 3.25
C GLU D 338 -29.00 11.91 2.40
N ILE D 339 -29.32 12.75 1.42
CA ILE D 339 -30.45 12.51 0.52
C ILE D 339 -29.92 12.03 -0.83
N TYR D 340 -30.66 11.11 -1.46
CA TYR D 340 -30.31 10.55 -2.75
C TYR D 340 -31.27 11.06 -3.82
N SER D 341 -30.72 11.45 -4.96
CA SER D 341 -31.52 11.91 -6.10
C SER D 341 -30.99 11.28 -7.38
N ASN D 342 -31.87 10.55 -8.08
CA ASN D 342 -31.52 9.93 -9.35
C ASN D 342 -32.51 10.42 -10.40
N GLY D 343 -32.07 11.32 -11.26
CA GLY D 343 -32.94 11.85 -12.30
C GLY D 343 -33.99 12.82 -11.82
N GLY D 344 -33.78 13.44 -10.67
CA GLY D 344 -34.78 14.38 -10.16
C GLY D 344 -34.83 15.65 -10.99
N VAL D 345 -36.04 16.16 -11.18
CA VAL D 345 -36.29 17.39 -11.92
C VAL D 345 -37.14 18.25 -10.99
N VAL D 346 -36.49 19.14 -10.24
CA VAL D 346 -37.12 19.84 -9.12
C VAL D 346 -37.37 21.29 -9.51
N LEU D 347 -38.61 21.74 -9.30
CA LEU D 347 -38.96 23.13 -9.54
C LEU D 347 -38.25 24.03 -8.54
N PRO D 348 -38.10 25.32 -8.87
CA PRO D 348 -37.36 26.22 -7.97
C PRO D 348 -38.01 26.33 -6.59
N HIS D 349 -37.17 26.65 -5.61
CA HIS D 349 -37.53 26.94 -4.22
C HIS D 349 -38.00 25.72 -3.43
N LYS D 350 -38.07 24.54 -4.05
CA LYS D 350 -38.54 23.36 -3.35
C LYS D 350 -37.49 22.86 -2.36
N GLU D 351 -37.96 22.16 -1.33
CA GLU D 351 -37.11 21.52 -0.34
C GLU D 351 -37.23 20.01 -0.49
N ILE D 352 -36.10 19.35 -0.71
CA ILE D 352 -36.06 17.90 -0.93
C ILE D 352 -35.63 17.24 0.38
N LYS D 353 -36.58 16.61 1.06
CA LYS D 353 -36.31 15.88 2.30
C LYS D 353 -36.34 14.36 2.12
N SER D 354 -36.84 13.86 0.98
CA SER D 354 -36.90 12.44 0.70
C SER D 354 -36.17 12.12 -0.59
N ASN D 355 -35.76 10.86 -0.72
CA ASN D 355 -35.05 10.42 -1.92
C ASN D 355 -35.93 10.59 -3.16
N ILE D 356 -35.28 10.83 -4.30
CA ILE D 356 -35.94 10.92 -5.59
C ILE D 356 -35.36 9.86 -6.51
N LEU D 357 -36.22 8.97 -7.01
CA LEU D 357 -35.82 7.87 -7.90
C LEU D 357 -36.60 8.04 -9.20
N LYS D 358 -35.87 8.37 -10.29
CA LYS D 358 -36.39 8.53 -11.65
C LYS D 358 -37.22 9.80 -11.75
N PRO D 359 -37.27 10.46 -12.92
CA PRO D 359 -38.03 11.70 -13.11
C PRO D 359 -39.52 11.54 -12.77
#